data_2VK8
#
_entry.id   2VK8
#
_cell.length_a   78.980
_cell.length_b   190.510
_cell.length_c   84.140
_cell.angle_alpha   90.00
_cell.angle_beta   113.01
_cell.angle_gamma   90.00
#
_symmetry.space_group_name_H-M   'P 1 21 1'
#
loop_
_entity.id
_entity.type
_entity.pdbx_description
1 polymer 'PYRUVATE DECARBOXYLASE ISOZYME 1'
2 non-polymer 'THIAMINE DIPHOSPHATE'
3 non-polymer 'MAGNESIUM ION'
4 non-polymer '(2S)-2-HYDROXYPROPANOIC ACID'
5 water water
#
_entity_poly.entity_id   1
_entity_poly.type   'polypeptide(L)'
_entity_poly.pdbx_seq_one_letter_code
;MSEITLGKYLFERLKQVNVNTVFGLPGDFNLSLLDKIYEVEGMRWAGNANELNAAYAADGYARIKGMSCIITTFGVGELS
ALNGIAGSYAEHVGVLHVVGVPSISAQAKQLLLHHTLGNGDFTVFHRMSANISETTAMITDIATAPAEIDRCIRTTYVTQ
RPVYLGLPANLVDLNVPAKLLQTPIDMSLKPNDAESEKEVIDTILVLDKDAKNPVILADACCSRHDVKAETKKLIDLTQF
PAFVTPMGKGSIDEQHPRYGGVYVGTLSKPEVKEAVESADLILSVGALLSDFNTGSFSYSYKTKNIVEFHSDHMKIRNAT
FPGVQMKFVLQKLLTTIADAAKGYKPVAVPARTPANAAVPASTPLKQEWMWNQLGNFLQEGDVVIAETGTSAFGINQTTF
PNNTYGISQVLWGSIGFTTGATLGAAFAAEEIDPKKRVILFIGDGSLQLTVQEISTMIRWGLKPYLFVLNNDGYTIQKLI
HGPKAQYNEIQGWDHLSLLPTFGAKDYETHRVATTGEWDKLTQDKSFNDNSKIRMIEVMLPVFDAPQNLVEQAKLTAATN
AKQ
;
_entity_poly.pdbx_strand_id   A,B,C,D
#
loop_
_chem_comp.id
_chem_comp.type
_chem_comp.name
_chem_comp.formula
2OP non-polymer '(2S)-2-HYDROXYPROPANOIC ACID' 'C3 H6 O3'
MG non-polymer 'MAGNESIUM ION' 'Mg 2'
TPP non-polymer 'THIAMINE DIPHOSPHATE' 'C12 H19 N4 O7 P2 S 1'
#
# COMPACT_ATOMS: atom_id res chain seq x y z
N SER A 2 27.80 34.45 -8.47
CA SER A 2 28.29 33.25 -7.74
C SER A 2 27.13 32.40 -7.22
N GLU A 3 26.13 33.07 -6.63
CA GLU A 3 25.01 32.38 -5.99
C GLU A 3 23.70 32.98 -6.43
N ILE A 4 22.69 32.12 -6.50
CA ILE A 4 21.35 32.51 -6.90
C ILE A 4 20.38 31.81 -5.93
N THR A 5 19.26 32.44 -5.61
CA THR A 5 18.27 31.74 -4.78
C THR A 5 17.70 30.57 -5.56
N LEU A 6 17.25 29.55 -4.82
CA LEU A 6 16.63 28.38 -5.45
C LEU A 6 15.42 28.78 -6.28
N GLY A 7 14.64 29.74 -5.78
CA GLY A 7 13.48 30.24 -6.52
C GLY A 7 13.84 30.85 -7.86
N LYS A 8 14.88 31.69 -7.87
CA LYS A 8 15.29 32.31 -9.11
C LYS A 8 15.86 31.27 -10.08
N TYR A 9 16.59 30.29 -9.55
CA TYR A 9 17.11 29.16 -10.33
C TYR A 9 15.98 28.48 -11.13
N LEU A 10 14.84 28.24 -10.47
CA LEU A 10 13.71 27.61 -11.14
C LEU A 10 13.30 28.41 -12.38
N PHE A 11 13.16 29.72 -12.24
CA PHE A 11 12.67 30.52 -13.35
C PHE A 11 13.72 30.70 -14.45
N GLU A 12 14.98 30.74 -14.06
CA GLU A 12 16.05 30.75 -15.07
C GLU A 12 16.03 29.46 -15.88
N ARG A 13 15.83 28.33 -15.22
CA ARG A 13 15.70 27.07 -15.95
C ARG A 13 14.48 27.05 -16.87
N LEU A 14 13.33 27.53 -16.36
CA LEU A 14 12.13 27.56 -17.21
C LEU A 14 12.35 28.41 -18.46
N LYS A 15 13.00 29.56 -18.28
CA LYS A 15 13.34 30.42 -19.41
C LYS A 15 14.20 29.67 -20.46
N GLN A 16 15.19 28.91 -19.96
CA GLN A 16 16.07 28.12 -20.84
C GLN A 16 15.32 27.08 -21.66
N VAL A 17 14.22 26.56 -21.12
CA VAL A 17 13.41 25.57 -21.84
C VAL A 17 12.16 26.17 -22.50
N ASN A 18 12.18 27.50 -22.69
CA ASN A 18 11.16 28.19 -23.48
C ASN A 18 9.79 28.27 -22.81
N VAL A 19 9.79 28.23 -21.48
CA VAL A 19 8.57 28.48 -20.69
C VAL A 19 8.65 29.93 -20.20
N ASN A 20 7.82 30.80 -20.76
CA ASN A 20 7.93 32.22 -20.48
C ASN A 20 6.74 32.82 -19.75
N THR A 21 5.65 32.06 -19.70
CA THR A 21 4.48 32.42 -18.91
C THR A 21 4.28 31.33 -17.87
N VAL A 22 4.03 31.74 -16.64
CA VAL A 22 3.82 30.80 -15.54
C VAL A 22 2.40 31.00 -15.02
N PHE A 23 1.67 29.89 -14.90
CA PHE A 23 0.25 29.88 -14.51
C PHE A 23 0.09 29.57 -13.03
N GLY A 24 -1.12 29.81 -12.53
CA GLY A 24 -1.43 29.49 -11.14
C GLY A 24 -1.99 30.67 -10.36
N LEU A 25 -2.09 30.48 -9.05
CA LEU A 25 -2.53 31.52 -8.13
C LEU A 25 -1.62 31.60 -6.93
N PRO A 26 -1.48 32.81 -6.38
CA PRO A 26 -0.64 32.98 -5.19
C PRO A 26 -1.28 32.41 -3.93
N GLY A 27 -0.46 32.10 -2.95
CA GLY A 27 -0.90 31.81 -1.58
C GLY A 27 0.31 32.07 -0.69
N ASP A 28 0.10 32.23 0.61
CA ASP A 28 1.22 32.52 1.51
C ASP A 28 2.40 31.58 1.32
N PHE A 29 2.13 30.30 1.03
CA PHE A 29 3.21 29.31 0.87
C PHE A 29 4.04 29.43 -0.41
N ASN A 30 3.60 30.30 -1.34
CA ASN A 30 4.37 30.50 -2.58
C ASN A 30 4.74 31.95 -2.92
N LEU A 31 4.42 32.89 -2.03
CA LEU A 31 4.64 34.31 -2.37
C LEU A 31 6.10 34.64 -2.61
N SER A 32 6.98 34.14 -1.75
CA SER A 32 8.40 34.44 -1.91
C SER A 32 8.93 33.86 -3.22
N LEU A 33 8.45 32.67 -3.58
CA LEU A 33 8.79 32.08 -4.87
C LEU A 33 8.35 32.94 -6.03
N LEU A 34 7.11 33.42 -6.00
CA LEU A 34 6.59 34.23 -7.08
C LEU A 34 7.37 35.53 -7.29
N ASP A 35 7.92 36.11 -6.23
CA ASP A 35 8.79 37.28 -6.36
C ASP A 35 9.88 37.05 -7.39
N LYS A 36 10.36 35.82 -7.46
CA LYS A 36 11.53 35.53 -8.28
C LYS A 36 11.26 35.56 -9.78
N ILE A 37 10.00 35.41 -10.18
CA ILE A 37 9.63 35.50 -11.60
C ILE A 37 10.06 36.85 -12.16
N TYR A 38 9.86 37.89 -11.38
CA TYR A 38 10.09 39.27 -11.83
C TYR A 38 11.58 39.61 -11.90
N GLU A 39 12.40 38.70 -11.38
CA GLU A 39 13.86 38.89 -11.37
C GLU A 39 14.50 38.29 -12.61
N VAL A 40 13.69 37.63 -13.43
CA VAL A 40 14.17 37.02 -14.66
C VAL A 40 13.49 37.68 -15.86
N GLU A 41 14.29 38.35 -16.69
CA GLU A 41 13.75 39.03 -17.85
C GLU A 41 13.07 38.04 -18.79
N GLY A 42 11.91 38.42 -19.30
CA GLY A 42 11.20 37.59 -20.27
C GLY A 42 10.28 36.55 -19.67
N MET A 43 10.05 36.67 -18.36
CA MET A 43 9.15 35.76 -17.63
C MET A 43 7.95 36.54 -17.12
N ARG A 44 6.77 35.94 -17.22
CA ARG A 44 5.58 36.60 -16.68
C ARG A 44 4.71 35.62 -15.91
N TRP A 45 3.93 36.20 -15.02
CA TRP A 45 2.94 35.49 -14.19
C TRP A 45 1.55 35.81 -14.72
N ALA A 46 0.82 34.80 -15.14
CA ALA A 46 -0.49 35.03 -15.76
C ALA A 46 -1.49 35.73 -14.84
N GLY A 47 -1.52 35.34 -13.57
CA GLY A 47 -2.54 35.84 -12.64
C GLY A 47 -3.92 35.24 -12.97
N ASN A 48 -4.01 33.91 -12.89
CA ASN A 48 -5.24 33.21 -13.22
C ASN A 48 -6.40 33.49 -12.23
N ALA A 49 -7.61 33.26 -12.70
CA ALA A 49 -8.81 33.51 -11.90
C ALA A 49 -9.23 32.35 -11.02
N ASN A 50 -8.82 31.12 -11.36
CA ASN A 50 -8.82 30.00 -10.42
C ASN A 50 -7.81 28.92 -10.84
N GLU A 51 -7.54 27.97 -9.94
CA GLU A 51 -6.47 27.01 -10.20
C GLU A 51 -6.82 25.96 -11.23
N LEU A 52 -8.09 25.56 -11.29
CA LEU A 52 -8.49 24.61 -12.34
C LEU A 52 -8.27 25.23 -13.71
N ASN A 53 -8.73 26.46 -13.88
CA ASN A 53 -8.53 27.17 -15.13
C ASN A 53 -7.04 27.35 -15.43
N ALA A 54 -6.26 27.64 -14.39
CA ALA A 54 -4.80 27.75 -14.54
C ALA A 54 -4.20 26.47 -15.09
N ALA A 55 -4.66 25.32 -14.60
CA ALA A 55 -4.14 24.03 -15.09
C ALA A 55 -4.55 23.77 -16.53
N TYR A 56 -5.81 24.09 -16.85
CA TYR A 56 -6.25 24.00 -18.24
C TYR A 56 -5.39 24.92 -19.14
N ALA A 57 -5.08 26.12 -18.63
CA ALA A 57 -4.24 27.05 -19.40
C ALA A 57 -2.80 26.53 -19.56
N ALA A 58 -2.23 25.97 -18.49
CA ALA A 58 -0.88 25.40 -18.61
C ALA A 58 -0.88 24.28 -19.65
N ASP A 59 -1.99 23.54 -19.75
CA ASP A 59 -2.12 22.46 -20.74
C ASP A 59 -2.10 23.05 -22.16
N GLY A 60 -2.95 24.05 -22.42
CA GLY A 60 -2.98 24.70 -23.74
C GLY A 60 -1.63 25.31 -24.10
N TYR A 61 -0.99 25.94 -23.13
CA TYR A 61 0.33 26.53 -23.36
C TYR A 61 1.36 25.46 -23.74
N ALA A 62 1.40 24.35 -22.99
CA ALA A 62 2.34 23.26 -23.29
C ALA A 62 2.08 22.67 -24.66
N ARG A 63 0.82 22.58 -25.07
CA ARG A 63 0.50 22.03 -26.38
C ARG A 63 1.13 22.84 -27.50
N ILE A 64 1.18 24.15 -27.33
CA ILE A 64 1.64 25.06 -28.38
C ILE A 64 3.13 25.33 -28.25
N LYS A 65 3.61 25.52 -27.03
CA LYS A 65 4.99 25.93 -26.76
C LYS A 65 5.97 24.77 -26.55
N GLY A 66 5.50 23.65 -26.01
CA GLY A 66 6.35 22.48 -25.79
C GLY A 66 6.17 21.87 -24.41
N MET A 67 6.21 22.72 -23.39
CA MET A 67 5.84 22.32 -22.03
C MET A 67 5.38 23.57 -21.27
N SER A 68 4.95 23.39 -20.03
CA SER A 68 4.44 24.51 -19.26
C SER A 68 4.70 24.36 -17.77
N CYS A 69 4.37 25.40 -17.02
CA CYS A 69 4.47 25.37 -15.56
C CYS A 69 3.27 26.09 -14.95
N ILE A 70 2.67 25.43 -13.95
CA ILE A 70 1.68 26.01 -13.06
C ILE A 70 2.20 25.94 -11.62
N ILE A 71 2.03 27.04 -10.89
CA ILE A 71 2.38 27.12 -9.47
C ILE A 71 1.11 27.34 -8.65
N THR A 72 0.92 26.45 -7.68
CA THR A 72 -0.22 26.60 -6.77
C THR A 72 0.24 26.61 -5.32
N THR A 73 -0.71 26.83 -4.41
CA THR A 73 -0.40 26.77 -2.99
C THR A 73 -0.87 25.44 -2.39
N PHE A 74 -0.16 25.01 -1.37
CA PHE A 74 -0.44 23.79 -0.62
C PHE A 74 -1.91 23.56 -0.31
N GLY A 75 -2.37 22.34 -0.58
CA GLY A 75 -3.73 21.91 -0.23
C GLY A 75 -4.78 22.49 -1.16
N VAL A 76 -5.17 23.72 -0.85
CA VAL A 76 -6.31 24.36 -1.52
C VAL A 76 -6.03 24.69 -2.98
N GLY A 77 -4.79 25.01 -3.32
CA GLY A 77 -4.45 25.38 -4.69
C GLY A 77 -4.22 24.12 -5.50
N GLU A 78 -3.35 23.25 -4.98
CA GLU A 78 -3.05 22.02 -5.73
C GLU A 78 -4.26 21.13 -5.96
N LEU A 79 -5.12 20.95 -4.95
CA LEU A 79 -6.29 20.09 -5.17
C LEU A 79 -7.27 20.69 -6.17
N SER A 80 -7.39 22.01 -6.19
CA SER A 80 -8.22 22.68 -7.20
C SER A 80 -7.77 22.37 -8.63
N ALA A 81 -6.47 22.17 -8.81
CA ALA A 81 -5.89 21.94 -10.12
C ALA A 81 -5.99 20.51 -10.66
N LEU A 82 -6.33 19.55 -9.82
CA LEU A 82 -6.10 18.14 -10.18
C LEU A 82 -6.82 17.63 -11.41
N ASN A 83 -8.01 18.12 -11.69
CA ASN A 83 -8.69 17.68 -12.90
C ASN A 83 -7.95 18.15 -14.15
N GLY A 84 -7.33 19.31 -14.05
CA GLY A 84 -6.50 19.83 -15.14
C GLY A 84 -5.28 18.93 -15.30
N ILE A 85 -4.61 18.66 -14.21
CA ILE A 85 -3.42 17.79 -14.26
C ILE A 85 -3.76 16.41 -14.78
N ALA A 86 -4.87 15.81 -14.33
CA ALA A 86 -5.25 14.47 -14.81
C ALA A 86 -5.50 14.46 -16.31
N GLY A 87 -6.14 15.49 -16.84
CA GLY A 87 -6.35 15.61 -18.28
C GLY A 87 -5.05 15.70 -19.05
N SER A 88 -4.08 16.41 -18.48
CA SER A 88 -2.74 16.47 -19.07
C SER A 88 -2.07 15.10 -19.02
N TYR A 89 -2.24 14.37 -17.93
CA TYR A 89 -1.70 13.00 -17.87
C TYR A 89 -2.33 12.10 -18.94
N ALA A 90 -3.66 12.12 -19.03
CA ALA A 90 -4.40 11.28 -19.97
C ALA A 90 -4.01 11.55 -21.41
N GLU A 91 -3.82 12.82 -21.73
CA GLU A 91 -3.62 13.21 -23.11
C GLU A 91 -2.16 13.45 -23.48
N HIS A 92 -1.25 13.13 -22.56
CA HIS A 92 0.19 13.24 -22.81
C HIS A 92 0.62 14.69 -23.05
N VAL A 93 0.34 15.56 -22.07
CA VAL A 93 0.77 16.95 -22.12
C VAL A 93 1.74 17.24 -20.98
N GLY A 94 2.91 17.77 -21.31
CA GLY A 94 3.95 18.03 -20.32
C GLY A 94 3.74 19.30 -19.50
N VAL A 95 3.11 19.15 -18.33
CA VAL A 95 2.86 20.26 -17.41
C VAL A 95 3.63 20.04 -16.11
N LEU A 96 4.50 20.99 -15.77
CA LEU A 96 5.19 20.95 -14.48
C LEU A 96 4.33 21.67 -13.43
N HIS A 97 3.86 20.91 -12.43
CA HIS A 97 3.05 21.47 -11.34
C HIS A 97 3.94 21.69 -10.14
N VAL A 98 4.21 22.95 -9.85
CA VAL A 98 5.02 23.34 -8.70
C VAL A 98 4.06 23.77 -7.61
N VAL A 99 4.25 23.22 -6.40
CA VAL A 99 3.41 23.58 -5.25
C VAL A 99 4.28 24.23 -4.16
N GLY A 100 3.91 25.43 -3.74
CA GLY A 100 4.53 26.03 -2.57
C GLY A 100 3.98 25.36 -1.33
N VAL A 101 4.86 24.78 -0.53
CA VAL A 101 4.43 24.00 0.63
C VAL A 101 4.98 24.61 1.93
N PRO A 102 4.43 24.21 3.09
CA PRO A 102 4.92 24.76 4.35
C PRO A 102 6.41 24.53 4.56
N SER A 103 7.01 25.42 5.35
CA SER A 103 8.45 25.35 5.61
C SER A 103 8.82 24.03 6.27
N ILE A 104 10.09 23.66 6.14
CA ILE A 104 10.61 22.43 6.72
C ILE A 104 10.34 22.40 8.21
N SER A 105 10.56 23.53 8.89
CA SER A 105 10.33 23.62 10.33
C SER A 105 8.84 23.43 10.70
N ALA A 106 7.93 23.97 9.88
CA ALA A 106 6.48 23.79 10.10
C ALA A 106 6.07 22.33 10.00
N GLN A 107 6.62 21.66 8.99
CA GLN A 107 6.34 20.26 8.76
C GLN A 107 6.86 19.38 9.89
N ALA A 108 8.08 19.67 10.35
CA ALA A 108 8.75 18.89 11.41
C ALA A 108 7.99 19.00 12.72
N LYS A 109 7.51 20.18 13.02
CA LYS A 109 6.66 20.44 14.19
C LYS A 109 5.19 20.03 14.03
N GLN A 110 4.83 19.62 12.85
CA GLN A 110 3.46 19.25 12.51
C GLN A 110 2.46 20.31 12.99
N LEU A 111 2.76 21.56 12.67
CA LEU A 111 1.90 22.68 13.06
C LEU A 111 0.54 22.51 12.38
N LEU A 112 -0.52 22.81 13.13
CA LEU A 112 -1.89 22.72 12.63
C LEU A 112 -2.19 23.96 11.80
N LEU A 113 -1.65 23.98 10.59
CA LEU A 113 -1.74 25.14 9.73
C LEU A 113 -2.97 25.11 8.83
N HIS A 114 -3.36 26.31 8.41
CA HIS A 114 -4.36 26.43 7.36
C HIS A 114 -3.94 25.64 6.11
N HIS A 115 -4.95 25.17 5.38
CA HIS A 115 -4.81 24.36 4.16
C HIS A 115 -4.30 22.94 4.47
N THR A 116 -4.34 22.53 5.74
CA THR A 116 -4.10 21.13 6.08
C THR A 116 -5.41 20.44 6.45
N LEU A 117 -5.38 19.11 6.51
CA LEU A 117 -6.58 18.37 6.95
C LEU A 117 -6.73 18.35 8.48
N GLY A 118 -5.84 19.04 9.18
CA GLY A 118 -5.89 19.15 10.64
C GLY A 118 -5.40 17.92 11.37
N ASN A 119 -4.72 17.02 10.65
CA ASN A 119 -4.20 15.77 11.23
C ASN A 119 -2.68 15.68 11.21
N GLY A 120 -2.01 16.78 10.85
CA GLY A 120 -0.55 16.82 10.85
C GLY A 120 0.15 16.09 9.71
N ASP A 121 -0.63 15.65 8.71
CA ASP A 121 -0.07 14.90 7.59
C ASP A 121 0.22 15.85 6.43
N PHE A 122 1.50 16.14 6.22
CA PHE A 122 1.90 17.07 5.16
C PHE A 122 2.19 16.36 3.83
N THR A 123 2.00 15.04 3.80
CA THR A 123 2.31 14.25 2.61
C THR A 123 1.09 13.92 1.75
N VAL A 124 -0.10 14.18 2.27
CA VAL A 124 -1.31 13.62 1.69
C VAL A 124 -1.59 14.13 0.26
N PHE A 125 -1.35 15.42 0.02
CA PHE A 125 -1.68 15.99 -1.29
C PHE A 125 -0.68 15.53 -2.34
N HIS A 126 0.58 15.42 -1.92
CA HIS A 126 1.64 14.85 -2.75
C HIS A 126 1.29 13.41 -3.14
N ARG A 127 0.87 12.62 -2.16
CA ARG A 127 0.46 11.24 -2.45
C ARG A 127 -0.70 11.20 -3.45
N MET A 128 -1.65 12.12 -3.31
CA MET A 128 -2.77 12.18 -4.25
C MET A 128 -2.31 12.48 -5.68
N SER A 129 -1.46 13.50 -5.81
CA SER A 129 -0.94 13.87 -7.12
C SER A 129 -0.06 12.80 -7.77
N ALA A 130 0.58 11.96 -6.96
CA ALA A 130 1.44 10.92 -7.53
C ALA A 130 0.66 9.98 -8.45
N ASN A 131 -0.65 9.87 -8.22
CA ASN A 131 -1.50 8.99 -9.07
C ASN A 131 -1.67 9.50 -10.50
N ILE A 132 -1.40 10.79 -10.71
CA ILE A 132 -1.60 11.40 -12.03
C ILE A 132 -0.36 12.16 -12.49
N SER A 133 0.81 11.72 -12.03
CA SER A 133 2.08 12.32 -12.41
C SER A 133 3.05 11.25 -12.92
N GLU A 134 3.90 11.61 -13.87
CA GLU A 134 4.95 10.69 -14.31
C GLU A 134 5.96 10.46 -13.20
N THR A 135 6.33 11.55 -12.51
CA THR A 135 7.21 11.45 -11.34
C THR A 135 6.87 12.62 -10.42
N THR A 136 7.42 12.57 -9.20
CA THR A 136 7.23 13.64 -8.23
C THR A 136 8.54 13.94 -7.52
N ALA A 137 8.61 15.11 -6.91
CA ALA A 137 9.72 15.49 -6.05
C ALA A 137 9.16 16.38 -4.95
N MET A 138 9.51 16.09 -3.71
CA MET A 138 9.20 16.97 -2.59
C MET A 138 10.54 17.39 -2.02
N ILE A 139 10.92 18.64 -2.24
CA ILE A 139 12.26 19.10 -1.90
C ILE A 139 12.42 19.25 -0.40
N THR A 140 13.50 18.66 0.13
CA THR A 140 13.78 18.76 1.57
C THR A 140 15.20 19.24 1.83
N ASP A 141 16.04 19.16 0.81
CA ASP A 141 17.49 19.36 0.93
C ASP A 141 17.99 20.36 -0.12
N ILE A 142 18.48 21.52 0.34
CA ILE A 142 19.02 22.53 -0.58
C ILE A 142 20.16 22.00 -1.46
N ALA A 143 20.91 21.04 -0.93
CA ALA A 143 22.10 20.54 -1.61
C ALA A 143 21.78 19.79 -2.92
N THR A 144 20.65 19.09 -2.96
CA THR A 144 20.27 18.33 -4.15
C THR A 144 19.09 18.96 -4.90
N ALA A 145 18.63 20.11 -4.43
CA ALA A 145 17.45 20.76 -5.02
C ALA A 145 17.60 21.16 -6.50
N PRO A 146 18.73 21.78 -6.89
CA PRO A 146 18.91 22.06 -8.32
C PRO A 146 18.82 20.84 -9.23
N ALA A 147 19.44 19.72 -8.81
CA ALA A 147 19.38 18.48 -9.59
C ALA A 147 17.94 17.97 -9.69
N GLU A 148 17.19 18.09 -8.60
CA GLU A 148 15.80 17.64 -8.57
C GLU A 148 14.88 18.50 -9.46
N ILE A 149 15.08 19.82 -9.44
CA ILE A 149 14.40 20.71 -10.36
C ILE A 149 14.70 20.34 -11.82
N ASP A 150 15.98 20.15 -12.14
CA ASP A 150 16.38 19.72 -13.49
C ASP A 150 15.74 18.40 -13.89
N ARG A 151 15.71 17.44 -12.96
CA ARG A 151 15.12 16.14 -13.25
C ARG A 151 13.62 16.28 -13.56
N CYS A 152 12.93 17.11 -12.77
CA CYS A 152 11.50 17.32 -12.99
C CYS A 152 11.21 17.99 -14.32
N ILE A 153 12.02 19.00 -14.67
CA ILE A 153 11.85 19.68 -15.95
C ILE A 153 12.12 18.75 -17.15
N ARG A 154 13.22 17.99 -17.09
CA ARG A 154 13.52 17.01 -18.13
C ARG A 154 12.37 16.01 -18.30
N THR A 155 11.92 15.45 -17.18
CA THR A 155 10.91 14.40 -17.25
C THR A 155 9.62 14.92 -17.86
N THR A 156 9.21 16.13 -17.45
CA THR A 156 8.01 16.77 -18.00
C THR A 156 8.11 16.82 -19.51
N TYR A 157 9.25 17.29 -20.00
CA TYR A 157 9.41 17.46 -21.44
C TYR A 157 9.54 16.16 -22.24
N VAL A 158 10.42 15.26 -21.79
CA VAL A 158 10.69 14.03 -22.56
C VAL A 158 9.53 13.03 -22.52
N THR A 159 8.80 13.00 -21.39
CA THR A 159 7.68 12.07 -21.30
C THR A 159 6.34 12.69 -21.69
N GLN A 160 6.29 14.02 -21.73
CA GLN A 160 5.04 14.73 -21.99
C GLN A 160 3.92 14.23 -21.06
N ARG A 161 4.24 14.17 -19.77
CA ARG A 161 3.25 13.92 -18.72
C ARG A 161 3.52 14.92 -17.61
N PRO A 162 2.48 15.22 -16.81
CA PRO A 162 2.71 16.10 -15.66
C PRO A 162 3.70 15.53 -14.64
N VAL A 163 4.39 16.47 -13.99
CA VAL A 163 5.34 16.18 -12.93
C VAL A 163 5.00 17.09 -11.77
N TYR A 164 5.12 16.58 -10.55
CA TYR A 164 4.82 17.30 -9.33
C TYR A 164 6.10 17.68 -8.63
N LEU A 165 6.25 18.95 -8.30
CA LEU A 165 7.43 19.47 -7.61
C LEU A 165 6.99 20.31 -6.41
N GLY A 166 7.21 19.81 -5.20
CA GLY A 166 6.89 20.56 -3.98
C GLY A 166 8.07 21.36 -3.47
N LEU A 167 7.86 22.66 -3.21
CA LEU A 167 8.93 23.55 -2.78
C LEU A 167 8.56 24.21 -1.44
N PRO A 168 9.17 23.76 -0.34
CA PRO A 168 8.99 24.43 0.96
C PRO A 168 9.32 25.91 0.91
N ALA A 169 8.46 26.72 1.53
CA ALA A 169 8.57 28.17 1.44
C ALA A 169 9.91 28.72 1.91
N ASN A 170 10.51 28.09 2.91
CA ASN A 170 11.79 28.58 3.42
C ASN A 170 12.95 28.30 2.47
N LEU A 171 12.86 27.22 1.69
CA LEU A 171 13.99 26.78 0.85
C LEU A 171 14.14 27.62 -0.41
N VAL A 172 13.06 28.23 -0.87
CA VAL A 172 13.12 29.03 -2.10
C VAL A 172 14.04 30.25 -1.99
N ASP A 173 14.34 30.67 -0.77
CA ASP A 173 15.23 31.82 -0.53
C ASP A 173 16.68 31.47 -0.18
N LEU A 174 16.98 30.18 -0.18
CA LEU A 174 18.35 29.72 0.05
C LEU A 174 19.14 29.73 -1.25
N ASN A 175 20.44 30.01 -1.13
CA ASN A 175 21.30 30.16 -2.30
C ASN A 175 21.81 28.83 -2.84
N VAL A 176 21.93 28.77 -4.16
CA VAL A 176 22.52 27.64 -4.85
C VAL A 176 23.58 28.17 -5.83
N PRO A 177 24.52 27.31 -6.26
CA PRO A 177 25.55 27.81 -7.17
C PRO A 177 25.01 28.20 -8.56
N ALA A 178 25.20 29.48 -8.92
CA ALA A 178 24.74 30.02 -10.20
C ALA A 178 25.36 29.34 -11.42
N LYS A 179 26.59 28.83 -11.26
CA LYS A 179 27.29 28.19 -12.38
C LYS A 179 26.54 26.96 -12.93
N LEU A 180 25.66 26.37 -12.11
CA LEU A 180 24.87 25.21 -12.52
C LEU A 180 24.01 25.50 -13.75
N LEU A 181 23.57 26.75 -13.90
CA LEU A 181 22.77 27.17 -15.05
C LEU A 181 23.53 27.20 -16.37
N GLN A 182 24.86 27.13 -16.30
CA GLN A 182 25.70 27.21 -17.50
C GLN A 182 25.80 25.88 -18.24
N THR A 183 25.29 24.81 -17.62
CA THR A 183 25.14 23.53 -18.29
C THR A 183 23.63 23.29 -18.48
N PRO A 184 23.19 23.18 -19.74
CA PRO A 184 21.76 23.00 -20.01
C PRO A 184 21.21 21.69 -19.44
N ILE A 185 19.91 21.66 -19.20
CA ILE A 185 19.24 20.41 -18.89
C ILE A 185 19.23 19.56 -20.17
N ASP A 186 19.49 18.27 -20.02
CA ASP A 186 19.39 17.32 -21.13
C ASP A 186 17.93 17.08 -21.48
N MET A 187 17.54 17.48 -22.66
CA MET A 187 16.14 17.40 -23.08
C MET A 187 15.86 16.37 -24.14
N SER A 188 16.78 15.43 -24.28
CA SER A 188 16.77 14.43 -25.33
C SER A 188 16.47 13.03 -24.82
N LEU A 189 15.87 12.23 -25.68
CA LEU A 189 15.61 10.81 -25.43
C LEU A 189 16.91 9.99 -25.40
N LYS A 190 16.88 8.88 -24.68
CA LYS A 190 17.97 7.92 -24.69
C LYS A 190 17.91 7.09 -25.98
N PRO A 191 19.06 6.66 -26.52
CA PRO A 191 19.04 5.83 -27.74
C PRO A 191 18.28 4.52 -27.53
N ASN A 192 17.66 4.01 -28.60
CA ASN A 192 17.04 2.69 -28.55
C ASN A 192 18.06 1.56 -28.44
N ASP A 193 17.62 0.42 -27.92
CA ASP A 193 18.39 -0.82 -28.06
C ASP A 193 18.71 -1.02 -29.54
N ALA A 194 20.00 -1.20 -29.83
CA ALA A 194 20.46 -1.26 -31.21
C ALA A 194 19.87 -2.41 -32.03
N GLU A 195 19.90 -3.62 -31.46
CA GLU A 195 19.40 -4.80 -32.17
C GLU A 195 17.89 -4.75 -32.40
N SER A 196 17.14 -4.36 -31.37
CA SER A 196 15.68 -4.26 -31.49
C SER A 196 15.28 -3.22 -32.52
N GLU A 197 15.93 -2.06 -32.48
CA GLU A 197 15.58 -1.00 -33.40
C GLU A 197 15.89 -1.41 -34.84
N LYS A 198 17.01 -2.08 -35.04
CA LYS A 198 17.39 -2.52 -36.38
C LYS A 198 16.39 -3.53 -36.93
N GLU A 199 15.95 -4.46 -36.08
CA GLU A 199 14.95 -5.43 -36.51
C GLU A 199 13.66 -4.73 -36.91
N VAL A 200 13.21 -3.77 -36.10
CA VAL A 200 12.00 -3.01 -36.39
C VAL A 200 12.12 -2.28 -37.73
N ILE A 201 13.23 -1.57 -37.92
CA ILE A 201 13.43 -0.81 -39.17
C ILE A 201 13.47 -1.74 -40.38
N ASP A 202 14.22 -2.83 -40.32
CA ASP A 202 14.32 -3.77 -41.42
C ASP A 202 12.97 -4.39 -41.78
N THR A 203 12.19 -4.75 -40.80
CA THR A 203 10.88 -5.30 -41.01
C THR A 203 9.90 -4.31 -41.67
N ILE A 204 9.89 -3.08 -41.20
CA ILE A 204 9.06 -2.08 -41.78
C ILE A 204 9.44 -1.85 -43.23
N LEU A 205 10.73 -1.72 -43.49
CA LEU A 205 11.16 -1.48 -44.83
C LEU A 205 10.73 -2.61 -45.79
N VAL A 206 10.84 -3.84 -45.35
CA VAL A 206 10.42 -4.95 -46.23
C VAL A 206 8.91 -4.96 -46.44
N LEU A 207 8.14 -4.60 -45.42
CA LEU A 207 6.70 -4.47 -45.56
C LEU A 207 6.33 -3.36 -46.53
N ASP A 208 7.03 -2.29 -46.47
CA ASP A 208 6.84 -1.24 -47.40
C ASP A 208 7.07 -1.63 -48.84
N LYS A 209 8.19 -2.30 -49.07
CA LYS A 209 8.50 -2.73 -50.44
C LYS A 209 7.39 -3.59 -51.07
N ASP A 210 6.72 -4.40 -50.25
CA ASP A 210 5.69 -5.33 -50.72
C ASP A 210 4.29 -4.75 -50.83
N ALA A 211 4.06 -3.58 -50.23
CA ALA A 211 2.72 -3.02 -50.14
C ALA A 211 2.27 -2.36 -51.45
N LYS A 212 1.05 -2.69 -51.86
CA LYS A 212 0.46 -2.09 -53.06
C LYS A 212 -0.59 -1.02 -52.73
N ASN A 213 -1.17 -1.12 -51.53
CA ASN A 213 -2.08 -0.09 -51.02
C ASN A 213 -1.76 0.28 -49.56
N PRO A 214 -0.55 0.82 -49.31
CA PRO A 214 -0.19 1.25 -47.96
C PRO A 214 -0.82 2.61 -47.63
N VAL A 215 -1.13 2.82 -46.34
CA VAL A 215 -1.66 4.11 -45.91
C VAL A 215 -1.02 4.52 -44.58
N ILE A 216 -0.96 5.82 -44.34
CA ILE A 216 -0.44 6.39 -43.10
C ILE A 216 -1.64 6.93 -42.33
N LEU A 217 -1.72 6.61 -41.04
CA LEU A 217 -2.77 7.14 -40.17
C LEU A 217 -2.13 7.82 -38.96
N ALA A 218 -2.24 9.14 -38.91
CA ALA A 218 -1.70 9.92 -37.81
C ALA A 218 -2.73 10.12 -36.71
N ASP A 219 -2.35 9.82 -35.48
CA ASP A 219 -3.25 9.89 -34.32
C ASP A 219 -2.62 10.79 -33.25
N ALA A 220 -3.23 10.79 -32.06
CA ALA A 220 -2.88 11.71 -30.99
C ALA A 220 -1.40 11.83 -30.71
N CYS A 221 -0.71 10.69 -30.61
CA CYS A 221 0.69 10.76 -30.17
C CYS A 221 1.67 11.21 -31.24
N CYS A 222 1.21 11.29 -32.49
CA CYS A 222 1.98 11.94 -33.55
C CYS A 222 2.31 13.36 -33.12
N SER A 223 1.28 14.06 -32.63
CA SER A 223 1.42 15.42 -32.15
C SER A 223 2.06 15.50 -30.76
N ARG A 224 1.52 14.70 -29.84
CA ARG A 224 1.96 14.79 -28.44
C ARG A 224 3.42 14.43 -28.21
N HIS A 225 3.92 13.46 -28.96
CA HIS A 225 5.31 13.03 -28.80
C HIS A 225 6.25 13.48 -29.92
N ASP A 226 5.91 14.63 -30.51
CA ASP A 226 6.83 15.41 -31.33
C ASP A 226 7.41 14.63 -32.51
N VAL A 227 6.53 14.01 -33.30
CA VAL A 227 6.97 13.41 -34.58
C VAL A 227 6.22 13.95 -35.79
N LYS A 228 5.67 15.14 -35.68
CA LYS A 228 5.00 15.78 -36.80
C LYS A 228 5.93 16.01 -37.98
N ALA A 229 7.16 16.42 -37.73
CA ALA A 229 8.11 16.76 -38.79
C ALA A 229 8.52 15.50 -39.54
N GLU A 230 8.82 14.48 -38.78
CA GLU A 230 9.13 13.19 -39.35
C GLU A 230 7.99 12.60 -40.13
N THR A 231 6.78 12.79 -39.65
CA THR A 231 5.63 12.28 -40.33
C THR A 231 5.38 13.00 -41.65
N LYS A 232 5.57 14.29 -41.65
CA LYS A 232 5.47 15.07 -42.86
C LYS A 232 6.47 14.56 -43.89
N LYS A 233 7.71 14.37 -43.49
CA LYS A 233 8.70 13.76 -44.36
C LYS A 233 8.34 12.39 -44.84
N LEU A 234 7.82 11.56 -43.96
CA LEU A 234 7.35 10.23 -44.32
C LEU A 234 6.32 10.30 -45.44
N ILE A 235 5.35 11.19 -45.29
CA ILE A 235 4.31 11.40 -46.30
C ILE A 235 4.94 11.82 -47.64
N ASP A 236 5.86 12.74 -47.58
CA ASP A 236 6.50 13.24 -48.79
C ASP A 236 7.37 12.20 -49.50
N LEU A 237 8.22 11.52 -48.76
CA LEU A 237 9.10 10.53 -49.36
C LEU A 237 8.38 9.30 -49.89
N THR A 238 7.25 8.93 -49.33
CA THR A 238 6.54 7.75 -49.73
C THR A 238 5.40 8.01 -50.74
N GLN A 239 4.78 9.18 -50.65
CA GLN A 239 3.57 9.49 -51.38
C GLN A 239 2.36 8.61 -51.03
N PHE A 240 2.40 7.96 -49.88
CA PHE A 240 1.27 7.15 -49.45
C PHE A 240 0.12 8.04 -49.02
N PRO A 241 -1.13 7.57 -49.21
CA PRO A 241 -2.28 8.28 -48.67
C PRO A 241 -2.12 8.47 -47.15
N ALA A 242 -2.43 9.67 -46.67
CA ALA A 242 -2.31 10.00 -45.26
C ALA A 242 -3.66 10.45 -44.69
N PHE A 243 -4.05 9.81 -43.59
CA PHE A 243 -5.30 10.11 -42.92
C PHE A 243 -5.02 10.51 -41.48
N VAL A 244 -6.01 11.14 -40.85
CA VAL A 244 -5.84 11.61 -39.48
C VAL A 244 -7.05 11.19 -38.66
N THR A 245 -6.85 11.07 -37.36
CA THR A 245 -7.96 10.79 -36.45
C THR A 245 -8.45 12.09 -35.83
N PRO A 246 -9.64 12.07 -35.19
CA PRO A 246 -10.10 13.25 -34.47
C PRO A 246 -9.07 13.82 -33.47
N MET A 247 -8.48 12.95 -32.65
CA MET A 247 -7.58 13.40 -31.61
C MET A 247 -6.26 13.90 -32.20
N GLY A 248 -5.90 13.38 -33.38
CA GLY A 248 -4.68 13.81 -34.06
C GLY A 248 -4.86 14.93 -35.07
N LYS A 249 -6.08 15.41 -35.25
CA LYS A 249 -6.36 16.42 -36.29
C LYS A 249 -5.49 17.67 -36.14
N GLY A 250 -4.87 18.08 -37.24
CA GLY A 250 -3.88 19.14 -37.23
C GLY A 250 -2.44 18.64 -37.31
N SER A 251 -2.22 17.37 -36.97
CA SER A 251 -0.84 16.82 -36.92
C SER A 251 -0.23 16.62 -38.31
N ILE A 252 -1.10 16.51 -39.31
CA ILE A 252 -0.70 16.45 -40.72
C ILE A 252 -1.44 17.52 -41.52
N ASP A 253 -0.76 18.04 -42.53
CA ASP A 253 -1.26 19.15 -43.34
C ASP A 253 -2.40 18.73 -44.27
N GLU A 254 -3.57 19.32 -44.07
CA GLU A 254 -4.77 18.88 -44.78
C GLU A 254 -4.89 19.37 -46.22
N GLN A 255 -3.98 20.25 -46.63
CA GLN A 255 -3.93 20.72 -48.02
C GLN A 255 -2.91 19.95 -48.87
N HIS A 256 -2.24 18.99 -48.26
CA HIS A 256 -1.32 18.14 -49.00
C HIS A 256 -2.10 17.29 -50.02
N PRO A 257 -1.59 17.16 -51.27
CA PRO A 257 -2.30 16.38 -52.27
C PRO A 257 -2.60 14.92 -51.88
N ARG A 258 -1.82 14.37 -50.96
CA ARG A 258 -1.99 12.97 -50.56
C ARG A 258 -2.79 12.79 -49.26
N TYR A 259 -3.32 13.89 -48.72
CA TYR A 259 -4.17 13.82 -47.54
C TYR A 259 -5.56 13.31 -47.90
N GLY A 260 -6.00 12.26 -47.19
CA GLY A 260 -7.23 11.57 -47.54
C GLY A 260 -8.46 11.82 -46.68
N GLY A 261 -8.27 12.42 -45.50
CA GLY A 261 -9.39 12.73 -44.62
C GLY A 261 -9.26 12.24 -43.20
N VAL A 262 -10.37 12.36 -42.48
CA VAL A 262 -10.44 12.00 -41.05
C VAL A 262 -11.04 10.61 -40.88
N TYR A 263 -10.24 9.68 -40.37
CA TYR A 263 -10.70 8.31 -40.17
C TYR A 263 -11.18 8.13 -38.74
N VAL A 264 -12.43 7.65 -38.61
CA VAL A 264 -13.10 7.42 -37.31
C VAL A 264 -13.87 6.09 -37.34
N GLY A 265 -13.27 5.05 -37.91
CA GLY A 265 -13.93 3.76 -38.02
C GLY A 265 -15.23 3.82 -38.82
N THR A 266 -16.28 3.31 -38.25
CA THR A 266 -17.54 3.22 -38.93
C THR A 266 -18.20 4.54 -39.08
N LEU A 267 -17.71 5.55 -38.38
CA LEU A 267 -18.26 6.90 -38.41
C LEU A 267 -17.59 7.80 -39.43
N SER A 268 -16.61 7.26 -40.14
CA SER A 268 -15.97 7.97 -41.25
C SER A 268 -16.93 8.11 -42.43
N LYS A 269 -16.63 9.09 -43.29
CA LYS A 269 -17.22 9.12 -44.62
C LYS A 269 -16.93 7.76 -45.27
N PRO A 270 -17.95 7.18 -45.95
CA PRO A 270 -17.78 5.89 -46.62
C PRO A 270 -16.52 5.78 -47.49
N GLU A 271 -16.18 6.84 -48.22
CA GLU A 271 -14.96 6.85 -49.05
C GLU A 271 -13.68 6.72 -48.22
N VAL A 272 -13.66 7.43 -47.08
CA VAL A 272 -12.51 7.41 -46.16
C VAL A 272 -12.38 6.05 -45.47
N LYS A 273 -13.50 5.54 -44.95
CA LYS A 273 -13.53 4.21 -44.32
C LYS A 273 -12.92 3.15 -45.25
N GLU A 274 -13.41 3.12 -46.49
CA GLU A 274 -12.99 2.12 -47.48
C GLU A 274 -11.52 2.28 -47.88
N ALA A 275 -11.08 3.52 -48.06
CA ALA A 275 -9.68 3.82 -48.41
C ALA A 275 -8.71 3.33 -47.33
N VAL A 276 -9.04 3.57 -46.06
CA VAL A 276 -8.21 3.11 -44.95
C VAL A 276 -8.31 1.60 -44.78
N GLU A 277 -9.53 1.07 -44.74
CA GLU A 277 -9.69 -0.35 -44.41
C GLU A 277 -9.31 -1.32 -45.55
N SER A 278 -9.21 -0.81 -46.77
CA SER A 278 -8.73 -1.61 -47.91
C SER A 278 -7.21 -1.70 -47.97
N ALA A 279 -6.51 -0.94 -47.13
CA ALA A 279 -5.04 -0.94 -47.12
C ALA A 279 -4.46 -2.35 -46.93
N ASP A 280 -3.29 -2.61 -47.52
CA ASP A 280 -2.59 -3.86 -47.27
C ASP A 280 -1.37 -3.63 -46.35
N LEU A 281 -1.25 -2.41 -45.86
CA LEU A 281 -0.26 -2.01 -44.87
C LEU A 281 -0.72 -0.70 -44.24
N ILE A 282 -0.77 -0.66 -42.91
CA ILE A 282 -1.12 0.56 -42.21
C ILE A 282 0.04 1.01 -41.35
N LEU A 283 0.54 2.22 -41.63
CA LEU A 283 1.56 2.84 -40.79
C LEU A 283 0.83 3.78 -39.81
N SER A 284 0.60 3.25 -38.62
CA SER A 284 -0.18 3.93 -37.58
C SER A 284 0.75 4.70 -36.66
N VAL A 285 0.68 6.02 -36.73
CA VAL A 285 1.60 6.86 -35.95
C VAL A 285 0.91 7.42 -34.71
N GLY A 286 1.22 6.82 -33.56
CA GLY A 286 0.75 7.33 -32.27
C GLY A 286 -0.71 7.07 -31.94
N ALA A 287 -1.18 5.84 -32.18
CA ALA A 287 -2.57 5.46 -31.92
C ALA A 287 -2.98 5.65 -30.47
N LEU A 288 -4.21 6.13 -30.29
CA LEU A 288 -4.81 6.22 -28.97
C LEU A 288 -6.30 5.97 -29.18
N LEU A 289 -6.68 4.71 -29.01
CA LEU A 289 -7.96 4.23 -29.50
C LEU A 289 -9.10 4.36 -28.50
N SER A 290 -9.38 5.61 -28.12
CA SER A 290 -10.46 5.89 -27.17
C SER A 290 -11.83 5.77 -27.86
N ASP A 291 -12.90 5.63 -27.07
CA ASP A 291 -14.26 5.52 -27.65
C ASP A 291 -14.61 6.64 -28.64
N PHE A 292 -14.46 7.90 -28.23
CA PHE A 292 -14.86 9.02 -29.09
C PHE A 292 -13.93 9.20 -30.28
N ASN A 293 -12.71 8.70 -30.17
CA ASN A 293 -11.72 8.82 -31.24
C ASN A 293 -11.94 7.78 -32.34
N THR A 294 -12.79 6.81 -32.07
CA THR A 294 -12.86 5.58 -32.89
C THR A 294 -14.29 5.10 -33.19
N GLY A 295 -15.30 5.91 -32.92
CA GLY A 295 -16.68 5.41 -32.99
C GLY A 295 -16.96 4.16 -32.18
N SER A 296 -16.55 4.21 -30.92
CA SER A 296 -16.68 3.09 -30.02
C SER A 296 -15.96 1.83 -30.49
N PHE A 297 -14.71 1.97 -30.85
CA PHE A 297 -13.81 0.84 -31.13
C PHE A 297 -14.27 0.09 -32.38
N SER A 298 -14.61 0.87 -33.41
CA SER A 298 -15.26 0.36 -34.62
C SER A 298 -14.32 0.16 -35.82
N TYR A 299 -13.01 0.30 -35.62
CA TYR A 299 -12.04 0.06 -36.69
C TYR A 299 -12.26 -1.34 -37.26
N SER A 300 -12.22 -1.45 -38.58
CA SER A 300 -12.34 -2.76 -39.23
C SER A 300 -11.27 -2.92 -40.32
N TYR A 301 -10.01 -2.83 -39.91
CA TYR A 301 -8.89 -3.11 -40.79
C TYR A 301 -9.03 -4.51 -41.38
N LYS A 302 -8.87 -4.61 -42.68
CA LYS A 302 -8.89 -5.89 -43.33
C LYS A 302 -7.55 -6.57 -43.27
N THR A 303 -6.50 -5.79 -43.27
CA THR A 303 -5.14 -6.30 -43.25
C THR A 303 -4.66 -6.62 -41.84
N LYS A 304 -3.73 -7.57 -41.75
CA LYS A 304 -3.04 -7.88 -40.50
C LYS A 304 -1.71 -7.12 -40.44
N ASN A 305 -1.37 -6.45 -41.55
CA ASN A 305 -0.13 -5.71 -41.67
C ASN A 305 -0.27 -4.31 -41.09
N ILE A 306 -0.31 -4.25 -39.76
CA ILE A 306 -0.39 -2.99 -39.03
C ILE A 306 0.94 -2.74 -38.34
N VAL A 307 1.52 -1.58 -38.59
CA VAL A 307 2.70 -1.12 -37.88
C VAL A 307 2.27 0.01 -36.95
N GLU A 308 2.40 -0.22 -35.64
CA GLU A 308 2.08 0.79 -34.64
C GLU A 308 3.36 1.45 -34.13
N PHE A 309 3.50 2.74 -34.44
CA PHE A 309 4.57 3.57 -33.89
C PHE A 309 4.05 4.17 -32.59
N HIS A 310 4.80 3.99 -31.50
CA HIS A 310 4.46 4.63 -30.23
C HIS A 310 5.66 5.31 -29.59
N SER A 311 5.39 6.24 -28.69
CA SER A 311 6.47 6.95 -28.00
C SER A 311 7.48 6.01 -27.33
N ASP A 312 6.98 4.90 -26.78
CA ASP A 312 7.75 4.06 -25.87
C ASP A 312 7.91 2.62 -26.36
N HIS A 313 7.31 2.30 -27.50
CA HIS A 313 7.40 0.93 -28.03
C HIS A 313 6.92 0.87 -29.46
N MET A 314 7.21 -0.25 -30.11
CA MET A 314 6.74 -0.50 -31.46
C MET A 314 5.91 -1.78 -31.48
N LYS A 315 4.97 -1.85 -32.41
CA LYS A 315 4.27 -3.10 -32.68
C LYS A 315 4.20 -3.31 -34.19
N ILE A 316 4.48 -4.54 -34.63
CA ILE A 316 4.38 -4.89 -36.04
C ILE A 316 3.56 -6.19 -36.09
N ARG A 317 2.40 -6.14 -36.71
CA ARG A 317 1.44 -7.25 -36.65
C ARG A 317 1.21 -7.57 -35.16
N ASN A 318 1.45 -8.83 -34.75
CA ASN A 318 1.29 -9.19 -33.33
C ASN A 318 2.55 -9.08 -32.48
N ALA A 319 3.67 -8.74 -33.12
CA ALA A 319 4.96 -8.66 -32.45
C ALA A 319 5.10 -7.32 -31.74
N THR A 320 5.43 -7.36 -30.46
CA THR A 320 5.72 -6.16 -29.69
C THR A 320 7.23 -6.00 -29.48
N PHE A 321 7.69 -4.75 -29.56
CA PHE A 321 9.09 -4.43 -29.31
C PHE A 321 9.13 -3.38 -28.20
N PRO A 322 9.11 -3.84 -26.93
CA PRO A 322 9.09 -2.94 -25.79
C PRO A 322 10.30 -2.02 -25.79
N GLY A 323 10.06 -0.75 -25.50
CA GLY A 323 11.14 0.20 -25.32
C GLY A 323 11.66 0.86 -26.59
N VAL A 324 11.23 0.38 -27.76
CA VAL A 324 11.71 0.94 -29.03
C VAL A 324 10.89 2.19 -29.34
N GLN A 325 11.54 3.34 -29.21
CA GLN A 325 10.89 4.64 -29.30
C GLN A 325 10.72 5.08 -30.74
N MET A 326 9.51 5.50 -31.09
CA MET A 326 9.20 5.85 -32.47
C MET A 326 10.01 7.02 -33.05
N LYS A 327 10.40 7.98 -32.21
CA LYS A 327 11.15 9.15 -32.69
C LYS A 327 12.33 8.71 -33.54
N PHE A 328 13.13 7.79 -33.01
CA PHE A 328 14.34 7.36 -33.71
C PHE A 328 14.04 6.38 -34.83
N VAL A 329 13.03 5.53 -34.65
CA VAL A 329 12.61 4.65 -35.73
C VAL A 329 12.22 5.48 -36.95
N LEU A 330 11.37 6.48 -36.75
CA LEU A 330 10.91 7.31 -37.85
C LEU A 330 12.08 8.08 -38.47
N GLN A 331 12.94 8.68 -37.66
CA GLN A 331 14.08 9.42 -38.20
C GLN A 331 14.94 8.53 -39.08
N LYS A 332 15.23 7.33 -38.60
CA LYS A 332 16.15 6.44 -39.32
C LYS A 332 15.50 5.81 -40.55
N LEU A 333 14.19 5.54 -40.48
CA LEU A 333 13.44 5.07 -41.63
C LEU A 333 13.54 6.05 -42.80
N LEU A 334 13.54 7.36 -42.51
CA LEU A 334 13.55 8.37 -43.56
C LEU A 334 14.77 8.28 -44.47
N THR A 335 15.83 7.63 -43.99
CA THR A 335 17.05 7.50 -44.77
C THR A 335 16.88 6.55 -45.97
N THR A 336 16.10 5.49 -45.76
CA THR A 336 15.91 4.44 -46.79
C THR A 336 14.50 4.29 -47.33
N ILE A 337 13.54 5.02 -46.76
CA ILE A 337 12.13 4.81 -47.12
C ILE A 337 11.79 5.14 -48.59
N ALA A 338 12.43 6.17 -49.16
CA ALA A 338 12.14 6.56 -50.54
C ALA A 338 12.49 5.40 -51.47
N ASP A 339 13.65 4.79 -51.24
CA ASP A 339 14.05 3.61 -51.98
C ASP A 339 13.07 2.44 -51.79
N ALA A 340 12.65 2.19 -50.54
CA ALA A 340 11.72 1.09 -50.28
C ALA A 340 10.38 1.30 -50.99
N ALA A 341 9.99 2.56 -51.13
CA ALA A 341 8.69 2.92 -51.71
C ALA A 341 8.75 3.24 -53.22
N LYS A 342 9.90 3.00 -53.84
CA LYS A 342 10.13 3.38 -55.25
C LYS A 342 9.14 2.76 -56.24
N GLY A 343 8.68 1.54 -55.95
CA GLY A 343 7.76 0.81 -56.83
C GLY A 343 6.28 1.08 -56.63
N TYR A 344 5.98 1.96 -55.66
CA TYR A 344 4.59 2.30 -55.36
C TYR A 344 3.94 3.12 -56.46
N LYS A 345 2.87 2.57 -57.02
CA LYS A 345 2.03 3.31 -57.94
C LYS A 345 0.91 3.98 -57.13
N PRO A 346 0.89 5.32 -57.12
CA PRO A 346 -0.03 6.08 -56.26
C PRO A 346 -1.49 5.68 -56.43
N VAL A 347 -2.13 5.36 -55.31
CA VAL A 347 -3.56 5.12 -55.23
C VAL A 347 -4.23 6.47 -54.97
N ALA A 348 -5.38 6.69 -55.61
CA ALA A 348 -6.17 7.91 -55.42
C ALA A 348 -6.63 8.05 -53.96
N VAL A 349 -6.69 9.28 -53.48
CA VAL A 349 -7.26 9.55 -52.15
C VAL A 349 -8.71 10.04 -52.27
N PRO A 350 -9.53 9.76 -51.24
CA PRO A 350 -10.88 10.30 -51.24
C PRO A 350 -10.89 11.82 -51.42
N ALA A 351 -11.86 12.31 -52.21
CA ALA A 351 -11.97 13.74 -52.46
C ALA A 351 -12.45 14.47 -51.22
N ARG A 352 -12.09 15.75 -51.12
CA ARG A 352 -12.61 16.65 -50.10
C ARG A 352 -14.13 16.72 -50.20
N THR A 353 -14.79 16.83 -49.04
CA THR A 353 -16.22 17.10 -49.00
C THR A 353 -16.52 18.34 -49.84
N PRO A 354 -17.53 18.25 -50.73
CA PRO A 354 -17.86 19.44 -51.51
C PRO A 354 -18.24 20.63 -50.65
N ALA A 355 -17.96 21.83 -51.17
CA ALA A 355 -18.38 23.08 -50.54
C ALA A 355 -19.90 23.11 -50.37
N ASN A 356 -20.38 23.86 -49.39
CA ASN A 356 -21.83 24.00 -49.23
C ASN A 356 -22.42 24.63 -50.48
N ALA A 357 -23.56 24.10 -50.92
CA ALA A 357 -24.31 24.72 -52.00
C ALA A 357 -24.71 26.13 -51.59
N ALA A 358 -24.67 27.09 -52.51
CA ALA A 358 -25.12 28.44 -52.24
C ALA A 358 -26.60 28.40 -51.82
N VAL A 359 -26.94 29.19 -50.80
CA VAL A 359 -28.31 29.21 -50.25
C VAL A 359 -28.69 30.64 -49.88
N PRO A 360 -30.01 30.93 -49.73
CA PRO A 360 -30.37 32.32 -49.44
C PRO A 360 -29.86 32.79 -48.08
N ALA A 361 -29.57 34.10 -47.98
CA ALA A 361 -29.01 34.71 -46.78
C ALA A 361 -29.77 34.40 -45.48
N SER A 362 -31.08 34.23 -45.57
CA SER A 362 -31.93 34.01 -44.39
C SER A 362 -31.92 32.58 -43.86
N THR A 363 -31.17 31.69 -44.52
CA THR A 363 -31.16 30.29 -44.14
C THR A 363 -30.63 30.17 -42.72
N PRO A 364 -31.41 29.53 -41.82
CA PRO A 364 -30.95 29.36 -40.45
C PRO A 364 -29.64 28.58 -40.40
N LEU A 365 -28.76 28.95 -39.48
CA LEU A 365 -27.52 28.21 -39.24
C LEU A 365 -27.81 26.82 -38.71
N LYS A 366 -27.10 25.85 -39.25
CA LYS A 366 -27.13 24.48 -38.80
C LYS A 366 -25.70 23.99 -38.67
N GLN A 367 -25.51 23.04 -37.75
CA GLN A 367 -24.18 22.50 -37.43
C GLN A 367 -23.45 21.99 -38.67
N GLU A 368 -24.08 21.10 -39.43
CA GLU A 368 -23.40 20.51 -40.58
C GLU A 368 -22.92 21.58 -41.57
N TRP A 369 -23.79 22.54 -41.87
CA TRP A 369 -23.40 23.65 -42.72
C TRP A 369 -22.21 24.41 -42.14
N MET A 370 -22.30 24.77 -40.85
CA MET A 370 -21.29 25.61 -40.21
C MET A 370 -19.89 24.98 -40.21
N TRP A 371 -19.80 23.69 -39.85
CA TRP A 371 -18.48 23.05 -39.81
C TRP A 371 -17.85 22.95 -41.18
N ASN A 372 -18.68 22.77 -42.21
CA ASN A 372 -18.19 22.74 -43.59
C ASN A 372 -17.75 24.13 -44.04
N GLN A 373 -18.50 25.14 -43.63
CA GLN A 373 -18.21 26.53 -43.98
C GLN A 373 -16.98 27.10 -43.29
N LEU A 374 -16.69 26.60 -42.09
CA LEU A 374 -15.63 27.16 -41.23
C LEU A 374 -14.25 27.20 -41.90
N GLY A 375 -13.99 26.21 -42.75
CA GLY A 375 -12.74 26.17 -43.52
C GLY A 375 -12.44 27.45 -44.29
N ASN A 376 -13.48 28.16 -44.74
CA ASN A 376 -13.30 29.42 -45.48
C ASN A 376 -12.64 30.50 -44.63
N PHE A 377 -12.90 30.45 -43.32
CA PHE A 377 -12.44 31.47 -42.38
C PHE A 377 -11.02 31.24 -41.88
N LEU A 378 -10.66 29.98 -41.72
CA LEU A 378 -9.36 29.61 -41.16
C LEU A 378 -8.20 30.01 -42.07
N GLN A 379 -7.06 30.33 -41.46
CA GLN A 379 -5.85 30.63 -42.21
C GLN A 379 -4.68 29.84 -41.64
N GLU A 380 -3.63 29.68 -42.45
CA GLU A 380 -2.42 29.02 -41.99
C GLU A 380 -1.89 29.64 -40.70
N GLY A 381 -1.47 28.80 -39.77
CA GLY A 381 -0.91 29.27 -38.50
C GLY A 381 -1.92 29.38 -37.36
N ASP A 382 -3.20 29.26 -37.69
CA ASP A 382 -4.27 29.35 -36.68
C ASP A 382 -4.13 28.25 -35.63
N VAL A 383 -4.50 28.58 -34.40
CA VAL A 383 -4.76 27.56 -33.37
C VAL A 383 -6.29 27.40 -33.29
N VAL A 384 -6.77 26.19 -33.46
CA VAL A 384 -8.21 25.95 -33.48
C VAL A 384 -8.58 25.00 -32.35
N ILE A 385 -9.39 25.50 -31.43
CA ILE A 385 -9.71 24.79 -30.19
C ILE A 385 -11.21 24.49 -30.16
N ALA A 386 -11.57 23.23 -29.89
CA ALA A 386 -12.97 22.82 -29.93
C ALA A 386 -13.33 22.06 -28.67
N GLU A 387 -14.40 22.50 -28.01
CA GLU A 387 -14.80 21.94 -26.73
C GLU A 387 -15.58 20.64 -26.88
N THR A 388 -15.37 19.72 -25.94
CA THR A 388 -16.19 18.53 -25.81
C THR A 388 -17.67 18.93 -25.84
N GLY A 389 -18.46 18.25 -26.67
CA GLY A 389 -19.82 18.70 -27.00
C GLY A 389 -19.94 18.70 -28.52
N THR A 390 -20.96 19.36 -29.06
CA THR A 390 -21.10 19.36 -30.52
C THR A 390 -19.86 19.91 -31.23
N SER A 391 -19.18 20.87 -30.62
CA SER A 391 -17.98 21.48 -31.23
C SER A 391 -16.89 20.47 -31.54
N ALA A 392 -16.56 19.62 -30.57
CA ALA A 392 -15.47 18.65 -30.76
C ALA A 392 -15.83 17.66 -31.87
N PHE A 393 -17.09 17.28 -31.94
CA PHE A 393 -17.51 16.34 -32.97
C PHE A 393 -17.60 17.02 -34.33
N GLY A 394 -18.01 18.28 -34.35
CA GLY A 394 -18.19 19.00 -35.62
C GLY A 394 -16.90 19.39 -36.27
N ILE A 395 -15.89 19.76 -35.47
CA ILE A 395 -14.61 20.22 -36.01
C ILE A 395 -13.94 19.15 -36.89
N ASN A 396 -14.27 17.89 -36.66
CA ASN A 396 -13.84 16.79 -37.53
C ASN A 396 -14.24 17.01 -39.00
N GLN A 397 -15.28 17.80 -39.23
CA GLN A 397 -15.82 18.02 -40.58
C GLN A 397 -15.28 19.29 -41.22
N THR A 398 -14.44 20.01 -40.47
CA THR A 398 -13.80 21.25 -40.95
C THR A 398 -12.46 20.94 -41.63
N THR A 399 -12.24 21.52 -42.80
CA THR A 399 -10.94 21.40 -43.45
C THR A 399 -9.99 22.48 -42.97
N PHE A 400 -8.83 22.04 -42.48
CA PHE A 400 -7.82 22.96 -41.98
C PHE A 400 -6.84 23.41 -43.08
N PRO A 401 -6.41 24.68 -43.04
CA PRO A 401 -5.27 25.09 -43.86
C PRO A 401 -4.02 24.36 -43.36
N ASN A 402 -2.96 24.35 -44.15
CA ASN A 402 -1.69 23.82 -43.67
C ASN A 402 -1.22 24.58 -42.40
N ASN A 403 -0.42 23.92 -41.57
CA ASN A 403 0.13 24.55 -40.35
C ASN A 403 -0.98 25.08 -39.42
N THR A 404 -2.00 24.25 -39.20
CA THR A 404 -3.05 24.57 -38.24
C THR A 404 -2.85 23.69 -37.03
N TYR A 405 -2.85 24.31 -35.84
CA TYR A 405 -2.78 23.51 -34.62
C TYR A 405 -4.16 23.30 -34.02
N GLY A 406 -4.60 22.04 -34.00
CA GLY A 406 -5.88 21.67 -33.45
C GLY A 406 -5.72 21.22 -32.00
N ILE A 407 -6.66 21.68 -31.17
CA ILE A 407 -6.76 21.20 -29.79
C ILE A 407 -8.18 20.71 -29.58
N SER A 408 -8.31 19.40 -29.33
CA SER A 408 -9.57 18.77 -28.95
C SER A 408 -9.24 17.67 -27.97
N GLN A 409 -9.78 17.78 -26.76
CA GLN A 409 -9.48 16.86 -25.67
C GLN A 409 -10.36 15.60 -25.73
N VAL A 410 -10.16 14.81 -26.79
CA VAL A 410 -11.07 13.71 -27.12
C VAL A 410 -11.12 12.62 -26.04
N LEU A 411 -9.98 12.30 -25.44
CA LEU A 411 -9.94 11.28 -24.40
C LEU A 411 -10.46 11.77 -23.05
N TRP A 412 -9.85 12.81 -22.49
CA TRP A 412 -10.23 13.24 -21.14
C TRP A 412 -11.63 13.85 -21.16
N GLY A 413 -11.89 14.74 -22.12
CA GLY A 413 -13.24 15.24 -22.33
C GLY A 413 -13.82 16.03 -21.18
N SER A 414 -13.00 16.88 -20.55
CA SER A 414 -13.48 17.72 -19.45
C SER A 414 -14.07 19.02 -19.96
N ILE A 415 -15.39 19.15 -19.90
CA ILE A 415 -15.98 20.41 -20.36
C ILE A 415 -15.52 21.59 -19.54
N GLY A 416 -15.29 22.71 -20.21
CA GLY A 416 -14.71 23.86 -19.55
C GLY A 416 -13.22 24.00 -19.84
N PHE A 417 -12.56 22.88 -20.12
CA PHE A 417 -11.13 22.85 -20.45
C PHE A 417 -10.75 23.97 -21.41
N THR A 418 -11.56 24.14 -22.46
CA THR A 418 -11.14 25.00 -23.56
C THR A 418 -11.06 26.48 -23.22
N THR A 419 -11.80 26.99 -22.24
CA THR A 419 -11.64 28.40 -21.87
C THR A 419 -10.23 28.63 -21.35
N GLY A 420 -9.76 27.72 -20.49
CA GLY A 420 -8.40 27.82 -19.98
C GLY A 420 -7.38 27.55 -21.07
N ALA A 421 -7.61 26.50 -21.86
CA ALA A 421 -6.67 26.14 -22.92
C ALA A 421 -6.50 27.30 -23.90
N THR A 422 -7.59 28.03 -24.16
CA THR A 422 -7.54 29.19 -25.05
C THR A 422 -6.59 30.26 -24.49
N LEU A 423 -6.68 30.54 -23.19
CA LEU A 423 -5.76 31.47 -22.57
C LEU A 423 -4.31 31.03 -22.77
N GLY A 424 -4.03 29.78 -22.44
CA GLY A 424 -2.65 29.27 -22.48
C GLY A 424 -2.11 29.26 -23.90
N ALA A 425 -2.93 28.78 -24.83
CA ALA A 425 -2.57 28.79 -26.26
C ALA A 425 -2.33 30.20 -26.75
N ALA A 426 -3.12 31.17 -26.28
CA ALA A 426 -2.94 32.56 -26.73
C ALA A 426 -1.64 33.18 -26.22
N PHE A 427 -1.26 32.92 -24.97
CA PHE A 427 0.04 33.37 -24.46
C PHE A 427 1.15 32.76 -25.32
N ALA A 428 1.13 31.45 -25.51
CA ALA A 428 2.14 30.76 -26.31
C ALA A 428 2.19 31.30 -27.74
N ALA A 429 1.03 31.44 -28.37
CA ALA A 429 0.94 31.96 -29.75
C ALA A 429 1.53 33.37 -29.84
N GLU A 430 1.27 34.19 -28.83
CA GLU A 430 1.80 35.55 -28.78
C GLU A 430 3.32 35.54 -28.75
N GLU A 431 3.89 34.59 -28.00
CA GLU A 431 5.34 34.48 -27.85
C GLU A 431 6.01 33.98 -29.13
N ILE A 432 5.29 33.16 -29.88
CA ILE A 432 5.80 32.60 -31.13
C ILE A 432 5.67 33.62 -32.27
N ASP A 433 4.49 34.19 -32.42
CA ASP A 433 4.18 35.09 -33.52
C ASP A 433 2.87 35.79 -33.19
N PRO A 434 2.93 37.08 -32.86
CA PRO A 434 1.74 37.85 -32.48
C PRO A 434 0.67 37.93 -33.58
N LYS A 435 1.00 37.52 -34.79
CA LYS A 435 0.02 37.40 -35.86
C LYS A 435 -0.82 36.12 -35.90
N LYS A 436 -0.44 35.13 -35.10
CA LYS A 436 -1.14 33.87 -35.06
C LYS A 436 -2.49 34.10 -34.36
N ARG A 437 -3.54 33.60 -34.95
CA ARG A 437 -4.88 33.72 -34.36
C ARG A 437 -5.18 32.49 -33.51
N VAL A 438 -5.96 32.69 -32.47
CA VAL A 438 -6.44 31.60 -31.64
C VAL A 438 -7.96 31.64 -31.69
N ILE A 439 -8.55 30.53 -32.12
CA ILE A 439 -9.96 30.46 -32.43
C ILE A 439 -10.59 29.37 -31.59
N LEU A 440 -11.60 29.74 -30.80
CA LEU A 440 -12.24 28.81 -29.87
C LEU A 440 -13.68 28.61 -30.27
N PHE A 441 -14.11 27.34 -30.36
CA PHE A 441 -15.51 26.98 -30.40
C PHE A 441 -15.87 26.25 -29.11
N ILE A 442 -16.74 26.90 -28.33
CA ILE A 442 -17.13 26.37 -27.01
C ILE A 442 -18.64 26.40 -26.87
N GLY A 443 -19.22 25.38 -26.25
CA GLY A 443 -20.65 25.35 -26.02
C GLY A 443 -21.08 26.27 -24.90
N ASP A 444 -22.34 26.70 -24.94
CA ASP A 444 -22.91 27.50 -23.88
C ASP A 444 -22.83 26.84 -22.50
N GLY A 445 -23.02 25.52 -22.47
CA GLY A 445 -22.92 24.77 -21.20
C GLY A 445 -21.51 24.76 -20.66
N SER A 446 -20.56 24.39 -21.50
CA SER A 446 -19.16 24.27 -21.09
C SER A 446 -18.59 25.59 -20.62
N LEU A 447 -18.96 26.68 -21.29
CA LEU A 447 -18.48 28.00 -20.92
C LEU A 447 -18.74 28.32 -19.45
N GLN A 448 -19.86 27.85 -18.92
CA GLN A 448 -20.22 28.21 -17.56
C GLN A 448 -19.19 27.72 -16.54
N LEU A 449 -18.56 26.58 -16.81
CA LEU A 449 -17.68 25.96 -15.81
C LEU A 449 -16.40 26.77 -15.56
N THR A 450 -15.96 27.53 -16.56
CA THR A 450 -14.64 28.15 -16.52
C THR A 450 -14.66 29.59 -17.07
N VAL A 451 -15.85 30.20 -17.06
CA VAL A 451 -16.07 31.49 -17.72
C VAL A 451 -15.11 32.58 -17.23
N GLN A 452 -14.72 32.52 -15.96
CA GLN A 452 -13.93 33.62 -15.40
C GLN A 452 -12.55 33.76 -16.04
N GLU A 453 -12.08 32.71 -16.73
CA GLU A 453 -10.75 32.84 -17.33
C GLU A 453 -10.69 33.83 -18.50
N ILE A 454 -11.83 34.23 -19.03
CA ILE A 454 -11.88 35.35 -20.00
C ILE A 454 -11.26 36.61 -19.38
N SER A 455 -11.46 36.82 -18.08
CA SER A 455 -10.83 37.91 -17.35
C SER A 455 -9.31 38.01 -17.58
N THR A 456 -8.64 36.86 -17.54
CA THR A 456 -7.18 36.82 -17.65
C THR A 456 -6.75 37.11 -19.09
N MET A 457 -7.56 36.69 -20.05
CA MET A 457 -7.33 37.08 -21.47
C MET A 457 -7.35 38.61 -21.62
N ILE A 458 -8.38 39.23 -21.04
CA ILE A 458 -8.55 40.69 -21.10
C ILE A 458 -7.37 41.40 -20.44
N ARG A 459 -6.98 40.94 -19.27
CA ARG A 459 -5.96 41.64 -18.51
C ARG A 459 -4.62 41.69 -19.26
N TRP A 460 -4.35 40.70 -20.09
CA TRP A 460 -3.09 40.61 -20.84
C TRP A 460 -3.22 41.08 -22.28
N GLY A 461 -4.40 41.54 -22.67
CA GLY A 461 -4.61 42.06 -24.02
C GLY A 461 -4.50 41.01 -25.09
N LEU A 462 -4.80 39.77 -24.73
CA LEU A 462 -4.81 38.67 -25.70
C LEU A 462 -6.07 38.74 -26.53
N LYS A 463 -6.00 38.23 -27.77
CA LYS A 463 -7.01 38.54 -28.79
C LYS A 463 -7.70 37.34 -29.47
N PRO A 464 -8.10 36.32 -28.67
CA PRO A 464 -8.75 35.15 -29.27
C PRO A 464 -10.15 35.46 -29.81
N TYR A 465 -10.60 34.62 -30.72
CA TYR A 465 -11.97 34.63 -31.22
C TYR A 465 -12.74 33.62 -30.38
N LEU A 466 -13.73 34.10 -29.65
CA LEU A 466 -14.49 33.22 -28.77
C LEU A 466 -15.87 32.98 -29.37
N PHE A 467 -16.01 31.89 -30.13
CA PHE A 467 -17.30 31.49 -30.69
C PHE A 467 -18.04 30.64 -29.66
N VAL A 468 -19.22 31.10 -29.26
CA VAL A 468 -20.02 30.43 -28.23
C VAL A 468 -21.27 29.86 -28.88
N LEU A 469 -21.42 28.54 -28.85
CA LEU A 469 -22.56 27.89 -29.51
C LEU A 469 -23.75 27.87 -28.57
N ASN A 470 -24.67 28.81 -28.79
CA ASN A 470 -25.90 28.85 -28.00
C ASN A 470 -26.99 27.97 -28.60
N ASN A 471 -27.12 26.78 -28.04
CA ASN A 471 -28.22 25.87 -28.37
C ASN A 471 -29.07 25.56 -27.14
N ASP A 472 -29.05 26.50 -26.20
CA ASP A 472 -29.86 26.43 -24.98
C ASP A 472 -29.70 25.13 -24.20
N GLY A 473 -28.45 24.79 -23.85
CA GLY A 473 -28.21 23.66 -22.97
C GLY A 473 -27.19 22.66 -23.47
N TYR A 474 -27.26 21.49 -22.88
CA TYR A 474 -26.27 20.47 -23.12
C TYR A 474 -26.74 19.54 -24.24
N THR A 475 -26.55 19.93 -25.48
CA THR A 475 -27.10 19.17 -26.61
C THR A 475 -26.49 17.77 -26.78
N ILE A 476 -25.19 17.66 -26.66
CA ILE A 476 -24.59 16.35 -26.69
C ILE A 476 -25.29 15.36 -25.75
N GLN A 477 -25.56 15.79 -24.52
CA GLN A 477 -26.16 14.91 -23.54
C GLN A 477 -27.62 14.61 -23.83
N LYS A 478 -28.34 15.60 -24.38
CA LYS A 478 -29.73 15.42 -24.77
C LYS A 478 -29.88 14.30 -25.82
N LEU A 479 -28.84 14.14 -26.63
CA LEU A 479 -28.80 13.08 -27.65
C LEU A 479 -28.37 11.71 -27.09
N ILE A 480 -27.70 11.70 -25.95
CA ILE A 480 -27.33 10.46 -25.26
C ILE A 480 -28.51 9.93 -24.44
N HIS A 481 -29.05 10.78 -23.57
CA HIS A 481 -30.11 10.41 -22.63
C HIS A 481 -30.74 11.68 -22.07
N GLY A 482 -32.07 11.73 -22.06
CA GLY A 482 -32.82 12.85 -21.47
C GLY A 482 -32.91 14.11 -22.32
N PRO A 483 -33.54 14.01 -23.52
CA PRO A 483 -33.62 15.16 -24.41
C PRO A 483 -34.33 16.37 -23.81
N LYS A 484 -35.26 16.12 -22.89
CA LYS A 484 -35.96 17.21 -22.21
C LYS A 484 -35.70 17.21 -20.70
N ALA A 485 -34.71 16.45 -20.24
CA ALA A 485 -34.44 16.33 -18.80
C ALA A 485 -33.91 17.66 -18.28
N GLN A 486 -34.40 18.07 -17.12
CA GLN A 486 -34.01 19.36 -16.55
C GLN A 486 -32.52 19.47 -16.24
N TYR A 487 -31.87 18.34 -15.93
CA TYR A 487 -30.42 18.34 -15.70
C TYR A 487 -29.59 18.66 -16.95
N ASN A 488 -30.20 18.54 -18.13
CA ASN A 488 -29.53 18.91 -19.37
C ASN A 488 -29.77 20.35 -19.80
N GLU A 489 -30.51 21.08 -18.96
CA GLU A 489 -30.79 22.49 -19.20
C GLU A 489 -29.90 23.38 -18.35
N ILE A 490 -29.68 24.61 -18.82
CA ILE A 490 -28.79 25.55 -18.13
C ILE A 490 -29.48 26.90 -17.91
N GLN A 491 -29.01 27.64 -16.92
CA GLN A 491 -29.44 29.03 -16.74
C GLN A 491 -28.98 29.84 -17.94
N GLY A 492 -29.86 30.68 -18.48
CA GLY A 492 -29.54 31.47 -19.67
C GLY A 492 -28.72 32.71 -19.31
N TRP A 493 -27.52 32.81 -19.88
CA TRP A 493 -26.66 33.96 -19.65
C TRP A 493 -26.68 34.95 -20.80
N ASP A 494 -26.37 36.21 -20.49
CA ASP A 494 -26.14 37.23 -21.50
C ASP A 494 -24.67 37.15 -21.90
N HIS A 495 -24.38 36.23 -22.83
CA HIS A 495 -22.98 35.96 -23.21
C HIS A 495 -22.22 37.19 -23.66
N LEU A 496 -22.86 38.02 -24.48
CA LEU A 496 -22.14 39.16 -25.04
C LEU A 496 -21.77 40.23 -24.00
N SER A 497 -22.39 40.16 -22.82
CA SER A 497 -22.02 41.08 -21.74
C SER A 497 -20.83 40.60 -20.88
N LEU A 498 -20.35 39.38 -21.14
CA LEU A 498 -19.25 38.83 -20.34
C LEU A 498 -17.98 39.67 -20.44
N LEU A 499 -17.58 40.02 -21.66
CA LEU A 499 -16.37 40.83 -21.84
C LEU A 499 -16.41 42.15 -21.03
N PRO A 500 -17.44 43.00 -21.23
CA PRO A 500 -17.47 44.21 -20.40
C PRO A 500 -17.61 43.95 -18.89
N THR A 501 -18.32 42.89 -18.50
CA THR A 501 -18.46 42.56 -17.08
C THR A 501 -17.12 42.27 -16.44
N PHE A 502 -16.22 41.67 -17.21
CA PHE A 502 -14.86 41.38 -16.74
C PHE A 502 -13.87 42.52 -17.01
N GLY A 503 -14.40 43.70 -17.38
CA GLY A 503 -13.58 44.90 -17.52
C GLY A 503 -12.96 45.14 -18.88
N ALA A 504 -13.38 44.41 -19.92
CA ALA A 504 -12.85 44.64 -21.28
C ALA A 504 -13.21 46.05 -21.77
N LYS A 505 -12.24 46.71 -22.41
CA LYS A 505 -12.44 48.04 -23.00
C LYS A 505 -12.34 48.00 -24.51
N ASP A 506 -11.45 47.13 -25.01
CA ASP A 506 -11.15 47.01 -26.44
C ASP A 506 -11.54 45.60 -26.89
N TYR A 507 -12.68 45.49 -27.55
CA TYR A 507 -13.27 44.20 -27.89
C TYR A 507 -14.41 44.40 -28.90
N GLU A 508 -14.87 43.30 -29.49
CA GLU A 508 -16.10 43.31 -30.27
C GLU A 508 -16.96 42.15 -29.85
N THR A 509 -18.26 42.34 -29.93
CA THR A 509 -19.21 41.26 -29.78
C THR A 509 -20.12 41.20 -30.99
N HIS A 510 -20.55 39.99 -31.34
CA HIS A 510 -21.41 39.72 -32.50
C HIS A 510 -22.37 38.58 -32.23
N ARG A 511 -23.52 38.61 -32.89
CA ARG A 511 -24.45 37.48 -32.91
C ARG A 511 -24.70 37.05 -34.35
N VAL A 512 -24.66 35.73 -34.59
CA VAL A 512 -25.04 35.19 -35.89
C VAL A 512 -26.08 34.08 -35.75
N ALA A 513 -27.08 34.09 -36.63
CA ALA A 513 -28.17 33.11 -36.59
C ALA A 513 -28.50 32.55 -37.96
N THR A 514 -27.91 33.15 -39.00
CA THR A 514 -28.17 32.76 -40.39
C THR A 514 -26.89 32.61 -41.19
N THR A 515 -26.99 31.93 -42.32
CA THR A 515 -25.87 31.70 -43.21
C THR A 515 -25.37 33.01 -43.74
N GLY A 516 -26.28 33.91 -44.06
CA GLY A 516 -25.91 35.24 -44.47
C GLY A 516 -25.15 36.02 -43.43
N GLU A 517 -25.60 35.94 -42.20
CA GLU A 517 -24.90 36.64 -41.12
C GLU A 517 -23.52 36.03 -40.86
N TRP A 518 -23.43 34.70 -40.90
CA TRP A 518 -22.15 33.99 -40.77
C TRP A 518 -21.16 34.45 -41.84
N ASP A 519 -21.58 34.39 -43.11
CA ASP A 519 -20.69 34.76 -44.21
C ASP A 519 -20.28 36.23 -44.14
N LYS A 520 -21.24 37.11 -43.88
CA LYS A 520 -20.94 38.54 -43.79
C LYS A 520 -19.90 38.84 -42.72
N LEU A 521 -20.02 38.20 -41.57
CA LEU A 521 -19.08 38.45 -40.48
C LEU A 521 -17.70 37.85 -40.75
N THR A 522 -17.68 36.56 -41.09
CA THR A 522 -16.42 35.81 -41.18
C THR A 522 -15.60 36.10 -42.45
N GLN A 523 -16.25 36.65 -43.48
CA GLN A 523 -15.51 37.07 -44.67
C GLN A 523 -14.97 38.49 -44.58
N ASP A 524 -15.40 39.24 -43.56
CA ASP A 524 -15.00 40.64 -43.42
C ASP A 524 -13.52 40.81 -43.15
N LYS A 525 -12.86 41.71 -43.88
CA LYS A 525 -11.40 41.85 -43.78
C LYS A 525 -10.95 42.23 -42.38
N SER A 526 -11.57 43.25 -41.80
CA SER A 526 -11.23 43.69 -40.45
C SER A 526 -11.42 42.58 -39.41
N PHE A 527 -12.53 41.83 -39.54
CA PHE A 527 -12.81 40.71 -38.62
C PHE A 527 -11.68 39.67 -38.64
N ASN A 528 -11.07 39.46 -39.80
CA ASN A 528 -10.01 38.47 -39.95
C ASN A 528 -8.67 38.86 -39.35
N ASP A 529 -8.54 40.12 -38.93
CA ASP A 529 -7.35 40.59 -38.24
C ASP A 529 -7.52 40.39 -36.73
N ASN A 530 -6.51 39.84 -36.07
CA ASN A 530 -6.56 39.62 -34.62
C ASN A 530 -6.20 40.90 -33.87
N SER A 531 -7.03 41.93 -34.06
CA SER A 531 -6.77 43.26 -33.52
C SER A 531 -7.27 43.46 -32.09
N LYS A 532 -8.24 42.63 -31.69
CA LYS A 532 -8.83 42.70 -30.36
C LYS A 532 -9.57 41.39 -30.07
N ILE A 533 -9.80 41.13 -28.79
CA ILE A 533 -10.62 40.00 -28.35
C ILE A 533 -12.05 40.15 -28.87
N ARG A 534 -12.63 39.03 -29.29
CA ARG A 534 -13.99 39.04 -29.85
C ARG A 534 -14.79 37.88 -29.31
N MET A 535 -16.08 38.13 -29.05
CA MET A 535 -17.00 37.04 -28.76
C MET A 535 -18.11 37.02 -29.79
N ILE A 536 -18.42 35.84 -30.30
CA ILE A 536 -19.44 35.66 -31.31
C ILE A 536 -20.43 34.62 -30.76
N GLU A 537 -21.65 35.05 -30.47
CA GLU A 537 -22.70 34.14 -30.06
C GLU A 537 -23.37 33.55 -31.29
N VAL A 538 -23.29 32.23 -31.44
CA VAL A 538 -23.83 31.52 -32.59
C VAL A 538 -25.12 30.83 -32.19
N MET A 539 -26.23 31.20 -32.80
CA MET A 539 -27.53 30.62 -32.46
C MET A 539 -27.80 29.40 -33.30
N LEU A 540 -27.98 28.27 -32.61
CA LEU A 540 -28.16 26.97 -33.24
C LEU A 540 -29.33 26.24 -32.59
N PRO A 541 -29.99 25.33 -33.33
CA PRO A 541 -31.13 24.60 -32.75
C PRO A 541 -30.73 23.67 -31.61
N VAL A 542 -31.68 23.46 -30.70
CA VAL A 542 -31.45 22.63 -29.52
C VAL A 542 -30.98 21.23 -29.89
N PHE A 543 -31.61 20.61 -30.87
CA PHE A 543 -31.35 19.20 -31.12
C PHE A 543 -30.49 18.94 -32.35
N ASP A 544 -29.87 20.00 -32.84
CA ASP A 544 -29.00 19.94 -34.01
C ASP A 544 -27.59 19.54 -33.59
N ALA A 545 -26.99 18.63 -34.35
CA ALA A 545 -25.67 18.11 -34.02
C ALA A 545 -25.05 17.49 -35.26
N PRO A 546 -23.71 17.41 -35.31
CA PRO A 546 -23.07 16.65 -36.39
C PRO A 546 -23.53 15.20 -36.38
N GLN A 547 -23.67 14.61 -37.57
CA GLN A 547 -24.16 13.24 -37.68
C GLN A 547 -23.32 12.22 -36.93
N ASN A 548 -22.01 12.42 -36.89
CA ASN A 548 -21.13 11.51 -36.15
C ASN A 548 -21.39 11.51 -34.65
N LEU A 549 -21.82 12.65 -34.11
CA LEU A 549 -22.22 12.71 -32.70
C LEU A 549 -23.54 12.00 -32.45
N VAL A 550 -24.49 12.17 -33.38
CA VAL A 550 -25.78 11.50 -33.28
C VAL A 550 -25.55 9.99 -33.07
N GLU A 551 -24.65 9.43 -33.88
CA GLU A 551 -24.36 8.00 -33.81
C GLU A 551 -23.56 7.64 -32.58
N GLN A 552 -22.51 8.42 -32.29
CA GLN A 552 -21.70 8.19 -31.08
C GLN A 552 -22.56 8.20 -29.81
N ALA A 553 -23.48 9.15 -29.73
CA ALA A 553 -24.35 9.27 -28.55
C ALA A 553 -25.12 7.98 -28.28
N LYS A 554 -25.64 7.37 -29.35
CA LYS A 554 -26.39 6.12 -29.26
C LYS A 554 -25.52 4.97 -28.78
N LEU A 555 -24.29 4.90 -29.28
CA LEU A 555 -23.31 3.88 -28.90
C LEU A 555 -22.89 4.01 -27.44
N THR A 556 -22.71 5.25 -27.01
CA THR A 556 -22.32 5.57 -25.64
C THR A 556 -23.45 5.24 -24.65
N ALA A 557 -24.68 5.61 -25.01
CA ALA A 557 -25.84 5.30 -24.18
C ALA A 557 -25.97 3.78 -23.99
N ALA A 558 -25.82 3.03 -25.08
CA ALA A 558 -25.89 1.56 -25.03
C ALA A 558 -24.79 0.94 -24.17
N THR A 559 -23.56 1.46 -24.32
CA THR A 559 -22.41 1.01 -23.54
C THR A 559 -22.67 1.13 -22.03
N ASN A 560 -23.22 2.27 -21.61
CA ASN A 560 -23.47 2.53 -20.20
C ASN A 560 -24.63 1.72 -19.62
N ALA A 561 -25.63 1.46 -20.45
CA ALA A 561 -26.86 0.77 -20.02
C ALA A 561 -26.74 -0.76 -20.08
N LYS A 562 -25.67 -1.25 -20.69
CA LYS A 562 -25.46 -2.68 -20.90
C LYS A 562 -25.26 -3.44 -19.60
N GLN A 563 -25.97 -4.55 -19.46
CA GLN A 563 -25.88 -5.41 -18.28
C GLN A 563 -24.95 -6.59 -18.53
N SER B 2 -43.47 -3.28 -4.66
CA SER B 2 -42.63 -4.43 -4.21
C SER B 2 -41.14 -4.19 -4.49
N GLU B 3 -40.84 -3.68 -5.68
CA GLU B 3 -39.46 -3.38 -6.08
C GLU B 3 -39.27 -1.92 -6.51
N ILE B 4 -38.05 -1.45 -6.36
CA ILE B 4 -37.69 -0.09 -6.74
C ILE B 4 -36.26 -0.12 -7.30
N THR B 5 -35.94 0.78 -8.21
CA THR B 5 -34.57 0.79 -8.75
C THR B 5 -33.59 1.22 -7.66
N LEU B 6 -32.35 0.79 -7.81
CA LEU B 6 -31.29 1.17 -6.87
C LEU B 6 -31.14 2.70 -6.83
N GLY B 7 -31.22 3.32 -8.01
CA GLY B 7 -31.17 4.78 -8.11
C GLY B 7 -32.26 5.49 -7.32
N LYS B 8 -33.51 5.03 -7.50
CA LYS B 8 -34.61 5.61 -6.73
C LYS B 8 -34.45 5.37 -5.22
N TYR B 9 -33.93 4.19 -4.86
CA TYR B 9 -33.66 3.87 -3.46
C TYR B 9 -32.74 4.91 -2.81
N LEU B 10 -31.69 5.30 -3.53
CA LEU B 10 -30.77 6.31 -3.03
C LEU B 10 -31.52 7.59 -2.63
N PHE B 11 -32.35 8.09 -3.53
CA PHE B 11 -33.05 9.34 -3.30
C PHE B 11 -34.14 9.22 -2.26
N GLU B 12 -34.79 8.07 -2.18
CA GLU B 12 -35.73 7.84 -1.09
C GLU B 12 -35.04 7.90 0.28
N ARG B 13 -33.84 7.31 0.37
CA ARG B 13 -33.06 7.38 1.60
C ARG B 13 -32.62 8.82 1.93
N LEU B 14 -32.13 9.55 0.93
CA LEU B 14 -31.73 10.93 1.15
C LEU B 14 -32.90 11.77 1.68
N LYS B 15 -34.07 11.58 1.09
CA LYS B 15 -35.28 12.24 1.57
C LYS B 15 -35.55 11.90 3.05
N GLN B 16 -35.39 10.63 3.40
CA GLN B 16 -35.62 10.19 4.78
C GLN B 16 -34.68 10.86 5.78
N VAL B 17 -33.47 11.22 5.34
CA VAL B 17 -32.50 11.86 6.23
C VAL B 17 -32.41 13.37 6.00
N ASN B 18 -33.45 13.91 5.39
CA ASN B 18 -33.65 15.34 5.28
C ASN B 18 -32.67 16.03 4.31
N VAL B 19 -32.24 15.29 3.28
CA VAL B 19 -31.46 15.85 2.19
C VAL B 19 -32.41 15.98 1.02
N ASN B 20 -32.79 17.21 0.67
CA ASN B 20 -33.84 17.47 -0.31
C ASN B 20 -33.34 18.19 -1.55
N THR B 21 -32.10 18.69 -1.50
CA THR B 21 -31.43 19.25 -2.66
C THR B 21 -30.18 18.43 -2.91
N VAL B 22 -29.94 18.10 -4.18
CA VAL B 22 -28.76 17.31 -4.56
C VAL B 22 -27.92 18.15 -5.51
N PHE B 23 -26.62 18.22 -5.19
CA PHE B 23 -25.69 19.05 -5.92
C PHE B 23 -24.91 18.25 -6.94
N GLY B 24 -24.20 18.95 -7.83
CA GLY B 24 -23.39 18.28 -8.83
C GLY B 24 -23.69 18.67 -10.27
N LEU B 25 -23.05 17.95 -11.20
CA LEU B 25 -23.30 18.14 -12.63
C LEU B 25 -23.52 16.79 -13.30
N PRO B 26 -24.32 16.78 -14.37
CA PRO B 26 -24.56 15.55 -15.10
C PRO B 26 -23.34 15.15 -15.96
N GLY B 27 -23.27 13.85 -16.24
CA GLY B 27 -22.34 13.30 -17.25
C GLY B 27 -22.93 11.97 -17.68
N ASP B 28 -22.51 11.44 -18.83
CA ASP B 28 -23.14 10.22 -19.33
C ASP B 28 -23.20 9.09 -18.30
N PHE B 29 -22.19 8.97 -17.44
CA PHE B 29 -22.15 7.91 -16.41
C PHE B 29 -23.09 8.10 -15.23
N ASN B 30 -23.76 9.25 -15.15
CA ASN B 30 -24.75 9.46 -14.08
C ASN B 30 -26.15 9.84 -14.54
N LEU B 31 -26.40 9.93 -15.86
CA LEU B 31 -27.69 10.44 -16.35
C LEU B 31 -28.88 9.61 -15.88
N SER B 32 -28.77 8.28 -15.97
CA SER B 32 -29.87 7.42 -15.54
C SER B 32 -30.14 7.55 -14.04
N LEU B 33 -29.08 7.75 -13.26
CA LEU B 33 -29.24 8.00 -11.84
C LEU B 33 -30.01 9.30 -11.61
N LEU B 34 -29.63 10.37 -12.31
CA LEU B 34 -30.30 11.66 -12.12
C LEU B 34 -31.79 11.63 -12.46
N ASP B 35 -32.18 10.80 -13.43
CA ASP B 35 -33.60 10.62 -13.73
C ASP B 35 -34.44 10.34 -12.50
N LYS B 36 -33.87 9.60 -11.56
CA LYS B 36 -34.61 9.11 -10.41
C LYS B 36 -34.95 10.21 -9.40
N ILE B 37 -34.22 11.32 -9.44
CA ILE B 37 -34.49 12.45 -8.55
C ILE B 37 -35.93 12.92 -8.78
N TYR B 38 -36.34 12.95 -10.04
CA TYR B 38 -37.63 13.47 -10.43
C TYR B 38 -38.76 12.50 -10.11
N GLU B 39 -38.40 11.30 -9.65
CA GLU B 39 -39.38 10.27 -9.29
C GLU B 39 -39.69 10.31 -7.80
N VAL B 40 -38.97 11.15 -7.06
CA VAL B 40 -39.15 11.25 -5.62
C VAL B 40 -39.60 12.67 -5.27
N GLU B 41 -40.85 12.79 -4.79
CA GLU B 41 -41.39 14.09 -4.44
C GLU B 41 -40.58 14.73 -3.32
N GLY B 42 -40.33 16.03 -3.48
CA GLY B 42 -39.61 16.79 -2.47
C GLY B 42 -38.12 16.74 -2.63
N MET B 43 -37.66 16.20 -3.76
CA MET B 43 -36.23 16.14 -4.12
C MET B 43 -35.97 17.00 -5.32
N ARG B 44 -34.88 17.74 -5.30
CA ARG B 44 -34.52 18.58 -6.44
C ARG B 44 -33.03 18.51 -6.74
N TRP B 45 -32.71 18.80 -8.00
CA TRP B 45 -31.35 18.81 -8.51
C TRP B 45 -30.93 20.27 -8.74
N ALA B 46 -29.85 20.70 -8.06
CA ALA B 46 -29.48 22.13 -8.11
C ALA B 46 -29.14 22.59 -9.51
N GLY B 47 -28.38 21.77 -10.23
CA GLY B 47 -27.91 22.17 -11.56
C GLY B 47 -26.77 23.16 -11.42
N ASN B 48 -25.69 22.74 -10.77
CA ASN B 48 -24.57 23.63 -10.53
C ASN B 48 -23.79 24.01 -11.78
N ALA B 49 -23.05 25.11 -11.67
CA ALA B 49 -22.30 25.64 -12.81
C ALA B 49 -20.89 25.05 -12.96
N ASN B 50 -20.36 24.46 -11.88
CA ASN B 50 -19.20 23.55 -11.98
C ASN B 50 -19.10 22.69 -10.74
N GLU B 51 -18.26 21.66 -10.78
CA GLU B 51 -18.25 20.65 -9.71
C GLU B 51 -17.57 21.15 -8.45
N LEU B 52 -16.55 22.00 -8.58
CA LEU B 52 -15.92 22.52 -7.38
C LEU B 52 -16.96 23.33 -6.60
N ASN B 53 -17.66 24.21 -7.31
CA ASN B 53 -18.71 25.02 -6.69
C ASN B 53 -19.81 24.15 -6.09
N ALA B 54 -20.16 23.08 -6.81
CA ALA B 54 -21.13 22.11 -6.30
C ALA B 54 -20.69 21.51 -4.96
N ALA B 55 -19.41 21.21 -4.83
CA ALA B 55 -18.90 20.63 -3.60
C ALA B 55 -18.92 21.65 -2.46
N TYR B 56 -18.55 22.89 -2.76
CA TYR B 56 -18.63 23.96 -1.79
C TYR B 56 -20.10 24.16 -1.35
N ALA B 57 -21.02 24.07 -2.31
CA ALA B 57 -22.45 24.20 -2.01
C ALA B 57 -22.95 23.04 -1.15
N ALA B 58 -22.53 21.81 -1.46
CA ALA B 58 -22.91 20.67 -0.63
C ALA B 58 -22.43 20.87 0.80
N ASP B 59 -21.26 21.46 0.95
CA ASP B 59 -20.68 21.72 2.28
C ASP B 59 -21.57 22.74 3.04
N GLY B 60 -21.88 23.88 2.41
CA GLY B 60 -22.78 24.85 3.03
C GLY B 60 -24.13 24.25 3.40
N TYR B 61 -24.71 23.47 2.49
CA TYR B 61 -25.98 22.82 2.76
C TYR B 61 -25.87 21.89 3.94
N ALA B 62 -24.82 21.06 4.00
CA ALA B 62 -24.63 20.18 5.14
C ALA B 62 -24.51 20.91 6.46
N ARG B 63 -23.81 22.06 6.46
CA ARG B 63 -23.63 22.81 7.70
C ARG B 63 -24.99 23.26 8.26
N ILE B 64 -25.89 23.67 7.38
CA ILE B 64 -27.19 24.19 7.81
C ILE B 64 -28.23 23.10 8.04
N LYS B 65 -28.27 22.10 7.15
CA LYS B 65 -29.31 21.07 7.12
C LYS B 65 -28.97 19.81 7.93
N GLY B 66 -27.69 19.46 7.98
CA GLY B 66 -27.23 18.29 8.74
C GLY B 66 -26.26 17.42 7.98
N MET B 67 -26.57 17.18 6.71
CA MET B 67 -25.66 16.48 5.80
C MET B 67 -26.10 16.81 4.38
N SER B 68 -25.33 16.36 3.39
CA SER B 68 -25.63 16.71 2.02
C SER B 68 -25.17 15.63 1.06
N CYS B 69 -25.51 15.82 -0.21
CA CYS B 69 -25.08 14.91 -1.25
C CYS B 69 -24.75 15.68 -2.52
N ILE B 70 -23.60 15.34 -3.09
CA ILE B 70 -23.19 15.81 -4.41
C ILE B 70 -22.96 14.58 -5.31
N ILE B 71 -23.45 14.68 -6.55
CA ILE B 71 -23.26 13.62 -7.57
C ILE B 71 -22.44 14.18 -8.71
N THR B 72 -21.35 13.50 -9.03
CA THR B 72 -20.50 13.88 -10.15
C THR B 72 -20.32 12.71 -11.11
N THR B 73 -19.66 12.98 -12.22
CA THR B 73 -19.35 11.94 -13.20
C THR B 73 -17.89 11.50 -13.05
N PHE B 74 -17.65 10.23 -13.37
CA PHE B 74 -16.35 9.59 -13.32
C PHE B 74 -15.22 10.44 -13.88
N GLY B 75 -14.11 10.52 -13.15
CA GLY B 75 -12.91 11.21 -13.61
C GLY B 75 -13.03 12.72 -13.57
N VAL B 76 -13.64 13.28 -14.62
CA VAL B 76 -13.67 14.72 -14.83
C VAL B 76 -14.51 15.46 -13.80
N GLY B 77 -15.60 14.83 -13.38
CA GLY B 77 -16.46 15.47 -12.38
C GLY B 77 -15.90 15.33 -10.99
N GLU B 78 -15.62 14.09 -10.59
CA GLU B 78 -15.12 13.85 -9.24
C GLU B 78 -13.81 14.58 -8.94
N LEU B 79 -12.85 14.59 -9.86
CA LEU B 79 -11.59 15.27 -9.56
C LEU B 79 -11.77 16.77 -9.45
N SER B 80 -12.70 17.33 -10.22
CA SER B 80 -12.99 18.75 -10.13
C SER B 80 -13.51 19.11 -8.72
N ALA B 81 -14.20 18.17 -8.06
CA ALA B 81 -14.79 18.39 -6.74
C ALA B 81 -13.83 18.28 -5.56
N LEU B 82 -12.62 17.75 -5.80
CA LEU B 82 -11.82 17.28 -4.66
C LEU B 82 -11.41 18.33 -3.64
N ASN B 83 -11.15 19.56 -4.07
CA ASN B 83 -10.78 20.58 -3.09
C ASN B 83 -11.97 20.92 -2.18
N GLY B 84 -13.18 20.80 -2.71
CA GLY B 84 -14.38 20.98 -1.90
C GLY B 84 -14.50 19.85 -0.89
N ILE B 85 -14.33 18.63 -1.38
CA ILE B 85 -14.40 17.48 -0.49
C ILE B 85 -13.36 17.54 0.62
N ALA B 86 -12.13 17.91 0.25
CA ALA B 86 -11.03 17.99 1.21
C ALA B 86 -11.34 19.00 2.31
N GLY B 87 -11.91 20.15 1.95
CA GLY B 87 -12.29 21.13 2.96
C GLY B 87 -13.39 20.61 3.88
N SER B 88 -14.31 19.82 3.34
CA SER B 88 -15.32 19.18 4.18
C SER B 88 -14.69 18.16 5.12
N TYR B 89 -13.64 17.47 4.67
CA TYR B 89 -12.94 16.55 5.55
C TYR B 89 -12.23 17.32 6.66
N ALA B 90 -11.49 18.37 6.28
CA ALA B 90 -10.74 19.14 7.25
C ALA B 90 -11.64 19.73 8.34
N GLU B 91 -12.79 20.24 7.93
CA GLU B 91 -13.65 21.00 8.82
C GLU B 91 -14.79 20.18 9.41
N HIS B 92 -14.79 18.87 9.17
CA HIS B 92 -15.79 17.95 9.75
C HIS B 92 -17.20 18.28 9.26
N VAL B 93 -17.39 18.25 7.93
CA VAL B 93 -18.71 18.46 7.33
C VAL B 93 -19.12 17.18 6.58
N GLY B 94 -20.32 16.68 6.88
CA GLY B 94 -20.78 15.41 6.32
C GLY B 94 -21.35 15.56 4.93
N VAL B 95 -20.49 15.34 3.94
CA VAL B 95 -20.88 15.39 2.53
C VAL B 95 -20.76 14.00 1.89
N LEU B 96 -21.86 13.48 1.36
CA LEU B 96 -21.85 12.21 0.61
C LEU B 96 -21.56 12.51 -0.85
N HIS B 97 -20.40 12.06 -1.32
CA HIS B 97 -20.01 12.24 -2.71
C HIS B 97 -20.31 10.96 -3.48
N VAL B 98 -21.32 11.02 -4.32
CA VAL B 98 -21.73 9.91 -5.18
C VAL B 98 -21.14 10.15 -6.57
N VAL B 99 -20.46 9.15 -7.12
CA VAL B 99 -19.88 9.26 -8.46
C VAL B 99 -20.53 8.24 -9.37
N GLY B 100 -21.11 8.68 -10.47
CA GLY B 100 -21.55 7.75 -11.53
C GLY B 100 -20.32 7.23 -12.25
N VAL B 101 -20.13 5.91 -12.27
CA VAL B 101 -18.94 5.31 -12.88
C VAL B 101 -19.33 4.36 -14.04
N PRO B 102 -18.35 4.01 -14.89
CA PRO B 102 -18.66 3.12 -16.01
C PRO B 102 -19.27 1.80 -15.57
N SER B 103 -20.09 1.23 -16.45
CA SER B 103 -20.76 -0.04 -16.18
C SER B 103 -19.77 -1.16 -15.82
N ILE B 104 -20.28 -2.14 -15.09
CA ILE B 104 -19.50 -3.30 -14.70
C ILE B 104 -18.86 -3.99 -15.91
N SER B 105 -19.63 -4.10 -17.00
CA SER B 105 -19.09 -4.69 -18.24
C SER B 105 -17.99 -3.84 -18.90
N ALA B 106 -18.13 -2.52 -18.87
CA ALA B 106 -17.11 -1.63 -19.41
C ALA B 106 -15.79 -1.73 -18.63
N GLN B 107 -15.89 -1.87 -17.33
CA GLN B 107 -14.72 -1.98 -16.50
C GLN B 107 -13.99 -3.29 -16.68
N ALA B 108 -14.75 -4.36 -16.76
CA ALA B 108 -14.21 -5.69 -16.91
C ALA B 108 -13.48 -5.82 -18.23
N LYS B 109 -13.99 -5.16 -19.26
CA LYS B 109 -13.35 -5.16 -20.58
C LYS B 109 -12.19 -4.16 -20.64
N GLN B 110 -12.08 -3.37 -19.62
CA GLN B 110 -11.13 -2.29 -19.65
C GLN B 110 -11.23 -1.47 -20.92
N LEU B 111 -12.44 -1.09 -21.28
CA LEU B 111 -12.66 -0.20 -22.41
C LEU B 111 -11.90 1.11 -22.26
N LEU B 112 -11.34 1.61 -23.36
CA LEU B 112 -10.63 2.87 -23.33
C LEU B 112 -11.63 4.02 -23.47
N LEU B 113 -12.36 4.29 -22.40
CA LEU B 113 -13.43 5.25 -22.42
C LEU B 113 -12.95 6.67 -22.10
N HIS B 114 -13.73 7.64 -22.57
CA HIS B 114 -13.56 9.02 -22.16
C HIS B 114 -13.60 9.12 -20.62
N HIS B 115 -12.89 10.13 -20.12
CA HIS B 115 -12.73 10.41 -18.69
C HIS B 115 -11.86 9.36 -17.98
N THR B 116 -11.16 8.52 -18.72
CA THR B 116 -10.12 7.67 -18.09
C THR B 116 -8.72 8.20 -18.39
N LEU B 117 -7.73 7.65 -17.68
CA LEU B 117 -6.33 8.00 -17.97
C LEU B 117 -5.78 7.25 -19.19
N GLY B 118 -6.63 6.44 -19.83
CA GLY B 118 -6.22 5.73 -21.04
C GLY B 118 -5.41 4.49 -20.75
N ASN B 119 -5.32 4.10 -19.48
CA ASN B 119 -4.53 2.95 -19.05
C ASN B 119 -5.35 1.77 -18.51
N GLY B 120 -6.67 1.85 -18.61
CA GLY B 120 -7.58 0.77 -18.20
C GLY B 120 -7.79 0.62 -16.69
N ASP B 121 -7.28 1.59 -15.93
CA ASP B 121 -7.41 1.58 -14.47
C ASP B 121 -8.63 2.37 -14.00
N PHE B 122 -9.67 1.66 -13.60
CA PHE B 122 -10.92 2.29 -13.18
C PHE B 122 -10.97 2.55 -11.67
N THR B 123 -9.87 2.27 -10.98
CA THR B 123 -9.76 2.44 -9.52
C THR B 123 -9.08 3.73 -9.08
N VAL B 124 -8.39 4.40 -10.01
CA VAL B 124 -7.45 5.46 -9.62
C VAL B 124 -8.11 6.63 -8.89
N PHE B 125 -9.28 7.03 -9.36
CA PHE B 125 -9.94 8.20 -8.77
C PHE B 125 -10.54 7.90 -7.41
N HIS B 126 -11.05 6.68 -7.28
CA HIS B 126 -11.52 6.16 -6.00
C HIS B 126 -10.38 6.17 -4.98
N ARG B 127 -9.21 5.68 -5.40
CA ARG B 127 -8.04 5.67 -4.54
C ARG B 127 -7.62 7.07 -4.11
N MET B 128 -7.73 8.03 -5.02
CA MET B 128 -7.41 9.42 -4.70
C MET B 128 -8.38 9.96 -3.64
N SER B 129 -9.68 9.75 -3.87
CA SER B 129 -10.69 10.23 -2.91
C SER B 129 -10.60 9.55 -1.56
N ALA B 130 -10.06 8.33 -1.50
CA ALA B 130 -9.98 7.64 -0.20
C ALA B 130 -9.11 8.39 0.80
N ASN B 131 -8.18 9.22 0.31
CA ASN B 131 -7.32 10.04 1.18
C ASN B 131 -8.06 11.15 1.93
N ILE B 132 -9.25 11.51 1.46
CA ILE B 132 -10.01 12.64 2.03
C ILE B 132 -11.46 12.23 2.34
N SER B 133 -11.66 10.94 2.59
CA SER B 133 -12.98 10.39 2.95
C SER B 133 -12.88 9.57 4.23
N GLU B 134 -13.94 9.61 5.03
CA GLU B 134 -14.01 8.76 6.23
C GLU B 134 -14.04 7.30 5.82
N THR B 135 -14.83 6.99 4.79
CA THR B 135 -14.91 5.65 4.23
C THR B 135 -15.32 5.77 2.78
N THR B 136 -15.24 4.66 2.05
CA THR B 136 -15.60 4.63 0.65
C THR B 136 -16.38 3.36 0.37
N ALA B 137 -17.15 3.37 -0.72
CA ALA B 137 -17.77 2.17 -1.26
C ALA B 137 -17.82 2.28 -2.76
N MET B 138 -17.36 1.23 -3.44
CA MET B 138 -17.53 1.10 -4.88
C MET B 138 -18.46 -0.07 -5.10
N ILE B 139 -19.69 0.22 -5.52
CA ILE B 139 -20.73 -0.80 -5.66
C ILE B 139 -20.43 -1.71 -6.84
N THR B 140 -20.47 -3.02 -6.59
CA THR B 140 -20.23 -4.02 -7.64
C THR B 140 -21.36 -5.04 -7.73
N ASP B 141 -22.11 -5.18 -6.62
CA ASP B 141 -23.10 -6.25 -6.46
C ASP B 141 -24.43 -5.66 -6.00
N ILE B 142 -25.46 -5.85 -6.82
CA ILE B 142 -26.81 -5.38 -6.51
C ILE B 142 -27.36 -5.91 -5.17
N ALA B 143 -26.94 -7.12 -4.78
CA ALA B 143 -27.46 -7.75 -3.58
C ALA B 143 -27.09 -7.04 -2.26
N THR B 144 -25.91 -6.42 -2.22
CA THR B 144 -25.47 -5.74 -1.01
C THR B 144 -25.55 -4.22 -1.16
N ALA B 145 -25.99 -3.77 -2.33
CA ALA B 145 -25.97 -2.34 -2.64
C ALA B 145 -26.81 -1.47 -1.69
N PRO B 146 -28.08 -1.87 -1.39
CA PRO B 146 -28.83 -1.07 -0.42
C PRO B 146 -28.14 -0.93 0.95
N ALA B 147 -27.56 -2.01 1.48
CA ALA B 147 -26.86 -1.94 2.75
C ALA B 147 -25.65 -1.01 2.68
N GLU B 148 -24.94 -1.03 1.55
CA GLU B 148 -23.77 -0.18 1.36
C GLU B 148 -24.16 1.30 1.26
N ILE B 149 -25.26 1.59 0.57
CA ILE B 149 -25.81 2.95 0.55
C ILE B 149 -26.17 3.41 1.97
N ASP B 150 -26.88 2.56 2.73
CA ASP B 150 -27.24 2.92 4.09
C ASP B 150 -26.01 3.17 4.96
N ARG B 151 -24.98 2.34 4.79
CA ARG B 151 -23.73 2.48 5.56
C ARG B 151 -23.06 3.81 5.25
N CYS B 152 -23.03 4.17 3.96
CA CYS B 152 -22.42 5.42 3.53
C CYS B 152 -23.18 6.63 4.09
N ILE B 153 -24.50 6.59 4.03
CA ILE B 153 -25.32 7.68 4.58
C ILE B 153 -25.14 7.81 6.09
N ARG B 154 -25.23 6.68 6.81
CA ARG B 154 -24.99 6.72 8.26
C ARG B 154 -23.63 7.33 8.59
N THR B 155 -22.58 6.82 7.94
CA THR B 155 -21.22 7.25 8.24
C THR B 155 -21.04 8.76 8.02
N THR B 156 -21.56 9.26 6.89
CA THR B 156 -21.49 10.69 6.57
C THR B 156 -22.03 11.51 7.74
N TYR B 157 -23.20 11.12 8.23
CA TYR B 157 -23.88 11.90 9.24
C TYR B 157 -23.26 11.80 10.63
N VAL B 158 -22.94 10.57 11.06
CA VAL B 158 -22.47 10.38 12.43
C VAL B 158 -21.02 10.81 12.61
N THR B 159 -20.22 10.71 11.55
CA THR B 159 -18.82 11.15 11.64
C THR B 159 -18.60 12.59 11.18
N GLN B 160 -19.57 13.13 10.44
CA GLN B 160 -19.44 14.47 9.84
C GLN B 160 -18.14 14.59 9.05
N ARG B 161 -17.92 13.63 8.17
CA ARG B 161 -16.81 13.67 7.23
C ARG B 161 -17.34 13.15 5.90
N PRO B 162 -16.70 13.55 4.80
CA PRO B 162 -17.15 13.05 3.51
C PRO B 162 -17.00 11.55 3.34
N VAL B 163 -17.91 11.00 2.54
CA VAL B 163 -17.90 9.59 2.20
C VAL B 163 -18.02 9.50 0.68
N TYR B 164 -17.30 8.54 0.10
CA TYR B 164 -17.28 8.32 -1.34
C TYR B 164 -18.12 7.09 -1.70
N LEU B 165 -19.05 7.25 -2.64
CA LEU B 165 -19.91 6.16 -3.08
C LEU B 165 -19.92 6.10 -4.59
N GLY B 166 -19.28 5.07 -5.14
CA GLY B 166 -19.21 4.90 -6.59
C GLY B 166 -20.34 4.00 -7.06
N LEU B 167 -21.10 4.46 -8.05
CA LEU B 167 -22.26 3.73 -8.56
C LEU B 167 -22.17 3.48 -10.07
N PRO B 168 -21.86 2.23 -10.47
CA PRO B 168 -21.84 1.90 -11.91
C PRO B 168 -23.17 2.15 -12.62
N ALA B 169 -23.08 2.73 -13.82
CA ALA B 169 -24.25 3.21 -14.57
C ALA B 169 -25.31 2.13 -14.79
N ASN B 170 -24.87 0.89 -15.03
CA ASN B 170 -25.83 -0.19 -15.28
C ASN B 170 -26.62 -0.59 -14.04
N LEU B 171 -25.98 -0.50 -12.87
CA LEU B 171 -26.57 -1.01 -11.62
C LEU B 171 -27.66 -0.10 -11.08
N VAL B 172 -27.67 1.16 -11.48
CA VAL B 172 -28.67 2.10 -10.95
C VAL B 172 -30.11 1.77 -11.39
N ASP B 173 -30.23 1.04 -12.50
CA ASP B 173 -31.55 0.66 -13.02
C ASP B 173 -31.98 -0.74 -12.61
N LEU B 174 -31.16 -1.41 -11.82
CA LEU B 174 -31.56 -2.74 -11.32
C LEU B 174 -32.44 -2.61 -10.09
N ASN B 175 -33.35 -3.57 -9.92
CA ASN B 175 -34.33 -3.51 -8.86
C ASN B 175 -33.82 -4.05 -7.53
N VAL B 176 -34.27 -3.42 -6.44
CA VAL B 176 -33.99 -3.86 -5.09
C VAL B 176 -35.34 -3.89 -4.35
N PRO B 177 -35.40 -4.60 -3.20
CA PRO B 177 -36.68 -4.66 -2.47
C PRO B 177 -37.09 -3.33 -1.81
N ALA B 178 -38.27 -2.83 -2.20
CA ALA B 178 -38.81 -1.57 -1.68
C ALA B 178 -39.06 -1.60 -0.17
N LYS B 179 -39.30 -2.80 0.37
CA LYS B 179 -39.57 -2.96 1.80
C LYS B 179 -38.39 -2.52 2.70
N LEU B 180 -37.18 -2.52 2.16
CA LEU B 180 -35.99 -2.09 2.89
C LEU B 180 -36.12 -0.64 3.38
N LEU B 181 -36.86 0.17 2.63
CA LEU B 181 -37.08 1.58 2.97
C LEU B 181 -37.96 1.77 4.21
N GLN B 182 -38.69 0.72 4.59
CA GLN B 182 -39.62 0.82 5.73
C GLN B 182 -38.91 0.76 7.08
N THR B 183 -37.64 0.41 7.07
CA THR B 183 -36.80 0.42 8.26
C THR B 183 -35.78 1.55 8.09
N PRO B 184 -35.80 2.53 9.02
CA PRO B 184 -34.91 3.68 8.86
C PRO B 184 -33.44 3.32 9.01
N ILE B 185 -32.59 4.12 8.40
CA ILE B 185 -31.16 4.08 8.68
C ILE B 185 -30.95 4.57 10.13
N ASP B 186 -30.08 3.87 10.85
CA ASP B 186 -29.66 4.30 12.19
C ASP B 186 -28.71 5.50 12.06
N MET B 187 -29.12 6.63 12.59
CA MET B 187 -28.38 7.88 12.43
C MET B 187 -27.85 8.41 13.75
N SER B 188 -27.77 7.51 14.73
CA SER B 188 -27.33 7.87 16.07
C SER B 188 -25.99 7.25 16.40
N LEU B 189 -25.23 7.95 17.25
CA LEU B 189 -23.98 7.41 17.80
C LEU B 189 -24.25 6.18 18.65
N LYS B 190 -23.29 5.30 18.71
CA LYS B 190 -23.31 4.17 19.64
C LYS B 190 -23.05 4.72 21.03
N PRO B 191 -23.69 4.13 22.05
CA PRO B 191 -23.41 4.53 23.42
C PRO B 191 -21.95 4.36 23.83
N ASN B 192 -21.50 5.22 24.74
CA ASN B 192 -20.15 5.11 25.29
C ASN B 192 -19.99 3.89 26.18
N ASP B 193 -18.74 3.47 26.34
CA ASP B 193 -18.40 2.51 27.39
C ASP B 193 -18.91 3.10 28.70
N ALA B 194 -19.72 2.33 29.43
CA ALA B 194 -20.41 2.83 30.61
C ALA B 194 -19.47 3.26 31.74
N GLU B 195 -18.46 2.45 32.01
CA GLU B 195 -17.52 2.73 33.10
C GLU B 195 -16.63 3.94 32.81
N SER B 196 -16.12 4.04 31.59
CA SER B 196 -15.27 5.17 31.22
C SER B 196 -16.08 6.47 31.27
N GLU B 197 -17.28 6.43 30.70
CA GLU B 197 -18.16 7.61 30.70
C GLU B 197 -18.48 8.06 32.12
N LYS B 198 -18.84 7.10 32.99
CA LYS B 198 -19.14 7.43 34.38
C LYS B 198 -17.94 8.10 35.07
N GLU B 199 -16.74 7.55 34.86
CA GLU B 199 -15.56 8.15 35.47
C GLU B 199 -15.37 9.59 34.99
N VAL B 200 -15.49 9.80 33.69
CA VAL B 200 -15.37 11.14 33.10
C VAL B 200 -16.36 12.12 33.73
N ILE B 201 -17.64 11.73 33.75
CA ILE B 201 -18.70 12.59 34.31
C ILE B 201 -18.42 12.90 35.77
N ASP B 202 -18.07 11.90 36.56
CA ASP B 202 -17.87 12.11 37.95
C ASP B 202 -16.67 13.03 38.21
N THR B 203 -15.59 12.85 37.48
CA THR B 203 -14.43 13.71 37.61
C THR B 203 -14.74 15.19 37.28
N ILE B 204 -15.49 15.40 36.23
CA ILE B 204 -15.87 16.72 35.83
C ILE B 204 -16.73 17.36 36.87
N LEU B 205 -17.72 16.63 37.35
CA LEU B 205 -18.58 17.17 38.40
C LEU B 205 -17.78 17.61 39.62
N VAL B 206 -16.78 16.84 40.03
CA VAL B 206 -15.95 17.22 41.19
C VAL B 206 -15.08 18.45 40.89
N LEU B 207 -14.58 18.55 39.67
CA LEU B 207 -13.80 19.73 39.29
C LEU B 207 -14.70 20.96 39.29
N ASP B 208 -15.85 20.82 38.81
CA ASP B 208 -16.79 21.90 38.85
C ASP B 208 -17.18 22.44 40.21
N LYS B 209 -17.41 21.51 41.10
CA LYS B 209 -17.75 21.87 42.47
C LYS B 209 -16.64 22.68 43.15
N ASP B 210 -15.40 22.40 42.79
CA ASP B 210 -14.24 23.04 43.40
C ASP B 210 -13.79 24.34 42.75
N ALA B 211 -14.34 24.64 41.58
CA ALA B 211 -13.85 25.77 40.78
C ALA B 211 -14.44 27.11 41.21
N LYS B 212 -13.57 28.10 41.35
CA LYS B 212 -13.99 29.46 41.72
C LYS B 212 -14.14 30.38 40.51
N ASN B 213 -13.43 30.08 39.42
CA ASN B 213 -13.49 30.87 38.19
C ASN B 213 -13.44 29.93 36.98
N PRO B 214 -14.45 29.06 36.84
CA PRO B 214 -14.52 28.20 35.66
C PRO B 214 -15.02 29.00 34.47
N VAL B 215 -14.55 28.62 33.27
CA VAL B 215 -15.04 29.24 32.04
C VAL B 215 -15.31 28.15 31.01
N ILE B 216 -16.24 28.44 30.11
CA ILE B 216 -16.57 27.56 29.00
C ILE B 216 -16.02 28.19 27.73
N LEU B 217 -15.34 27.40 26.89
CA LEU B 217 -14.80 27.85 25.61
C LEU B 217 -15.31 26.97 24.47
N ALA B 218 -16.21 27.50 23.66
CA ALA B 218 -16.84 26.75 22.56
C ALA B 218 -16.09 26.96 21.25
N ASP B 219 -15.71 25.86 20.60
CA ASP B 219 -14.87 25.92 19.40
C ASP B 219 -15.55 25.13 18.27
N ALA B 220 -14.82 24.94 17.16
CA ALA B 220 -15.40 24.40 15.94
C ALA B 220 -16.27 23.16 16.12
N CYS B 221 -15.79 22.18 16.89
CA CYS B 221 -16.55 20.93 16.96
C CYS B 221 -17.80 20.98 17.83
N CYS B 222 -17.97 22.05 18.61
CA CYS B 222 -19.25 22.30 19.29
C CYS B 222 -20.36 22.35 18.24
N SER B 223 -20.09 23.07 17.15
CA SER B 223 -21.03 23.19 16.05
C SER B 223 -21.01 21.93 15.15
N ARG B 224 -19.82 21.52 14.73
CA ARG B 224 -19.73 20.46 13.73
C ARG B 224 -20.25 19.12 14.22
N HIS B 225 -20.08 18.83 15.50
CA HIS B 225 -20.53 17.56 16.05
C HIS B 225 -21.79 17.67 16.92
N ASP B 226 -22.59 18.69 16.60
CA ASP B 226 -23.97 18.76 17.04
C ASP B 226 -24.12 18.74 18.56
N VAL B 227 -23.37 19.59 19.27
CA VAL B 227 -23.59 19.72 20.73
C VAL B 227 -23.95 21.14 21.15
N LYS B 228 -24.46 21.93 20.21
CA LYS B 228 -24.86 23.29 20.53
C LYS B 228 -25.97 23.37 21.58
N ALA B 229 -26.96 22.52 21.50
CA ALA B 229 -28.07 22.53 22.45
C ALA B 229 -27.63 22.16 23.86
N GLU B 230 -26.80 21.15 23.94
CA GLU B 230 -26.21 20.74 25.18
C GLU B 230 -25.33 21.82 25.79
N THR B 231 -24.54 22.47 24.98
CA THR B 231 -23.70 23.56 25.45
C THR B 231 -24.52 24.78 25.93
N LYS B 232 -25.60 25.08 25.23
CA LYS B 232 -26.50 26.11 25.66
C LYS B 232 -27.06 25.78 27.04
N LYS B 233 -27.44 24.56 27.24
CA LYS B 233 -27.98 24.19 28.52
C LYS B 233 -26.92 24.21 29.58
N LEU B 234 -25.72 23.79 29.22
CA LEU B 234 -24.61 23.83 30.16
C LEU B 234 -24.38 25.26 30.65
N ILE B 235 -24.39 26.20 29.71
CA ILE B 235 -24.21 27.61 30.05
C ILE B 235 -25.30 28.10 31.01
N ASP B 236 -26.56 27.79 30.69
CA ASP B 236 -27.70 28.19 31.52
C ASP B 236 -27.64 27.60 32.94
N LEU B 237 -27.36 26.33 33.05
CA LEU B 237 -27.38 25.66 34.34
C LEU B 237 -26.22 26.02 35.23
N THR B 238 -25.09 26.38 34.64
CA THR B 238 -23.94 26.70 35.42
C THR B 238 -23.78 28.19 35.72
N GLN B 239 -24.21 29.02 34.81
CA GLN B 239 -23.90 30.43 34.83
C GLN B 239 -22.42 30.81 34.71
N PHE B 240 -21.63 29.88 34.21
CA PHE B 240 -20.24 30.18 33.97
C PHE B 240 -20.05 31.11 32.73
N PRO B 241 -19.03 31.97 32.77
CA PRO B 241 -18.69 32.77 31.59
C PRO B 241 -18.45 31.85 30.40
N ALA B 242 -18.96 32.25 29.25
CA ALA B 242 -18.84 31.46 28.01
C ALA B 242 -18.21 32.31 26.91
N PHE B 243 -17.18 31.76 26.29
CA PHE B 243 -16.43 32.40 25.21
C PHE B 243 -16.48 31.51 23.99
N VAL B 244 -16.23 32.10 22.84
CA VAL B 244 -16.24 31.36 21.57
C VAL B 244 -14.97 31.64 20.79
N THR B 245 -14.59 30.72 19.91
CA THR B 245 -13.45 30.90 19.03
C THR B 245 -13.91 31.42 17.67
N PRO B 246 -12.97 31.92 16.84
CA PRO B 246 -13.39 32.27 15.48
C PRO B 246 -14.09 31.15 14.71
N MET B 247 -13.52 29.95 14.72
CA MET B 247 -14.07 28.85 13.96
C MET B 247 -15.40 28.36 14.54
N GLY B 248 -15.61 28.60 15.83
CA GLY B 248 -16.85 28.18 16.49
C GLY B 248 -17.91 29.28 16.55
N LYS B 249 -17.60 30.47 16.02
CA LYS B 249 -18.49 31.61 16.20
C LYS B 249 -19.89 31.30 15.67
N GLY B 250 -20.88 31.64 16.49
CA GLY B 250 -22.26 31.29 16.22
C GLY B 250 -22.74 30.07 16.99
N SER B 251 -21.80 29.27 17.51
CA SER B 251 -22.17 28.04 18.21
C SER B 251 -22.83 28.31 19.55
N ILE B 252 -22.52 29.45 20.15
CA ILE B 252 -23.19 29.92 21.38
C ILE B 252 -23.78 31.31 21.16
N ASP B 253 -24.83 31.60 21.93
CA ASP B 253 -25.60 32.82 21.79
C ASP B 253 -24.86 34.04 22.36
N GLU B 254 -24.59 35.00 21.49
CA GLU B 254 -23.78 36.15 21.88
C GLU B 254 -24.54 37.23 22.64
N GLN B 255 -25.87 37.11 22.70
CA GLN B 255 -26.70 38.02 23.51
C GLN B 255 -26.96 37.47 24.92
N HIS B 256 -26.44 36.29 25.23
CA HIS B 256 -26.60 35.74 26.57
C HIS B 256 -25.84 36.60 27.58
N PRO B 257 -26.45 36.86 28.77
CA PRO B 257 -25.75 37.71 29.73
C PRO B 257 -24.38 37.23 30.20
N ARG B 258 -24.09 35.93 30.04
CA ARG B 258 -22.82 35.38 30.51
C ARG B 258 -21.81 35.18 29.37
N TYR B 259 -22.16 35.63 28.18
CA TYR B 259 -21.25 35.56 27.03
C TYR B 259 -20.17 36.60 27.20
N GLY B 260 -18.91 36.16 27.08
CA GLY B 260 -17.78 37.00 27.33
C GLY B 260 -16.99 37.48 26.13
N GLY B 261 -17.24 36.93 24.95
CA GLY B 261 -16.55 37.39 23.75
C GLY B 261 -15.79 36.31 23.00
N VAL B 262 -15.01 36.74 22.02
CA VAL B 262 -14.26 35.86 21.11
C VAL B 262 -12.82 35.74 21.60
N TYR B 263 -12.45 34.52 21.99
CA TYR B 263 -11.10 34.24 22.44
C TYR B 263 -10.25 33.73 21.29
N VAL B 264 -9.12 34.42 21.07
CA VAL B 264 -8.18 34.11 19.99
C VAL B 264 -6.75 34.22 20.52
N GLY B 265 -6.51 33.68 21.72
CA GLY B 265 -5.19 33.79 22.33
C GLY B 265 -4.74 35.23 22.46
N THR B 266 -3.50 35.50 22.05
CA THR B 266 -2.91 36.85 22.19
C THR B 266 -3.61 37.89 21.32
N LEU B 267 -4.38 37.45 20.33
CA LEU B 267 -5.10 38.40 19.46
C LEU B 267 -6.49 38.77 19.99
N SER B 268 -6.88 38.23 21.14
CA SER B 268 -8.13 38.62 21.78
C SER B 268 -8.03 40.06 22.26
N LYS B 269 -9.18 40.71 22.45
CA LYS B 269 -9.22 41.96 23.21
C LYS B 269 -8.59 41.66 24.56
N PRO B 270 -7.84 42.62 25.13
CA PRO B 270 -7.17 42.35 26.41
C PRO B 270 -8.10 41.82 27.50
N GLU B 271 -9.32 42.36 27.60
CA GLU B 271 -10.21 41.93 28.68
C GLU B 271 -10.68 40.49 28.49
N VAL B 272 -10.82 40.08 27.23
CA VAL B 272 -11.22 38.69 26.93
C VAL B 272 -10.06 37.72 27.21
N LYS B 273 -8.85 38.06 26.78
CA LYS B 273 -7.68 37.24 27.06
C LYS B 273 -7.54 36.99 28.57
N GLU B 274 -7.64 38.06 29.35
CA GLU B 274 -7.49 37.98 30.80
C GLU B 274 -8.59 37.13 31.43
N ALA B 275 -9.84 37.31 30.99
CA ALA B 275 -10.95 36.58 31.59
C ALA B 275 -10.87 35.07 31.35
N VAL B 276 -10.43 34.68 30.16
CA VAL B 276 -10.27 33.27 29.84
C VAL B 276 -9.06 32.68 30.57
N GLU B 277 -7.94 33.38 30.48
CA GLU B 277 -6.68 32.82 30.95
C GLU B 277 -6.53 32.83 32.47
N SER B 278 -7.39 33.59 33.14
CA SER B 278 -7.42 33.61 34.61
C SER B 278 -8.24 32.45 35.20
N ALA B 279 -8.88 31.66 34.34
CA ALA B 279 -9.77 30.58 34.79
C ALA B 279 -9.02 29.58 35.65
N ASP B 280 -9.71 29.00 36.63
CA ASP B 280 -9.16 27.86 37.36
C ASP B 280 -9.73 26.50 36.90
N LEU B 281 -10.58 26.54 35.88
CA LEU B 281 -11.12 25.37 35.22
C LEU B 281 -11.57 25.83 33.84
N ILE B 282 -11.17 25.09 32.80
CA ILE B 282 -11.63 25.40 31.44
C ILE B 282 -12.38 24.21 30.90
N LEU B 283 -13.64 24.45 30.56
CA LEU B 283 -14.47 23.47 29.87
C LEU B 283 -14.41 23.80 28.38
N SER B 284 -13.56 23.05 27.67
CA SER B 284 -13.25 23.31 26.26
C SER B 284 -14.09 22.38 25.41
N VAL B 285 -15.04 22.96 24.67
CA VAL B 285 -15.97 22.16 23.88
C VAL B 285 -15.58 22.17 22.39
N GLY B 286 -14.95 21.08 21.95
CA GLY B 286 -14.69 20.87 20.53
C GLY B 286 -13.52 21.65 19.96
N ALA B 287 -12.41 21.70 20.69
CA ALA B 287 -11.24 22.50 20.27
C ALA B 287 -10.68 22.04 18.93
N LEU B 288 -10.28 23.00 18.12
CA LEU B 288 -9.57 22.73 16.89
C LEU B 288 -8.55 23.87 16.75
N LEU B 289 -7.34 23.63 17.23
CA LEU B 289 -6.39 24.71 17.46
C LEU B 289 -5.52 25.03 16.24
N SER B 290 -6.16 25.49 15.18
CA SER B 290 -5.45 25.86 13.95
C SER B 290 -4.79 27.21 14.09
N ASP B 291 -3.81 27.51 13.23
CA ASP B 291 -3.10 28.81 13.30
C ASP B 291 -4.03 30.03 13.30
N PHE B 292 -4.91 30.14 12.34
CA PHE B 292 -5.77 31.32 12.24
C PHE B 292 -6.85 31.34 13.35
N ASN B 293 -7.17 30.18 13.88
CA ASN B 293 -8.12 30.09 14.98
C ASN B 293 -7.52 30.55 16.29
N THR B 294 -6.22 30.66 16.38
CA THR B 294 -5.56 30.74 17.70
C THR B 294 -4.44 31.81 17.78
N GLY B 295 -4.32 32.65 16.77
CA GLY B 295 -3.17 33.55 16.71
C GLY B 295 -1.84 32.85 16.68
N SER B 296 -1.77 31.88 15.81
CA SER B 296 -0.58 31.03 15.68
C SER B 296 -0.21 30.37 17.02
N PHE B 297 -1.19 29.70 17.62
CA PHE B 297 -0.97 28.78 18.77
C PHE B 297 -0.56 29.55 20.02
N SER B 298 -1.24 30.68 20.22
CA SER B 298 -0.85 31.64 21.24
C SER B 298 -1.63 31.55 22.56
N TYR B 299 -2.43 30.51 22.75
CA TYR B 299 -3.14 30.33 24.03
C TYR B 299 -2.15 30.32 25.17
N SER B 300 -2.53 30.94 26.29
CA SER B 300 -1.69 31.00 27.48
C SER B 300 -2.55 30.78 28.72
N TYR B 301 -3.23 29.65 28.77
CA TYR B 301 -4.00 29.24 29.95
C TYR B 301 -3.06 29.19 31.15
N LYS B 302 -3.48 29.76 32.26
CA LYS B 302 -2.66 29.72 33.47
C LYS B 302 -2.93 28.45 34.27
N THR B 303 -4.01 27.75 33.99
CA THR B 303 -4.40 26.53 34.68
C THR B 303 -4.05 25.28 33.87
N LYS B 304 -3.85 24.20 34.60
CA LYS B 304 -3.74 22.85 34.07
C LYS B 304 -5.09 22.12 34.13
N ASN B 305 -6.07 22.68 34.85
CA ASN B 305 -7.40 22.08 34.98
C ASN B 305 -8.22 22.31 33.70
N ILE B 306 -7.88 21.56 32.66
CA ILE B 306 -8.54 21.67 31.37
C ILE B 306 -9.30 20.39 31.08
N VAL B 307 -10.57 20.54 30.77
CA VAL B 307 -11.39 19.44 30.31
C VAL B 307 -11.62 19.65 28.83
N GLU B 308 -11.09 18.75 28.01
CA GLU B 308 -11.34 18.78 26.56
C GLU B 308 -12.45 17.82 26.18
N PHE B 309 -13.57 18.37 25.71
CA PHE B 309 -14.65 17.57 25.13
C PHE B 309 -14.38 17.44 23.63
N HIS B 310 -14.36 16.20 23.14
CA HIS B 310 -14.24 15.97 21.70
C HIS B 310 -15.27 14.97 21.21
N SER B 311 -15.48 14.94 19.89
CA SER B 311 -16.47 14.06 19.29
C SER B 311 -16.22 12.59 19.60
N ASP B 312 -14.93 12.23 19.68
CA ASP B 312 -14.49 10.83 19.71
C ASP B 312 -13.70 10.45 20.96
N HIS B 313 -13.45 11.41 21.84
CA HIS B 313 -12.68 11.18 23.06
C HIS B 313 -12.81 12.32 24.04
N MET B 314 -12.37 12.08 25.26
CA MET B 314 -12.29 13.13 26.28
C MET B 314 -10.87 13.22 26.80
N LYS B 315 -10.48 14.41 27.26
CA LYS B 315 -9.23 14.58 27.99
C LYS B 315 -9.53 15.43 29.24
N ILE B 316 -8.97 15.03 30.37
CA ILE B 316 -9.08 15.81 31.58
C ILE B 316 -7.68 15.93 32.14
N ARG B 317 -7.16 17.15 32.18
CA ARG B 317 -5.76 17.36 32.55
C ARG B 317 -4.88 16.52 31.58
N ASN B 318 -4.04 15.62 32.10
CA ASN B 318 -3.21 14.77 31.24
C ASN B 318 -3.85 13.43 30.92
N ALA B 319 -5.00 13.16 31.51
CA ALA B 319 -5.68 11.86 31.35
C ALA B 319 -6.52 11.86 30.09
N THR B 320 -6.31 10.86 29.23
CA THR B 320 -7.09 10.67 28.01
C THR B 320 -8.08 9.52 28.18
N PHE B 321 -9.27 9.68 27.60
CA PHE B 321 -10.31 8.65 27.64
C PHE B 321 -10.73 8.36 26.20
N PRO B 322 -9.98 7.48 25.51
CA PRO B 322 -10.26 7.17 24.12
C PRO B 322 -11.66 6.63 23.96
N GLY B 323 -12.34 7.07 22.91
CA GLY B 323 -13.65 6.55 22.57
C GLY B 323 -14.82 7.17 23.34
N VAL B 324 -14.54 7.97 24.38
CA VAL B 324 -15.61 8.61 25.14
C VAL B 324 -16.10 9.86 24.42
N GLN B 325 -17.29 9.74 23.84
CA GLN B 325 -17.89 10.74 22.94
C GLN B 325 -18.55 11.86 23.73
N MET B 326 -18.21 13.11 23.40
CA MET B 326 -18.71 14.24 24.17
C MET B 326 -20.23 14.41 24.13
N LYS B 327 -20.89 13.95 23.07
CA LYS B 327 -22.35 14.11 22.96
C LYS B 327 -23.03 13.59 24.21
N PHE B 328 -22.69 12.37 24.59
CA PHE B 328 -23.33 11.74 25.74
C PHE B 328 -22.78 12.21 27.08
N VAL B 329 -21.50 12.55 27.13
CA VAL B 329 -20.93 13.15 28.34
C VAL B 329 -21.67 14.47 28.67
N LEU B 330 -21.80 15.33 27.66
CA LEU B 330 -22.50 16.60 27.85
C LEU B 330 -23.95 16.40 28.26
N GLN B 331 -24.66 15.50 27.58
CA GLN B 331 -26.07 15.24 27.90
C GLN B 331 -26.23 14.79 29.34
N LYS B 332 -25.40 13.85 29.76
CA LYS B 332 -25.51 13.27 31.10
C LYS B 332 -25.03 14.23 32.18
N LEU B 333 -24.04 15.07 31.85
CA LEU B 333 -23.59 16.11 32.79
C LEU B 333 -24.74 17.04 33.19
N LEU B 334 -25.67 17.28 32.26
CA LEU B 334 -26.79 18.18 32.56
C LEU B 334 -27.67 17.69 33.70
N THR B 335 -27.62 16.40 34.00
CA THR B 335 -28.44 15.83 35.08
C THR B 335 -28.04 16.38 36.45
N THR B 336 -26.75 16.59 36.66
CA THR B 336 -26.25 16.94 37.99
C THR B 336 -25.46 18.23 38.07
N ILE B 337 -25.23 18.90 36.94
CA ILE B 337 -24.30 20.02 36.94
C ILE B 337 -24.83 21.24 37.70
N ALA B 338 -26.16 21.43 37.70
CA ALA B 338 -26.72 22.58 38.43
C ALA B 338 -26.40 22.47 39.91
N ASP B 339 -26.55 21.26 40.46
CA ASP B 339 -26.20 21.01 41.86
C ASP B 339 -24.67 21.17 42.10
N ALA B 340 -23.86 20.64 41.17
CA ALA B 340 -22.41 20.76 41.28
C ALA B 340 -21.94 22.23 41.31
N ALA B 341 -22.66 23.07 40.58
CA ALA B 341 -22.30 24.48 40.40
C ALA B 341 -23.07 25.42 41.34
N LYS B 342 -23.83 24.84 42.28
CA LYS B 342 -24.68 25.61 43.20
C LYS B 342 -23.92 26.66 44.02
N GLY B 343 -22.68 26.37 44.38
CA GLY B 343 -21.88 27.29 45.21
C GLY B 343 -21.12 28.36 44.45
N TYR B 344 -21.32 28.41 43.13
CA TYR B 344 -20.56 29.33 42.28
C TYR B 344 -21.06 30.78 42.40
N LYS B 345 -20.14 31.67 42.78
CA LYS B 345 -20.44 33.11 42.85
C LYS B 345 -20.02 33.73 41.52
N PRO B 346 -21.00 34.22 40.73
CA PRO B 346 -20.69 34.65 39.35
C PRO B 346 -19.58 35.68 39.25
N VAL B 347 -18.63 35.37 38.39
CA VAL B 347 -17.54 36.28 38.03
C VAL B 347 -18.05 37.12 36.87
N ALA B 348 -17.71 38.40 36.86
CA ALA B 348 -18.12 39.29 35.78
C ALA B 348 -17.53 38.85 34.44
N VAL B 349 -18.25 39.11 33.37
CA VAL B 349 -17.71 38.88 32.02
C VAL B 349 -17.34 40.23 31.40
N PRO B 350 -16.35 40.23 30.48
CA PRO B 350 -15.96 41.47 29.80
C PRO B 350 -17.14 42.10 29.08
N ALA B 351 -17.19 43.44 29.09
CA ALA B 351 -18.27 44.14 28.38
C ALA B 351 -18.10 44.00 26.87
N ARG B 352 -19.21 44.09 26.17
CA ARG B 352 -19.20 44.18 24.71
C ARG B 352 -18.43 45.41 24.27
N THR B 353 -17.73 45.27 23.14
CA THR B 353 -17.06 46.40 22.50
C THR B 353 -18.04 47.57 22.35
N PRO B 354 -17.62 48.80 22.71
CA PRO B 354 -18.53 49.92 22.54
C PRO B 354 -19.00 50.09 21.08
N ALA B 355 -20.25 50.52 20.92
CA ALA B 355 -20.79 50.87 19.62
C ALA B 355 -19.97 51.99 18.99
N ASN B 356 -19.98 52.05 17.67
CA ASN B 356 -19.33 53.13 16.96
C ASN B 356 -19.96 54.46 17.33
N ALA B 357 -19.12 55.47 17.58
CA ALA B 357 -19.62 56.82 17.78
C ALA B 357 -20.17 57.40 16.48
N ALA B 358 -21.12 58.32 16.61
CA ALA B 358 -21.66 59.00 15.44
C ALA B 358 -20.56 59.76 14.72
N VAL B 359 -20.56 59.66 13.39
CA VAL B 359 -19.60 60.36 12.55
C VAL B 359 -20.34 60.92 11.34
N PRO B 360 -19.77 61.94 10.67
CA PRO B 360 -20.47 62.50 9.50
C PRO B 360 -20.81 61.47 8.43
N ALA B 361 -21.89 61.68 7.71
CA ALA B 361 -22.30 60.77 6.66
C ALA B 361 -21.28 60.48 5.59
N SER B 362 -20.46 61.46 5.30
CA SER B 362 -19.46 61.41 4.28
C SER B 362 -18.21 60.63 4.68
N THR B 363 -18.14 60.14 5.90
CA THR B 363 -16.98 59.41 6.34
C THR B 363 -16.71 58.16 5.48
N PRO B 364 -15.54 58.08 4.86
CA PRO B 364 -15.24 56.89 4.10
C PRO B 364 -15.30 55.64 4.95
N LEU B 365 -15.77 54.57 4.35
CA LEU B 365 -15.86 53.29 5.03
C LEU B 365 -14.48 52.71 5.36
N LYS B 366 -14.36 52.19 6.57
CA LYS B 366 -13.18 51.48 7.03
C LYS B 366 -13.63 50.14 7.59
N GLN B 367 -12.75 49.14 7.49
CA GLN B 367 -13.04 47.79 7.95
C GLN B 367 -13.45 47.75 9.41
N GLU B 368 -12.68 48.37 10.30
CA GLU B 368 -12.96 48.24 11.72
C GLU B 368 -14.36 48.80 12.04
N TRP B 369 -14.67 49.96 11.48
CA TRP B 369 -15.98 50.54 11.65
C TRP B 369 -17.08 49.58 11.17
N MET B 370 -16.88 49.05 9.97
CA MET B 370 -17.88 48.22 9.33
C MET B 370 -18.21 46.96 10.14
N TRP B 371 -17.19 46.23 10.59
CA TRP B 371 -17.47 45.00 11.36
C TRP B 371 -18.17 45.30 12.67
N ASN B 372 -17.83 46.44 13.28
CA ASN B 372 -18.50 46.85 14.52
C ASN B 372 -19.88 47.43 14.30
N GLN B 373 -20.20 47.83 13.07
CA GLN B 373 -21.54 48.33 12.72
C GLN B 373 -22.47 47.21 12.25
N LEU B 374 -21.89 46.16 11.68
CA LEU B 374 -22.65 45.09 11.04
C LEU B 374 -23.67 44.42 11.99
N GLY B 375 -23.36 44.38 13.28
CA GLY B 375 -24.28 43.79 14.23
C GLY B 375 -25.65 44.48 14.23
N ASN B 376 -25.71 45.74 13.83
CA ASN B 376 -27.00 46.46 13.78
C ASN B 376 -27.95 45.85 12.74
N PHE B 377 -27.36 45.34 11.66
CA PHE B 377 -28.12 44.85 10.51
C PHE B 377 -28.62 43.42 10.72
N LEU B 378 -27.80 42.62 11.39
CA LEU B 378 -28.10 41.19 11.55
C LEU B 378 -29.36 40.99 12.38
N GLN B 379 -30.04 39.85 12.17
CA GLN B 379 -31.22 39.50 12.95
C GLN B 379 -31.17 38.02 13.33
N GLU B 380 -31.94 37.65 14.35
CA GLU B 380 -31.99 36.25 14.77
C GLU B 380 -32.38 35.37 13.59
N GLY B 381 -31.70 34.21 13.48
CA GLY B 381 -31.96 33.26 12.41
C GLY B 381 -31.07 33.43 11.18
N ASP B 382 -30.35 34.55 11.09
CA ASP B 382 -29.48 34.77 9.93
C ASP B 382 -28.40 33.69 9.82
N VAL B 383 -28.05 33.39 8.58
CA VAL B 383 -26.83 32.63 8.28
C VAL B 383 -25.81 33.66 7.80
N VAL B 384 -24.65 33.73 8.45
CA VAL B 384 -23.66 34.76 8.14
C VAL B 384 -22.37 34.06 7.72
N ILE B 385 -21.97 34.30 6.48
CA ILE B 385 -20.87 33.59 5.85
C ILE B 385 -19.77 34.58 5.53
N ALA B 386 -18.54 34.28 5.92
CA ALA B 386 -17.42 35.20 5.71
C ALA B 386 -16.26 34.48 5.06
N GLU B 387 -15.75 35.04 3.97
CA GLU B 387 -14.67 34.41 3.21
C GLU B 387 -13.30 34.66 3.79
N THR B 388 -12.44 33.64 3.64
CA THR B 388 -11.02 33.80 3.94
C THR B 388 -10.49 35.07 3.24
N GLY B 389 -9.74 35.86 4.01
CA GLY B 389 -9.39 37.23 3.63
C GLY B 389 -9.79 38.18 4.75
N THR B 390 -9.88 39.48 4.46
CA THR B 390 -10.28 40.40 5.53
C THR B 390 -11.64 40.03 6.14
N SER B 391 -12.56 39.49 5.34
CA SER B 391 -13.92 39.18 5.84
C SER B 391 -13.90 38.19 7.00
N ALA B 392 -13.19 37.08 6.83
CA ALA B 392 -13.16 36.08 7.90
C ALA B 392 -12.54 36.65 9.17
N PHE B 393 -11.52 37.50 9.04
CA PHE B 393 -10.91 38.07 10.23
C PHE B 393 -11.79 39.14 10.85
N GLY B 394 -12.47 39.91 10.01
CA GLY B 394 -13.29 41.00 10.49
C GLY B 394 -14.55 40.54 11.19
N ILE B 395 -15.15 39.44 10.72
CA ILE B 395 -16.41 38.99 11.30
C ILE B 395 -16.28 38.63 12.78
N ASN B 396 -15.04 38.32 13.20
CA ASN B 396 -14.79 38.07 14.61
C ASN B 396 -15.17 39.25 15.50
N GLN B 397 -15.15 40.45 14.93
CA GLN B 397 -15.48 41.68 15.68
C GLN B 397 -16.95 42.05 15.62
N THR B 398 -17.73 41.28 14.88
CA THR B 398 -19.16 41.53 14.74
C THR B 398 -19.91 40.80 15.85
N THR B 399 -20.84 41.49 16.49
CA THR B 399 -21.71 40.85 17.48
C THR B 399 -22.90 40.25 16.76
N PHE B 400 -23.13 38.96 17.00
CA PHE B 400 -24.28 38.25 16.40
C PHE B 400 -25.50 38.32 17.30
N PRO B 401 -26.70 38.40 16.70
CA PRO B 401 -27.93 38.12 17.45
C PRO B 401 -27.93 36.65 17.91
N ASN B 402 -28.80 36.31 18.86
CA ASN B 402 -28.97 34.90 19.20
C ASN B 402 -29.40 34.12 17.96
N ASN B 403 -29.14 32.81 17.95
CA ASN B 403 -29.58 31.95 16.86
C ASN B 403 -29.04 32.41 15.49
N THR B 404 -27.76 32.76 15.46
CA THR B 404 -27.07 33.09 14.20
C THR B 404 -26.17 31.92 13.83
N TYR B 405 -26.26 31.48 12.59
CA TYR B 405 -25.38 30.42 12.12
C TYR B 405 -24.23 31.02 11.35
N GLY B 406 -23.04 30.98 11.94
CA GLY B 406 -21.85 31.50 11.26
C GLY B 406 -21.16 30.41 10.46
N ILE B 407 -20.69 30.78 9.27
CA ILE B 407 -19.81 29.91 8.48
C ILE B 407 -18.53 30.68 8.17
N SER B 408 -17.41 30.18 8.68
CA SER B 408 -16.09 30.70 8.30
C SER B 408 -15.15 29.51 8.29
N GLN B 409 -14.54 29.26 7.14
CA GLN B 409 -13.66 28.11 6.89
C GLN B 409 -12.22 28.39 7.37
N VAL B 410 -12.08 28.54 8.67
CA VAL B 410 -10.86 29.04 9.28
C VAL B 410 -9.69 28.09 9.05
N LEU B 411 -9.93 26.78 9.14
CA LEU B 411 -8.85 25.82 8.91
C LEU B 411 -8.53 25.60 7.44
N TRP B 412 -9.51 25.19 6.64
CA TRP B 412 -9.18 24.84 5.26
C TRP B 412 -8.82 26.08 4.47
N GLY B 413 -9.62 27.13 4.60
CA GLY B 413 -9.23 28.44 4.06
C GLY B 413 -9.15 28.51 2.56
N SER B 414 -10.07 27.85 1.86
CA SER B 414 -10.06 27.87 0.41
C SER B 414 -10.86 29.05 -0.12
N ILE B 415 -10.19 30.05 -0.68
CA ILE B 415 -10.94 31.20 -1.21
C ILE B 415 -11.84 30.79 -2.37
N GLY B 416 -13.02 31.40 -2.43
CA GLY B 416 -14.05 31.02 -3.37
C GLY B 416 -15.09 30.10 -2.75
N PHE B 417 -14.69 29.33 -1.73
CA PHE B 417 -15.63 28.46 -0.98
C PHE B 417 -16.97 29.12 -0.75
N THR B 418 -16.93 30.39 -0.31
CA THR B 418 -18.16 30.99 0.20
C THR B 418 -19.22 31.26 -0.86
N THR B 419 -18.87 31.44 -2.13
CA THR B 419 -19.92 31.62 -3.16
C THR B 419 -20.73 30.34 -3.23
N GLY B 420 -20.06 29.19 -3.25
CA GLY B 420 -20.79 27.92 -3.31
C GLY B 420 -21.49 27.64 -2.00
N ALA B 421 -20.83 27.89 -0.87
CA ALA B 421 -21.44 27.65 0.43
C ALA B 421 -22.70 28.48 0.60
N THR B 422 -22.72 29.68 0.04
CA THR B 422 -23.88 30.55 0.11
C THR B 422 -25.07 29.92 -0.61
N LEU B 423 -24.81 29.36 -1.80
CA LEU B 423 -25.87 28.65 -2.52
C LEU B 423 -26.44 27.51 -1.68
N GLY B 424 -25.56 26.66 -1.15
CA GLY B 424 -26.01 25.50 -0.39
C GLY B 424 -26.74 25.91 0.89
N ALA B 425 -26.20 26.88 1.60
CA ALA B 425 -26.87 27.41 2.79
C ALA B 425 -28.22 28.01 2.46
N ALA B 426 -28.33 28.68 1.31
CA ALA B 426 -29.61 29.29 0.92
C ALA B 426 -30.66 28.23 0.60
N PHE B 427 -30.26 27.14 -0.06
CA PHE B 427 -31.22 26.04 -0.32
C PHE B 427 -31.70 25.47 1.01
N ALA B 428 -30.75 25.20 1.92
CA ALA B 428 -31.11 24.59 3.19
C ALA B 428 -32.00 25.54 4.00
N ALA B 429 -31.61 26.82 4.04
CA ALA B 429 -32.38 27.81 4.79
C ALA B 429 -33.80 27.91 4.25
N GLU B 430 -33.95 27.85 2.92
CA GLU B 430 -35.27 27.93 2.30
C GLU B 430 -36.15 26.78 2.76
N GLU B 431 -35.56 25.59 2.87
CA GLU B 431 -36.26 24.39 3.30
C GLU B 431 -36.68 24.44 4.77
N ILE B 432 -35.88 25.08 5.60
CA ILE B 432 -36.15 25.23 7.03
C ILE B 432 -37.20 26.33 7.29
N ASP B 433 -36.99 27.51 6.69
CA ASP B 433 -37.82 28.67 6.93
C ASP B 433 -37.50 29.74 5.90
N PRO B 434 -38.43 30.01 4.98
CA PRO B 434 -38.24 31.00 3.93
C PRO B 434 -37.87 32.42 4.42
N LYS B 435 -38.14 32.72 5.68
CA LYS B 435 -37.81 34.03 6.26
C LYS B 435 -36.36 34.12 6.74
N LYS B 436 -35.66 32.99 6.78
CA LYS B 436 -34.25 33.02 7.18
C LYS B 436 -33.41 33.67 6.08
N ARG B 437 -32.60 34.66 6.48
CA ARG B 437 -31.71 35.37 5.55
C ARG B 437 -30.35 34.71 5.51
N VAL B 438 -29.72 34.81 4.35
CA VAL B 438 -28.37 34.32 4.15
C VAL B 438 -27.52 35.49 3.68
N ILE B 439 -26.50 35.79 4.46
CA ILE B 439 -25.70 36.99 4.28
C ILE B 439 -24.23 36.61 4.07
N LEU B 440 -23.68 37.03 2.93
CA LEU B 440 -22.32 36.70 2.54
C LEU B 440 -21.44 37.94 2.52
N PHE B 441 -20.25 37.85 3.14
CA PHE B 441 -19.14 38.80 2.96
C PHE B 441 -18.01 38.06 2.27
N ILE B 442 -17.76 38.45 1.02
CA ILE B 442 -16.75 37.83 0.19
C ILE B 442 -15.86 38.92 -0.42
N GLY B 443 -14.57 38.64 -0.48
CA GLY B 443 -13.66 39.58 -1.12
C GLY B 443 -13.78 39.60 -2.63
N ASP B 444 -13.37 40.73 -3.22
CA ASP B 444 -13.26 40.84 -4.66
C ASP B 444 -12.37 39.78 -5.32
N GLY B 445 -11.26 39.44 -4.67
CA GLY B 445 -10.38 38.39 -5.20
C GLY B 445 -11.01 37.00 -5.16
N SER B 446 -11.58 36.64 -4.01
CA SER B 446 -12.17 35.33 -3.81
C SER B 446 -13.36 35.11 -4.73
N LEU B 447 -14.13 36.17 -4.97
CA LEU B 447 -15.31 36.03 -5.82
C LEU B 447 -14.94 35.50 -7.20
N GLN B 448 -13.77 35.89 -7.70
CA GLN B 448 -13.42 35.52 -9.06
C GLN B 448 -13.32 34.02 -9.26
N LEU B 449 -12.95 33.29 -8.20
CA LEU B 449 -12.69 31.86 -8.34
C LEU B 449 -13.95 31.03 -8.59
N THR B 450 -15.10 31.53 -8.11
CA THR B 450 -16.32 30.75 -8.06
C THR B 450 -17.56 31.55 -8.47
N VAL B 451 -17.33 32.64 -9.19
CA VAL B 451 -18.35 33.63 -9.47
C VAL B 451 -19.58 33.04 -10.16
N GLN B 452 -19.39 32.00 -10.99
CA GLN B 452 -20.52 31.51 -11.79
C GLN B 452 -21.62 30.88 -10.93
N GLU B 453 -21.35 30.54 -9.67
CA GLU B 453 -22.40 29.92 -8.88
C GLU B 453 -23.53 30.87 -8.52
N ILE B 454 -23.31 32.18 -8.71
CA ILE B 454 -24.40 33.13 -8.60
C ILE B 454 -25.53 32.75 -9.58
N SER B 455 -25.15 32.21 -10.74
CA SER B 455 -26.11 31.75 -11.73
C SER B 455 -27.13 30.78 -11.14
N THR B 456 -26.64 29.86 -10.33
CA THR B 456 -27.51 28.84 -9.76
C THR B 456 -28.43 29.42 -8.68
N MET B 457 -27.95 30.43 -7.97
CA MET B 457 -28.81 31.15 -7.03
C MET B 457 -29.99 31.79 -7.77
N ILE B 458 -29.70 32.44 -8.89
CA ILE B 458 -30.72 33.10 -9.71
C ILE B 458 -31.72 32.07 -10.23
N ARG B 459 -31.23 30.95 -10.75
CA ARG B 459 -32.15 30.03 -11.42
C ARG B 459 -33.18 29.45 -10.46
N TRP B 460 -32.83 29.36 -9.17
CA TRP B 460 -33.74 28.84 -8.14
C TRP B 460 -34.45 29.92 -7.33
N GLY B 461 -34.26 31.19 -7.69
CA GLY B 461 -34.94 32.29 -6.99
C GLY B 461 -34.53 32.43 -5.54
N LEU B 462 -33.30 32.01 -5.21
CA LEU B 462 -32.76 32.18 -3.86
C LEU B 462 -32.35 33.63 -3.65
N LYS B 463 -32.45 34.10 -2.41
CA LYS B 463 -32.37 35.55 -2.13
C LYS B 463 -31.27 36.00 -1.15
N PRO B 464 -30.03 35.49 -1.32
CA PRO B 464 -28.98 35.91 -0.40
C PRO B 464 -28.60 37.39 -0.61
N TYR B 465 -27.97 37.95 0.41
CA TYR B 465 -27.31 39.25 0.35
C TYR B 465 -25.83 39.00 0.05
N LEU B 466 -25.37 39.44 -1.11
CA LEU B 466 -23.99 39.22 -1.53
C LEU B 466 -23.19 40.53 -1.34
N PHE B 467 -22.51 40.67 -0.20
CA PHE B 467 -21.66 41.86 0.05
C PHE B 467 -20.27 41.53 -0.49
N VAL B 468 -19.80 42.33 -1.45
CA VAL B 468 -18.51 42.11 -2.09
C VAL B 468 -17.56 43.21 -1.66
N LEU B 469 -16.45 42.85 -1.01
CA LEU B 469 -15.54 43.86 -0.49
C LEU B 469 -14.53 44.22 -1.57
N ASN B 470 -14.77 45.36 -2.22
CA ASN B 470 -13.89 45.84 -3.25
C ASN B 470 -12.77 46.70 -2.66
N ASN B 471 -11.61 46.08 -2.46
CA ASN B 471 -10.40 46.78 -2.03
C ASN B 471 -9.28 46.61 -3.07
N ASP B 472 -9.70 46.37 -4.31
CA ASP B 472 -8.78 46.28 -5.46
C ASP B 472 -7.65 45.28 -5.28
N GLY B 473 -8.02 44.05 -4.94
CA GLY B 473 -7.07 42.96 -4.96
C GLY B 473 -7.04 42.15 -3.68
N TYR B 474 -5.94 41.42 -3.50
CA TYR B 474 -5.79 40.50 -2.39
C TYR B 474 -5.17 41.16 -1.15
N THR B 475 -5.99 41.86 -0.39
CA THR B 475 -5.44 42.63 0.71
C THR B 475 -4.75 41.81 1.82
N ILE B 476 -5.37 40.71 2.21
CA ILE B 476 -4.74 39.84 3.17
C ILE B 476 -3.28 39.51 2.77
N GLN B 477 -3.08 39.20 1.49
CA GLN B 477 -1.74 38.84 1.02
C GLN B 477 -0.81 40.03 0.92
N LYS B 478 -1.34 41.19 0.57
CA LYS B 478 -0.56 42.43 0.53
C LYS B 478 0.05 42.75 1.88
N LEU B 479 -0.62 42.33 2.95
CA LEU B 479 -0.12 42.51 4.31
C LEU B 479 0.88 41.41 4.70
N ILE B 480 0.63 40.18 4.27
CA ILE B 480 1.58 39.07 4.51
C ILE B 480 2.92 39.33 3.80
N HIS B 481 2.87 39.60 2.50
CA HIS B 481 4.08 39.74 1.71
C HIS B 481 3.75 40.34 0.36
N GLY B 482 4.42 41.44 0.02
CA GLY B 482 4.30 42.00 -1.33
C GLY B 482 3.13 42.96 -1.52
N PRO B 483 3.12 44.08 -0.78
CA PRO B 483 2.02 45.05 -0.84
C PRO B 483 1.74 45.59 -2.24
N LYS B 484 2.79 45.69 -3.06
CA LYS B 484 2.61 46.17 -4.43
C LYS B 484 2.95 45.11 -5.48
N ALA B 485 3.09 43.86 -5.04
CA ALA B 485 3.40 42.79 -5.98
C ALA B 485 2.24 42.53 -6.95
N GLN B 486 2.56 42.35 -8.22
CA GLN B 486 1.55 42.18 -9.25
C GLN B 486 0.71 40.93 -9.06
N TYR B 487 1.30 39.89 -8.48
CA TYR B 487 0.54 38.66 -8.18
C TYR B 487 -0.56 38.88 -7.13
N ASN B 488 -0.48 39.98 -6.37
CA ASN B 488 -1.52 40.31 -5.40
C ASN B 488 -2.61 41.22 -5.96
N GLU B 489 -2.51 41.52 -7.26
CA GLU B 489 -3.49 42.37 -7.94
C GLU B 489 -4.42 41.51 -8.78
N ILE B 490 -5.61 42.02 -9.06
CA ILE B 490 -6.60 41.29 -9.83
C ILE B 490 -7.14 42.16 -10.97
N GLN B 491 -7.63 41.51 -12.01
CA GLN B 491 -8.35 42.22 -13.07
C GLN B 491 -9.61 42.83 -12.46
N GLY B 492 -9.89 44.09 -12.77
CA GLY B 492 -11.06 44.78 -12.19
C GLY B 492 -12.35 44.46 -12.92
N TRP B 493 -13.30 43.89 -12.20
CA TRP B 493 -14.58 43.53 -12.76
C TRP B 493 -15.66 44.57 -12.44
N ASP B 494 -16.69 44.59 -13.27
CA ASP B 494 -17.89 45.34 -12.98
C ASP B 494 -18.83 44.44 -12.17
N HIS B 495 -18.65 44.45 -10.85
CA HIS B 495 -19.37 43.53 -9.98
C HIS B 495 -20.87 43.62 -10.09
N LEU B 496 -21.40 44.84 -10.14
CA LEU B 496 -22.85 44.99 -10.08
C LEU B 496 -23.53 44.53 -11.38
N SER B 497 -22.75 44.37 -12.45
CA SER B 497 -23.27 43.78 -13.68
C SER B 497 -23.36 42.25 -13.67
N LEU B 498 -22.81 41.60 -12.64
CA LEU B 498 -22.83 40.13 -12.61
C LEU B 498 -24.23 39.53 -12.63
N LEU B 499 -25.12 40.04 -11.78
CA LEU B 499 -26.49 39.49 -11.70
C LEU B 499 -27.21 39.51 -13.07
N PRO B 500 -27.33 40.70 -13.73
CA PRO B 500 -27.95 40.67 -15.05
C PRO B 500 -27.19 39.90 -16.12
N THR B 501 -25.86 39.88 -16.05
CA THR B 501 -25.09 39.06 -17.00
C THR B 501 -25.43 37.57 -16.88
N PHE B 502 -25.76 37.13 -15.66
CA PHE B 502 -26.18 35.75 -15.46
C PHE B 502 -27.70 35.56 -15.59
N GLY B 503 -28.38 36.60 -16.07
CA GLY B 503 -29.80 36.49 -16.44
C GLY B 503 -30.79 36.77 -15.33
N ALA B 504 -30.36 37.41 -14.24
CA ALA B 504 -31.27 37.75 -13.16
C ALA B 504 -32.30 38.76 -13.64
N LYS B 505 -33.55 38.54 -13.22
CA LYS B 505 -34.68 39.44 -13.54
C LYS B 505 -35.18 40.21 -12.31
N ASP B 506 -35.22 39.54 -11.17
CA ASP B 506 -35.66 40.18 -9.92
C ASP B 506 -34.48 40.24 -8.94
N TYR B 507 -33.92 41.43 -8.82
CA TYR B 507 -32.71 41.64 -8.01
C TYR B 507 -32.52 43.11 -7.74
N GLU B 508 -31.65 43.42 -6.78
CA GLU B 508 -31.18 44.79 -6.57
C GLU B 508 -29.68 44.82 -6.47
N THR B 509 -29.09 45.91 -6.93
CA THR B 509 -27.66 46.16 -6.73
C THR B 509 -27.46 47.51 -6.05
N HIS B 510 -26.41 47.58 -5.25
CA HIS B 510 -26.11 48.74 -4.41
C HIS B 510 -24.62 48.89 -4.29
N ARG B 511 -24.16 50.12 -4.14
CA ARG B 511 -22.77 50.40 -3.83
C ARG B 511 -22.72 51.29 -2.60
N VAL B 512 -21.81 50.99 -1.68
CA VAL B 512 -21.62 51.80 -0.46
C VAL B 512 -20.15 52.11 -0.27
N ALA B 513 -19.85 53.37 0.04
CA ALA B 513 -18.48 53.85 0.15
C ALA B 513 -18.28 54.71 1.38
N THR B 514 -19.39 55.07 2.04
CA THR B 514 -19.34 55.93 3.22
C THR B 514 -20.19 55.31 4.31
N THR B 515 -19.93 55.77 5.51
CA THR B 515 -20.71 55.38 6.66
C THR B 515 -22.18 55.78 6.51
N GLY B 516 -22.43 56.95 5.94
CA GLY B 516 -23.81 57.37 5.68
C GLY B 516 -24.53 56.44 4.72
N GLU B 517 -23.84 56.05 3.65
CA GLU B 517 -24.42 55.14 2.67
C GLU B 517 -24.65 53.77 3.28
N TRP B 518 -23.71 53.31 4.12
CA TRP B 518 -23.86 52.03 4.79
C TRP B 518 -25.11 52.03 5.67
N ASP B 519 -25.24 53.05 6.53
CA ASP B 519 -26.37 53.10 7.45
C ASP B 519 -27.70 53.26 6.70
N LYS B 520 -27.73 54.12 5.68
CA LYS B 520 -28.97 54.37 4.95
C LYS B 520 -29.48 53.08 4.32
N LEU B 521 -28.58 52.27 3.77
CA LEU B 521 -28.99 51.04 3.10
C LEU B 521 -29.37 49.98 4.10
N THR B 522 -28.48 49.73 5.05
CA THR B 522 -28.65 48.58 5.92
C THR B 522 -29.73 48.79 6.99
N GLN B 523 -30.10 50.05 7.25
CA GLN B 523 -31.19 50.32 8.19
C GLN B 523 -32.55 50.34 7.50
N ASP B 524 -32.54 50.36 6.17
CA ASP B 524 -33.78 50.51 5.43
C ASP B 524 -34.69 49.28 5.61
N LYS B 525 -35.95 49.50 5.97
CA LYS B 525 -36.87 48.37 6.19
C LYS B 525 -37.02 47.49 4.95
N SER B 526 -37.11 48.11 3.77
CA SER B 526 -37.25 47.33 2.53
C SER B 526 -36.04 46.41 2.33
N PHE B 527 -34.84 46.95 2.56
CA PHE B 527 -33.61 46.21 2.34
C PHE B 527 -33.53 45.01 3.28
N ASN B 528 -34.09 45.16 4.48
CA ASN B 528 -34.03 44.10 5.48
C ASN B 528 -34.97 42.91 5.22
N ASP B 529 -35.89 43.04 4.27
CA ASP B 529 -36.72 41.91 3.87
C ASP B 529 -35.98 41.14 2.77
N ASN B 530 -35.88 39.82 2.93
CA ASN B 530 -35.19 38.97 1.95
C ASN B 530 -36.12 38.68 0.75
N SER B 531 -36.51 39.74 0.05
CA SER B 531 -37.51 39.64 -1.01
C SER B 531 -36.91 39.33 -2.38
N LYS B 532 -35.61 39.57 -2.55
CA LYS B 532 -34.92 39.25 -3.80
C LYS B 532 -33.43 39.17 -3.54
N ILE B 533 -32.72 38.54 -4.47
CA ILE B 533 -31.26 38.47 -4.40
C ILE B 533 -30.70 39.88 -4.56
N ARG B 534 -29.65 40.17 -3.79
CA ARG B 534 -29.01 41.48 -3.83
C ARG B 534 -27.51 41.37 -3.86
N MET B 535 -26.86 42.28 -4.58
CA MET B 535 -25.41 42.44 -4.47
C MET B 535 -25.10 43.85 -4.01
N ILE B 536 -24.22 43.95 -3.01
CA ILE B 536 -23.81 45.21 -2.44
C ILE B 536 -22.30 45.30 -2.59
N GLU B 537 -21.81 46.21 -3.43
CA GLU B 537 -20.37 46.40 -3.59
C GLU B 537 -19.93 47.40 -2.54
N VAL B 538 -19.03 46.96 -1.67
CA VAL B 538 -18.52 47.78 -0.57
C VAL B 538 -17.13 48.28 -0.92
N MET B 539 -16.98 49.60 -1.03
CA MET B 539 -15.70 50.17 -1.42
C MET B 539 -14.83 50.43 -0.20
N LEU B 540 -13.69 49.75 -0.14
CA LEU B 540 -12.81 49.83 1.02
C LEU B 540 -11.38 50.12 0.60
N PRO B 541 -10.57 50.72 1.50
CA PRO B 541 -9.18 51.02 1.10
C PRO B 541 -8.35 49.78 0.83
N VAL B 542 -7.38 49.94 -0.08
CA VAL B 542 -6.54 48.83 -0.51
C VAL B 542 -5.79 48.14 0.64
N PHE B 543 -5.30 48.92 1.61
CA PHE B 543 -4.45 48.34 2.66
C PHE B 543 -5.11 48.27 4.03
N ASP B 544 -6.42 48.49 4.05
CA ASP B 544 -7.20 48.48 5.27
C ASP B 544 -7.58 47.05 5.65
N ALA B 545 -7.31 46.68 6.89
CA ALA B 545 -7.65 45.34 7.36
C ALA B 545 -7.90 45.38 8.84
N PRO B 546 -8.70 44.41 9.34
CA PRO B 546 -8.87 44.31 10.79
C PRO B 546 -7.53 44.09 11.49
N GLN B 547 -7.40 44.62 12.69
CA GLN B 547 -6.12 44.61 13.40
C GLN B 547 -5.65 43.20 13.72
N ASN B 548 -6.59 42.29 13.99
CA ASN B 548 -6.22 40.88 14.19
C ASN B 548 -5.58 40.23 12.97
N LEU B 549 -6.05 40.60 11.77
CA LEU B 549 -5.41 40.12 10.55
C LEU B 549 -4.04 40.74 10.34
N VAL B 550 -3.91 42.03 10.66
CA VAL B 550 -2.61 42.69 10.54
C VAL B 550 -1.56 41.90 11.35
N GLU B 551 -1.93 41.52 12.57
CA GLU B 551 -1.04 40.75 13.44
C GLU B 551 -0.85 39.31 12.98
N GLN B 552 -1.94 38.63 12.58
CA GLN B 552 -1.81 37.28 12.06
C GLN B 552 -0.90 37.22 10.83
N ALA B 553 -1.02 38.22 9.95
CA ALA B 553 -0.23 38.27 8.72
C ALA B 553 1.26 38.26 9.04
N LYS B 554 1.66 39.03 10.06
CA LYS B 554 3.04 39.08 10.50
C LYS B 554 3.50 37.72 10.99
N LEU B 555 2.69 37.06 11.82
CA LEU B 555 3.01 35.74 12.34
C LEU B 555 3.16 34.70 11.25
N THR B 556 2.23 34.69 10.30
CA THR B 556 2.24 33.73 9.20
C THR B 556 3.44 33.94 8.28
N ALA B 557 3.74 35.19 7.94
CA ALA B 557 4.93 35.46 7.13
C ALA B 557 6.19 34.92 7.79
N ALA B 558 6.32 35.15 9.10
CA ALA B 558 7.50 34.70 9.82
C ALA B 558 7.59 33.17 9.91
N THR B 559 6.46 32.52 10.13
CA THR B 559 6.38 31.06 10.14
C THR B 559 6.90 30.46 8.82
N ASN B 560 6.49 31.04 7.70
CA ASN B 560 6.85 30.50 6.39
C ASN B 560 8.30 30.76 6.02
N ALA B 561 8.84 31.88 6.49
CA ALA B 561 10.21 32.29 6.14
C ALA B 561 11.26 31.69 7.07
N LYS B 562 10.82 31.12 8.20
CA LYS B 562 11.74 30.60 9.21
C LYS B 562 12.60 29.44 8.68
N GLN B 563 13.89 29.48 9.01
CA GLN B 563 14.83 28.43 8.60
C GLN B 563 15.04 27.42 9.73
N SER C 2 43.06 3.78 12.91
CA SER C 2 42.44 4.93 12.16
C SER C 2 41.16 4.52 11.44
N GLU C 3 41.24 3.48 10.61
CA GLU C 3 40.08 2.96 9.90
C GLU C 3 39.78 1.52 10.30
N ILE C 4 38.50 1.14 10.17
CA ILE C 4 38.04 -0.22 10.47
C ILE C 4 37.00 -0.63 9.41
N THR C 5 36.95 -1.88 9.05
CA THR C 5 35.93 -2.32 8.10
C THR C 5 34.56 -2.20 8.74
N LEU C 6 33.54 -1.97 7.92
CA LEU C 6 32.17 -1.87 8.41
C LEU C 6 31.75 -3.13 9.16
N GLY C 7 32.17 -4.29 8.63
CA GLY C 7 31.89 -5.58 9.28
C GLY C 7 32.47 -5.69 10.67
N LYS C 8 33.74 -5.30 10.82
CA LYS C 8 34.38 -5.35 12.13
C LYS C 8 33.71 -4.37 13.09
N TYR C 9 33.32 -3.21 12.56
CA TYR C 9 32.60 -2.19 13.33
C TYR C 9 31.34 -2.77 13.99
N LEU C 10 30.56 -3.53 13.22
CA LEU C 10 29.37 -4.21 13.75
C LEU C 10 29.68 -5.01 15.00
N PHE C 11 30.70 -5.86 14.93
CA PHE C 11 31.02 -6.77 16.02
C PHE C 11 31.65 -6.03 17.20
N GLU C 12 32.38 -4.97 16.92
CA GLU C 12 32.88 -4.11 18.02
C GLU C 12 31.73 -3.46 18.78
N ARG C 13 30.70 -3.00 18.06
CA ARG C 13 29.49 -2.46 18.69
C ARG C 13 28.72 -3.53 19.47
N LEU C 14 28.59 -4.73 18.88
CA LEU C 14 27.90 -5.79 19.59
C LEU C 14 28.62 -6.16 20.89
N LYS C 15 29.95 -6.25 20.83
CA LYS C 15 30.76 -6.46 22.02
C LYS C 15 30.47 -5.40 23.10
N GLN C 16 30.36 -4.14 22.67
CA GLN C 16 30.14 -3.03 23.60
C GLN C 16 28.80 -3.13 24.31
N VAL C 17 27.82 -3.74 23.66
CA VAL C 17 26.48 -3.90 24.24
C VAL C 17 26.25 -5.29 24.82
N ASN C 18 27.36 -5.99 25.09
CA ASN C 18 27.37 -7.25 25.81
C ASN C 18 26.75 -8.44 25.04
N VAL C 19 26.81 -8.37 23.70
CA VAL C 19 26.45 -9.49 22.84
C VAL C 19 27.76 -10.18 22.42
N ASN C 20 28.03 -11.37 22.96
CA ASN C 20 29.33 -12.04 22.75
C ASN C 20 29.23 -13.32 21.93
N THR C 21 28.00 -13.81 21.75
CA THR C 21 27.73 -14.94 20.86
C THR C 21 26.83 -14.44 19.74
N VAL C 22 27.14 -14.83 18.50
CA VAL C 22 26.34 -14.42 17.34
C VAL C 22 25.76 -15.69 16.72
N PHE C 23 24.45 -15.66 16.46
CA PHE C 23 23.74 -16.84 15.96
C PHE C 23 23.54 -16.72 14.46
N GLY C 24 23.13 -17.81 13.83
CA GLY C 24 22.87 -17.81 12.39
C GLY C 24 23.61 -18.89 11.64
N LEU C 25 23.53 -18.80 10.31
CA LEU C 25 24.23 -19.73 9.43
C LEU C 25 24.93 -18.96 8.31
N PRO C 26 26.06 -19.48 7.84
CA PRO C 26 26.77 -18.85 6.75
C PRO C 26 26.07 -19.02 5.39
N GLY C 27 26.34 -18.09 4.47
CA GLY C 27 25.94 -18.22 3.08
C GLY C 27 26.85 -17.28 2.29
N ASP C 28 27.05 -17.51 1.01
CA ASP C 28 28.02 -16.69 0.25
C ASP C 28 27.87 -15.17 0.46
N PHE C 29 26.62 -14.71 0.66
CA PHE C 29 26.36 -13.28 0.86
C PHE C 29 26.74 -12.72 2.23
N ASN C 30 27.15 -13.59 3.16
CA ASN C 30 27.58 -13.12 4.49
C ASN C 30 28.96 -13.61 4.95
N LEU C 31 29.68 -14.32 4.08
CA LEU C 31 30.94 -14.96 4.49
C LEU C 31 31.99 -13.92 4.90
N SER C 32 32.11 -12.86 4.12
CA SER C 32 33.08 -11.80 4.42
C SER C 32 32.75 -11.11 5.75
N LEU C 33 31.47 -10.91 6.01
CA LEU C 33 31.02 -10.39 7.31
C LEU C 33 31.42 -11.34 8.46
N LEU C 34 31.16 -12.64 8.31
CA LEU C 34 31.48 -13.58 9.38
C LEU C 34 32.97 -13.65 9.71
N ASP C 35 33.83 -13.39 8.73
CA ASP C 35 35.27 -13.35 8.96
C ASP C 35 35.61 -12.41 10.12
N LYS C 36 34.88 -11.30 10.19
CA LYS C 36 35.19 -10.20 11.10
C LYS C 36 34.94 -10.56 12.57
N ILE C 37 34.10 -11.57 12.82
CA ILE C 37 33.86 -12.02 14.20
C ILE C 37 35.17 -12.45 14.85
N TYR C 38 36.00 -13.15 14.07
CA TYR C 38 37.26 -13.71 14.56
C TYR C 38 38.33 -12.63 14.75
N GLU C 39 38.04 -11.41 14.30
CA GLU C 39 38.96 -10.28 14.45
C GLU C 39 38.72 -9.52 15.75
N VAL C 40 37.62 -9.84 16.42
CA VAL C 40 37.23 -9.16 17.65
C VAL C 40 37.29 -10.12 18.83
N GLU C 41 38.19 -9.85 19.78
CA GLU C 41 38.36 -10.70 20.95
C GLU C 41 37.07 -10.80 21.77
N GLY C 42 36.74 -12.00 22.21
CA GLY C 42 35.59 -12.24 23.08
C GLY C 42 34.27 -12.39 22.34
N MET C 43 34.36 -12.55 21.02
CA MET C 43 33.19 -12.79 20.16
C MET C 43 33.27 -14.19 19.58
N ARG C 44 32.12 -14.87 19.50
CA ARG C 44 32.08 -16.20 18.92
C ARG C 44 30.85 -16.37 18.05
N TRP C 45 30.96 -17.30 17.11
CA TRP C 45 29.92 -17.65 16.15
C TRP C 45 29.40 -19.03 16.57
N ALA C 46 28.11 -19.10 16.88
CA ALA C 46 27.52 -20.33 17.41
C ALA C 46 27.66 -21.52 16.45
N GLY C 47 27.42 -21.27 15.16
CA GLY C 47 27.38 -22.35 14.18
C GLY C 47 26.11 -23.17 14.32
N ASN C 48 24.97 -22.51 14.13
CA ASN C 48 23.68 -23.18 14.32
C ASN C 48 23.38 -24.23 13.25
N ALA C 49 22.47 -25.14 13.60
CA ALA C 49 22.13 -26.27 12.72
C ALA C 49 20.99 -25.94 11.75
N ASN C 50 20.19 -24.91 12.05
CA ASN C 50 19.36 -24.23 11.04
C ASN C 50 18.94 -22.83 11.47
N GLU C 51 18.37 -22.04 10.57
CA GLU C 51 18.12 -20.62 10.85
C GLU C 51 16.95 -20.41 11.82
N LEU C 52 15.93 -21.26 11.76
CA LEU C 52 14.81 -21.10 12.68
C LEU C 52 15.34 -21.32 14.10
N ASN C 53 16.09 -22.40 14.29
CA ASN C 53 16.69 -22.68 15.60
C ASN C 53 17.62 -21.56 16.07
N ALA C 54 18.34 -20.98 15.12
CA ALA C 54 19.23 -19.85 15.39
C ALA C 54 18.45 -18.67 15.93
N ALA C 55 17.27 -18.41 15.36
CA ALA C 55 16.43 -17.28 15.78
C ALA C 55 15.85 -17.55 17.18
N TYR C 56 15.40 -18.79 17.42
CA TYR C 56 14.96 -19.19 18.75
C TYR C 56 16.09 -19.00 19.77
N ALA C 57 17.31 -19.40 19.39
CA ALA C 57 18.48 -19.27 20.26
C ALA C 57 18.81 -17.81 20.54
N ALA C 58 18.75 -16.96 19.52
CA ALA C 58 18.97 -15.52 19.74
C ALA C 58 17.96 -14.97 20.73
N ASP C 59 16.71 -15.45 20.64
CA ASP C 59 15.66 -15.03 21.55
C ASP C 59 16.02 -15.42 23.01
N GLY C 60 16.37 -16.69 23.23
CA GLY C 60 16.76 -17.13 24.57
C GLY C 60 17.98 -16.37 25.08
N TYR C 61 18.95 -16.12 24.20
CA TYR C 61 20.16 -15.38 24.59
C TYR C 61 19.77 -13.95 25.01
N ALA C 62 18.94 -13.28 24.22
CA ALA C 62 18.51 -11.93 24.55
C ALA C 62 17.77 -11.87 25.89
N ARG C 63 16.93 -12.86 26.15
CA ARG C 63 16.17 -12.89 27.41
C ARG C 63 17.11 -12.87 28.61
N ILE C 64 18.19 -13.64 28.52
CA ILE C 64 19.15 -13.78 29.63
C ILE C 64 20.20 -12.66 29.66
N LYS C 65 20.72 -12.29 28.50
CA LYS C 65 21.86 -11.36 28.40
C LYS C 65 21.46 -9.88 28.26
N GLY C 66 20.31 -9.64 27.61
CA GLY C 66 19.84 -8.27 27.38
C GLY C 66 19.35 -8.02 25.96
N MET C 67 20.15 -8.46 24.99
CA MET C 67 19.79 -8.43 23.58
C MET C 67 20.66 -9.43 22.84
N SER C 68 20.41 -9.62 21.54
CA SER C 68 21.11 -10.66 20.79
C SER C 68 21.25 -10.27 19.33
N CYS C 69 22.02 -11.06 18.59
CA CYS C 69 22.17 -10.87 17.15
C CYS C 69 22.16 -12.22 16.47
N ILE C 70 21.37 -12.32 15.39
CA ILE C 70 21.42 -13.43 14.47
C ILE C 70 21.76 -12.90 13.08
N ILE C 71 22.68 -13.59 12.40
CA ILE C 71 23.04 -13.28 11.03
C ILE C 71 22.61 -14.41 10.08
N THR C 72 21.88 -14.05 9.04
CA THR C 72 21.49 -15.05 8.04
C THR C 72 21.88 -14.57 6.64
N THR C 73 21.66 -15.43 5.65
CA THR C 73 21.92 -15.07 4.25
C THR C 73 20.60 -14.71 3.55
N PHE C 74 20.71 -13.82 2.55
CA PHE C 74 19.59 -13.34 1.76
C PHE C 74 18.62 -14.44 1.31
N GLY C 75 17.34 -14.19 1.49
CA GLY C 75 16.29 -15.08 1.00
C GLY C 75 16.14 -16.33 1.83
N VAL C 76 16.98 -17.32 1.54
CA VAL C 76 16.86 -18.63 2.13
C VAL C 76 17.13 -18.65 3.62
N GLY C 77 18.07 -17.83 4.09
CA GLY C 77 18.37 -17.80 5.52
C GLY C 77 17.36 -16.95 6.28
N GLU C 78 17.14 -15.73 5.80
CA GLU C 78 16.24 -14.82 6.50
C GLU C 78 14.80 -15.34 6.58
N LEU C 79 14.29 -15.94 5.50
CA LEU C 79 12.91 -16.42 5.55
C LEU C 79 12.75 -17.62 6.47
N SER C 80 13.78 -18.46 6.57
CA SER C 80 13.79 -19.57 7.52
C SER C 80 13.67 -19.10 8.98
N ALA C 81 14.20 -17.91 9.26
CA ALA C 81 14.22 -17.36 10.62
C ALA C 81 12.92 -16.68 11.06
N LEU C 82 12.01 -16.40 10.12
CA LEU C 82 10.92 -15.45 10.44
C LEU C 82 9.97 -15.83 11.57
N ASN C 83 9.69 -17.12 11.77
CA ASN C 83 8.87 -17.51 12.89
C ASN C 83 9.54 -17.21 14.23
N GLY C 84 10.87 -17.33 14.25
CA GLY C 84 11.63 -16.95 15.44
C GLY C 84 11.52 -15.45 15.69
N ILE C 85 11.76 -14.68 14.65
CA ILE C 85 11.68 -13.22 14.76
C ILE C 85 10.29 -12.78 15.20
N ALA C 86 9.24 -13.36 14.61
CA ALA C 86 7.87 -13.00 14.95
C ALA C 86 7.56 -13.23 16.44
N GLY C 87 8.07 -14.34 16.99
CA GLY C 87 7.85 -14.66 18.40
C GLY C 87 8.57 -13.68 19.30
N SER C 88 9.74 -13.21 18.84
CA SER C 88 10.48 -12.20 19.58
C SER C 88 9.73 -10.87 19.53
N TYR C 89 9.11 -10.57 18.39
CA TYR C 89 8.29 -9.37 18.33
C TYR C 89 7.08 -9.47 19.27
N ALA C 90 6.36 -10.59 19.22
CA ALA C 90 5.17 -10.76 20.03
C ALA C 90 5.51 -10.66 21.53
N GLU C 91 6.64 -11.24 21.92
CA GLU C 91 6.97 -11.35 23.33
C GLU C 91 7.92 -10.27 23.83
N HIS C 92 8.22 -9.29 22.98
CA HIS C 92 9.06 -8.14 23.37
C HIS C 92 10.48 -8.61 23.75
N VAL C 93 11.15 -9.25 22.80
CA VAL C 93 12.54 -9.66 22.96
C VAL C 93 13.42 -8.97 21.93
N GLY C 94 14.48 -8.30 22.39
CA GLY C 94 15.34 -7.53 21.48
C GLY C 94 16.36 -8.36 20.74
N VAL C 95 16.01 -8.74 19.51
CA VAL C 95 16.88 -9.53 18.63
C VAL C 95 17.20 -8.71 17.38
N LEU C 96 18.50 -8.49 17.15
CA LEU C 96 18.96 -7.83 15.93
C LEU C 96 19.17 -8.88 14.85
N HIS C 97 18.38 -8.80 13.78
CA HIS C 97 18.50 -9.73 12.65
C HIS C 97 19.29 -9.04 11.55
N VAL C 98 20.52 -9.49 11.35
CA VAL C 98 21.38 -8.96 10.29
C VAL C 98 21.33 -9.95 9.13
N VAL C 99 21.09 -9.44 7.93
CA VAL C 99 21.06 -10.28 6.73
C VAL C 99 22.17 -9.85 5.76
N GLY C 100 23.00 -10.79 5.35
CA GLY C 100 23.98 -10.53 4.29
C GLY C 100 23.24 -10.57 2.97
N VAL C 101 23.27 -9.47 2.22
CA VAL C 101 22.52 -9.37 0.98
C VAL C 101 23.46 -9.16 -0.24
N PRO C 102 22.94 -9.36 -1.47
CA PRO C 102 23.81 -9.20 -2.65
C PRO C 102 24.44 -7.82 -2.75
N SER C 103 25.62 -7.78 -3.36
CA SER C 103 26.35 -6.52 -3.54
C SER C 103 25.51 -5.46 -4.25
N ILE C 104 25.85 -4.21 -4.00
CA ILE C 104 25.14 -3.07 -4.59
C ILE C 104 25.09 -3.15 -6.13
N SER C 105 26.19 -3.54 -6.75
CA SER C 105 26.27 -3.67 -8.21
C SER C 105 25.45 -4.85 -8.74
N ALA C 106 25.40 -5.93 -7.97
CA ALA C 106 24.55 -7.07 -8.31
C ALA C 106 23.08 -6.68 -8.32
N GLN C 107 22.65 -5.90 -7.33
CA GLN C 107 21.28 -5.42 -7.24
C GLN C 107 20.94 -4.46 -8.37
N ALA C 108 21.88 -3.55 -8.64
CA ALA C 108 21.75 -2.53 -9.68
C ALA C 108 21.52 -3.17 -11.06
N LYS C 109 22.31 -4.20 -11.37
CA LYS C 109 22.20 -4.95 -12.62
C LYS C 109 21.02 -5.92 -12.61
N GLN C 110 20.41 -6.10 -11.43
CA GLN C 110 19.29 -7.04 -11.23
C GLN C 110 19.63 -8.44 -11.75
N LEU C 111 20.82 -8.91 -11.38
CA LEU C 111 21.31 -10.23 -11.76
C LEU C 111 20.38 -11.31 -11.21
N LEU C 112 20.12 -12.32 -12.02
CA LEU C 112 19.25 -13.41 -11.62
C LEU C 112 20.02 -14.38 -10.74
N LEU C 113 20.22 -13.98 -9.50
CA LEU C 113 21.06 -14.71 -8.57
C LEU C 113 20.30 -15.77 -7.80
N HIS C 114 21.05 -16.77 -7.34
CA HIS C 114 20.50 -17.74 -6.42
C HIS C 114 19.95 -17.03 -5.19
N HIS C 115 18.95 -17.65 -4.56
CA HIS C 115 18.26 -17.10 -3.38
C HIS C 115 17.36 -15.90 -3.70
N THR C 116 17.07 -15.66 -4.98
CA THR C 116 16.08 -14.65 -5.36
C THR C 116 14.84 -15.34 -5.90
N LEU C 117 13.75 -14.60 -6.05
CA LEU C 117 12.53 -15.15 -6.65
C LEU C 117 12.60 -15.17 -8.16
N GLY C 118 13.72 -14.72 -8.71
CA GLY C 118 13.95 -14.77 -10.16
C GLY C 118 13.28 -13.64 -10.93
N ASN C 119 12.78 -12.65 -10.20
CA ASN C 119 12.07 -11.52 -10.80
C ASN C 119 12.82 -10.20 -10.68
N GLY C 120 14.06 -10.27 -10.20
CA GLY C 120 14.92 -9.07 -10.06
C GLY C 120 14.61 -8.16 -8.88
N ASP C 121 13.72 -8.60 -8.00
CA ASP C 121 13.32 -7.79 -6.84
C ASP C 121 14.13 -8.14 -5.60
N PHE C 122 15.02 -7.24 -5.22
CA PHE C 122 15.87 -7.46 -4.04
C PHE C 122 15.30 -6.86 -2.74
N THR C 123 14.09 -6.31 -2.82
CA THR C 123 13.45 -5.65 -1.68
C THR C 123 12.44 -6.54 -0.96
N VAL C 124 12.04 -7.64 -1.60
CA VAL C 124 10.86 -8.39 -1.15
C VAL C 124 10.97 -8.96 0.27
N PHE C 125 12.15 -9.49 0.61
CA PHE C 125 12.32 -10.12 1.91
C PHE C 125 12.40 -9.10 3.03
N HIS C 126 13.04 -7.96 2.73
CA HIS C 126 13.06 -6.80 3.63
C HIS C 126 11.61 -6.35 3.92
N ARG C 127 10.81 -6.22 2.87
CA ARG C 127 9.40 -5.87 2.99
C ARG C 127 8.63 -6.84 3.90
N MET C 128 8.90 -8.14 3.74
CA MET C 128 8.24 -9.13 4.58
C MET C 128 8.66 -8.98 6.06
N SER C 129 9.96 -8.82 6.31
CA SER C 129 10.44 -8.65 7.68
C SER C 129 9.94 -7.38 8.37
N ALA C 130 9.63 -6.35 7.58
CA ALA C 130 9.20 -5.07 8.15
C ALA C 130 7.90 -5.23 8.95
N ASN C 131 7.15 -6.28 8.65
CA ASN C 131 5.88 -6.56 9.32
C ASN C 131 6.05 -7.03 10.76
N ILE C 132 7.24 -7.52 11.08
CA ILE C 132 7.50 -8.11 12.39
C ILE C 132 8.76 -7.53 13.03
N SER C 133 9.07 -6.30 12.64
CA SER C 133 10.22 -5.59 13.18
C SER C 133 9.80 -4.23 13.72
N GLU C 134 10.48 -3.77 14.75
CA GLU C 134 10.25 -2.40 15.26
C GLU C 134 10.70 -1.37 14.23
N THR C 135 11.87 -1.60 13.64
CA THR C 135 12.41 -0.79 12.56
C THR C 135 13.28 -1.65 11.66
N THR C 136 13.64 -1.12 10.49
CA THR C 136 14.53 -1.79 9.57
C THR C 136 15.58 -0.81 9.01
N ALA C 137 16.65 -1.38 8.48
CA ALA C 137 17.65 -0.62 7.72
C ALA C 137 18.21 -1.51 6.63
N MET C 138 18.21 -1.00 5.40
CA MET C 138 18.89 -1.64 4.31
C MET C 138 20.04 -0.73 3.89
N ILE C 139 21.25 -1.10 4.28
CA ILE C 139 22.43 -0.25 4.06
C ILE C 139 22.79 -0.14 2.58
N THR C 140 22.91 1.10 2.09
CA THR C 140 23.26 1.35 0.69
C THR C 140 24.49 2.27 0.54
N ASP C 141 24.81 3.02 1.59
CA ASP C 141 25.98 3.90 1.55
C ASP C 141 26.85 3.86 2.80
N ILE C 142 28.16 3.76 2.58
CA ILE C 142 29.13 3.65 3.66
C ILE C 142 29.19 4.87 4.58
N ALA C 143 28.76 6.02 4.05
CA ALA C 143 28.81 7.30 4.79
C ALA C 143 27.94 7.31 6.04
N THR C 144 26.74 6.74 5.95
CA THR C 144 25.78 6.74 7.07
C THR C 144 25.67 5.37 7.74
N ALA C 145 26.38 4.39 7.20
CA ALA C 145 26.31 3.01 7.69
C ALA C 145 26.56 2.84 9.21
N PRO C 146 27.67 3.42 9.75
CA PRO C 146 27.90 3.40 11.19
C PRO C 146 26.72 3.92 12.04
N ALA C 147 26.16 5.07 11.65
CA ALA C 147 25.02 5.66 12.35
C ALA C 147 23.77 4.77 12.28
N GLU C 148 23.59 4.11 11.14
CA GLU C 148 22.45 3.21 10.94
C GLU C 148 22.59 1.94 11.79
N ILE C 149 23.80 1.39 11.86
CA ILE C 149 24.09 0.25 12.72
C ILE C 149 23.81 0.60 14.19
N ASP C 150 24.30 1.76 14.62
CA ASP C 150 24.04 2.29 15.96
C ASP C 150 22.56 2.45 16.28
N ARG C 151 21.81 3.01 15.32
CA ARG C 151 20.37 3.19 15.47
C ARG C 151 19.65 1.85 15.63
N CYS C 152 20.02 0.89 14.79
CA CYS C 152 19.43 -0.46 14.87
C CYS C 152 19.70 -1.14 16.22
N ILE C 153 20.94 -1.05 16.69
CA ILE C 153 21.33 -1.64 17.97
C ILE C 153 20.61 -0.95 19.14
N ARG C 154 20.62 0.39 19.15
CA ARG C 154 19.85 1.13 20.14
C ARG C 154 18.38 0.70 20.19
N THR C 155 17.74 0.68 19.02
CA THR C 155 16.31 0.42 18.94
C THR C 155 15.99 -0.98 19.46
N THR C 156 16.85 -1.94 19.11
CA THR C 156 16.69 -3.32 19.55
C THR C 156 16.64 -3.37 21.06
N TYR C 157 17.61 -2.73 21.70
CA TYR C 157 17.73 -2.78 23.15
C TYR C 157 16.64 -2.02 23.89
N VAL C 158 16.39 -0.78 23.48
CA VAL C 158 15.44 0.06 24.21
C VAL C 158 13.97 -0.31 24.01
N THR C 159 13.63 -0.83 22.84
CA THR C 159 12.25 -1.22 22.58
C THR C 159 12.00 -2.70 22.87
N GLN C 160 13.08 -3.47 22.95
CA GLN C 160 13.01 -4.93 23.11
C GLN C 160 12.06 -5.55 22.09
N ARG C 161 12.32 -5.19 20.83
CA ARG C 161 11.64 -5.81 19.68
C ARG C 161 12.71 -6.07 18.65
N PRO C 162 12.49 -7.04 17.75
CA PRO C 162 13.47 -7.29 16.72
C PRO C 162 13.64 -6.13 15.75
N VAL C 163 14.84 -6.02 15.17
CA VAL C 163 15.18 -5.00 14.19
C VAL C 163 15.87 -5.71 13.05
N TYR C 164 15.61 -5.27 11.82
CA TYR C 164 16.16 -5.86 10.60
C TYR C 164 17.28 -4.98 10.05
N LEU C 165 18.45 -5.54 9.82
CA LEU C 165 19.58 -4.81 9.24
C LEU C 165 20.16 -5.57 8.06
N GLY C 166 19.95 -5.05 6.85
CA GLY C 166 20.53 -5.67 5.65
C GLY C 166 21.89 -5.08 5.29
N LEU C 167 22.85 -5.95 5.03
CA LEU C 167 24.23 -5.56 4.71
C LEU C 167 24.72 -6.16 3.39
N PRO C 168 24.77 -5.35 2.32
CA PRO C 168 25.35 -5.81 1.05
C PRO C 168 26.78 -6.29 1.20
N ALA C 169 27.08 -7.41 0.54
CA ALA C 169 28.35 -8.10 0.70
C ALA C 169 29.56 -7.22 0.43
N ASN C 170 29.47 -6.35 -0.57
CA ASN C 170 30.59 -5.51 -0.95
C ASN C 170 30.91 -4.44 0.12
N LEU C 171 29.88 -3.93 0.78
CA LEU C 171 30.04 -2.83 1.75
C LEU C 171 30.69 -3.23 3.09
N VAL C 172 30.56 -4.49 3.48
CA VAL C 172 31.12 -4.93 4.76
C VAL C 172 32.65 -4.81 4.81
N ASP C 173 33.28 -4.74 3.63
CA ASP C 173 34.75 -4.65 3.53
C ASP C 173 35.28 -3.24 3.29
N LEU C 174 34.38 -2.27 3.23
CA LEU C 174 34.78 -0.86 3.12
C LEU C 174 35.06 -0.26 4.49
N ASN C 175 36.01 0.66 4.54
CA ASN C 175 36.47 1.24 5.80
C ASN C 175 35.59 2.37 6.33
N VAL C 176 35.53 2.45 7.65
CA VAL C 176 34.87 3.54 8.37
C VAL C 176 35.82 4.04 9.47
N PRO C 177 35.60 5.26 9.98
CA PRO C 177 36.49 5.79 11.03
C PRO C 177 36.37 5.04 12.35
N ALA C 178 37.47 4.44 12.79
CA ALA C 178 37.52 3.65 14.02
C ALA C 178 37.19 4.47 15.27
N LYS C 179 37.34 5.78 15.18
CA LYS C 179 37.12 6.65 16.30
C LYS C 179 35.67 6.69 16.75
N LEU C 180 34.78 6.41 15.82
CA LEU C 180 33.33 6.38 16.10
C LEU C 180 32.98 5.42 17.24
N LEU C 181 33.79 4.38 17.39
CA LEU C 181 33.60 3.38 18.44
C LEU C 181 33.91 3.91 19.84
N GLN C 182 34.61 5.04 19.89
CA GLN C 182 35.03 5.61 21.18
C GLN C 182 33.92 6.36 21.90
N THR C 183 32.84 6.65 21.16
CA THR C 183 31.62 7.18 21.76
C THR C 183 30.58 6.07 21.76
N PRO C 184 30.13 5.65 22.95
CA PRO C 184 29.20 4.53 23.10
C PRO C 184 27.85 4.83 22.47
N ILE C 185 27.11 3.79 22.12
CA ILE C 185 25.73 3.94 21.69
C ILE C 185 24.89 4.37 22.90
N ASP C 186 24.08 5.40 22.70
CA ASP C 186 23.19 5.89 23.75
C ASP C 186 22.02 4.92 23.93
N MET C 187 21.95 4.29 25.10
CA MET C 187 20.91 3.33 25.43
C MET C 187 19.88 3.89 26.41
N SER C 188 19.99 5.18 26.73
CA SER C 188 19.10 5.76 27.73
C SER C 188 17.72 6.04 27.16
N LEU C 189 16.70 5.75 27.97
CA LEU C 189 15.32 6.11 27.65
C LEU C 189 15.17 7.62 27.77
N LYS C 190 14.30 8.20 26.96
CA LYS C 190 13.99 9.62 27.06
C LYS C 190 13.15 9.87 28.31
N PRO C 191 13.40 11.00 29.01
CA PRO C 191 12.59 11.34 30.18
C PRO C 191 11.12 11.46 29.81
N ASN C 192 10.25 11.16 30.77
CA ASN C 192 8.81 11.34 30.59
C ASN C 192 8.43 12.81 30.54
N ASP C 193 7.32 13.10 29.87
CA ASP C 193 6.67 14.42 30.01
C ASP C 193 6.48 14.70 31.50
N ALA C 194 6.96 15.86 31.95
CA ALA C 194 7.02 16.16 33.37
C ALA C 194 5.64 16.26 34.04
N GLU C 195 4.72 16.98 33.40
CA GLU C 195 3.39 17.18 33.97
C GLU C 195 2.57 15.91 34.00
N SER C 196 2.63 15.13 32.91
CA SER C 196 1.89 13.87 32.86
C SER C 196 2.43 12.88 33.89
N GLU C 197 3.75 12.76 33.98
CA GLU C 197 4.37 11.87 34.97
C GLU C 197 3.98 12.27 36.39
N LYS C 198 4.01 13.57 36.68
CA LYS C 198 3.66 14.07 38.01
C LYS C 198 2.22 13.73 38.36
N GLU C 199 1.29 13.92 37.41
CA GLU C 199 -0.10 13.58 37.66
C GLU C 199 -0.24 12.09 37.97
N VAL C 200 0.43 11.24 37.17
CA VAL C 200 0.41 9.79 37.38
C VAL C 200 0.91 9.41 38.79
N ILE C 201 2.08 9.92 39.15
CA ILE C 201 2.66 9.60 40.44
C ILE C 201 1.77 10.08 41.60
N ASP C 202 1.31 11.34 41.51
CA ASP C 202 0.43 11.89 42.54
C ASP C 202 -0.85 11.08 42.70
N THR C 203 -1.44 10.65 41.61
CA THR C 203 -2.67 9.89 41.68
C THR C 203 -2.47 8.50 42.29
N ILE C 204 -1.39 7.86 41.89
CA ILE C 204 -1.05 6.54 42.44
C ILE C 204 -0.80 6.62 43.95
N LEU C 205 -0.04 7.63 44.38
CA LEU C 205 0.24 7.81 45.81
C LEU C 205 -1.05 7.98 46.61
N VAL C 206 -1.99 8.78 46.11
CA VAL C 206 -3.27 8.93 46.83
C VAL C 206 -4.13 7.66 46.86
N LEU C 207 -4.10 6.86 45.79
CA LEU C 207 -4.80 5.57 45.78
C LEU C 207 -4.19 4.63 46.82
N ASP C 208 -2.90 4.58 46.83
CA ASP C 208 -2.21 3.88 47.86
C ASP C 208 -2.61 4.17 49.28
N LYS C 209 -2.63 5.46 49.60
CA LYS C 209 -3.02 5.94 50.92
C LYS C 209 -4.41 5.45 51.34
N ASP C 210 -5.31 5.33 50.37
CA ASP C 210 -6.67 4.93 50.65
C ASP C 210 -6.91 3.43 50.73
N ALA C 211 -6.04 2.64 50.11
CA ALA C 211 -6.26 1.20 49.97
C ALA C 211 -6.07 0.40 51.26
N LYS C 212 -7.04 -0.49 51.54
CA LYS C 212 -7.00 -1.38 52.69
C LYS C 212 -6.51 -2.77 52.33
N ASN C 213 -6.71 -3.16 51.07
CA ASN C 213 -6.26 -4.46 50.59
C ASN C 213 -5.64 -4.33 49.19
N PRO C 214 -4.53 -3.56 49.09
CA PRO C 214 -3.88 -3.44 47.80
C PRO C 214 -3.06 -4.69 47.46
N VAL C 215 -2.96 -5.01 46.18
CA VAL C 215 -2.10 -6.13 45.73
C VAL C 215 -1.25 -5.73 44.52
N ILE C 216 -0.10 -6.37 44.38
CA ILE C 216 0.78 -6.18 43.24
C ILE C 216 0.69 -7.42 42.36
N LEU C 217 0.54 -7.22 41.05
CA LEU C 217 0.50 -8.32 40.09
C LEU C 217 1.56 -8.11 39.00
N ALA C 218 2.58 -8.96 39.00
CA ALA C 218 3.68 -8.84 38.03
C ALA C 218 3.41 -9.75 36.82
N ASP C 219 3.50 -9.17 35.63
CA ASP C 219 3.20 -9.88 34.38
C ASP C 219 4.42 -9.77 33.44
N ALA C 220 4.24 -10.24 32.20
CA ALA C 220 5.31 -10.40 31.22
C ALA C 220 6.23 -9.18 31.08
N CYS C 221 5.65 -7.99 31.01
CA CYS C 221 6.50 -6.83 30.72
C CYS C 221 7.29 -6.34 31.92
N CYS C 222 6.97 -6.85 33.11
CA CYS C 222 7.81 -6.59 34.27
C CYS C 222 9.23 -7.08 33.96
N SER C 223 9.32 -8.28 33.39
CA SER C 223 10.57 -8.88 32.98
C SER C 223 11.10 -8.30 31.64
N ARG C 224 10.24 -8.24 30.63
CA ARG C 224 10.72 -7.90 29.29
C ARG C 224 11.22 -6.47 29.19
N HIS C 225 10.62 -5.58 29.97
CA HIS C 225 11.00 -4.16 29.96
C HIS C 225 11.75 -3.71 31.21
N ASP C 226 12.44 -4.66 31.83
CA ASP C 226 13.52 -4.40 32.79
C ASP C 226 13.09 -3.58 34.01
N VAL C 227 11.99 -3.97 34.65
CA VAL C 227 11.63 -3.32 35.93
C VAL C 227 11.57 -4.28 37.12
N LYS C 228 12.28 -5.40 37.02
CA LYS C 228 12.29 -6.38 38.10
C LYS C 228 12.86 -5.81 39.40
N ALA C 229 13.93 -5.02 39.29
CA ALA C 229 14.55 -4.44 40.47
C ALA C 229 13.61 -3.46 41.16
N GLU C 230 12.96 -2.63 40.39
CA GLU C 230 12.01 -1.69 40.95
C GLU C 230 10.81 -2.37 41.61
N THR C 231 10.32 -3.42 40.98
CA THR C 231 9.19 -4.13 41.49
C THR C 231 9.53 -4.81 42.83
N LYS C 232 10.74 -5.32 42.90
CA LYS C 232 11.24 -5.90 44.13
C LYS C 232 11.23 -4.90 45.27
N LYS C 233 11.73 -3.71 45.00
CA LYS C 233 11.72 -2.64 45.95
C LYS C 233 10.34 -2.18 46.31
N LEU C 234 9.47 -2.12 45.31
CA LEU C 234 8.09 -1.83 45.53
C LEU C 234 7.45 -2.78 46.52
N ILE C 235 7.70 -4.05 46.31
CA ILE C 235 7.23 -5.06 47.23
C ILE C 235 7.81 -4.89 48.63
N ASP C 236 9.10 -4.65 48.73
CA ASP C 236 9.73 -4.45 50.01
C ASP C 236 9.21 -3.26 50.78
N LEU C 237 9.04 -2.13 50.10
CA LEU C 237 8.66 -0.90 50.74
C LEU C 237 7.21 -0.85 51.14
N THR C 238 6.37 -1.54 50.39
CA THR C 238 4.96 -1.52 50.62
C THR C 238 4.49 -2.65 51.56
N GLN C 239 5.17 -3.78 51.49
CA GLN C 239 4.67 -5.01 52.06
C GLN C 239 3.31 -5.47 51.55
N PHE C 240 2.92 -5.01 50.35
CA PHE C 240 1.70 -5.50 49.74
C PHE C 240 1.90 -6.93 49.23
N PRO C 241 0.84 -7.75 49.31
CA PRO C 241 0.89 -9.09 48.68
C PRO C 241 1.25 -8.97 47.20
N ALA C 242 2.13 -9.86 46.72
CA ALA C 242 2.61 -9.81 45.36
C ALA C 242 2.35 -11.14 44.66
N PHE C 243 1.75 -11.08 43.48
CA PHE C 243 1.39 -12.26 42.70
C PHE C 243 2.03 -12.14 41.34
N VAL C 244 2.10 -13.26 40.63
CA VAL C 244 2.71 -13.30 39.31
C VAL C 244 1.79 -14.03 38.33
N THR C 245 1.90 -13.71 37.04
CA THR C 245 1.17 -14.41 35.99
C THR C 245 2.07 -15.51 35.42
N PRO C 246 1.48 -16.45 34.66
CA PRO C 246 2.32 -17.44 33.98
C PRO C 246 3.42 -16.84 33.13
N MET C 247 3.09 -15.82 32.35
CA MET C 247 4.07 -15.24 31.44
C MET C 247 5.13 -14.44 32.19
N GLY C 248 4.77 -13.95 33.37
CA GLY C 248 5.69 -13.18 34.20
C GLY C 248 6.48 -14.01 35.22
N LYS C 249 6.21 -15.31 35.29
CA LYS C 249 6.79 -16.14 36.35
C LYS C 249 8.32 -16.06 36.37
N GLY C 250 8.86 -15.85 37.57
CA GLY C 250 10.31 -15.62 37.73
C GLY C 250 10.66 -14.15 37.91
N SER C 251 9.74 -13.26 37.52
CA SER C 251 10.00 -11.82 37.58
C SER C 251 10.01 -11.29 39.01
N ILE C 252 9.35 -12.00 39.91
CA ILE C 252 9.39 -11.70 41.36
C ILE C 252 9.82 -12.95 42.11
N ASP C 253 10.52 -12.75 43.22
CA ASP C 253 11.09 -13.85 44.00
C ASP C 253 10.01 -14.59 44.77
N GLU C 254 9.86 -15.89 44.49
CA GLU C 254 8.77 -16.67 45.07
C GLU C 254 9.01 -17.12 46.52
N GLN C 255 10.22 -16.89 47.04
CA GLN C 255 10.48 -17.17 48.46
C GLN C 255 10.31 -15.93 49.34
N HIS C 256 9.90 -14.82 48.73
CA HIS C 256 9.62 -13.62 49.50
C HIS C 256 8.40 -13.87 50.39
N PRO C 257 8.45 -13.44 51.67
CA PRO C 257 7.29 -13.69 52.56
C PRO C 257 5.96 -13.11 52.08
N ARG C 258 6.01 -12.10 51.22
CA ARG C 258 4.77 -11.47 50.73
C ARG C 258 4.34 -12.01 49.37
N TYR C 259 5.07 -12.99 48.83
CA TYR C 259 4.65 -13.63 47.58
C TYR C 259 3.43 -14.50 47.81
N GLY C 260 2.39 -14.32 46.99
CA GLY C 260 1.12 -14.98 47.21
C GLY C 260 0.76 -16.08 46.24
N GLY C 261 1.48 -16.18 45.12
CA GLY C 261 1.19 -17.23 44.13
C GLY C 261 0.99 -16.75 42.72
N VAL C 262 0.59 -17.68 41.85
CA VAL C 262 0.38 -17.45 40.44
C VAL C 262 -1.10 -17.19 40.17
N TYR C 263 -1.40 -15.99 39.68
CA TYR C 263 -2.78 -15.63 39.36
C TYR C 263 -3.03 -15.87 37.87
N VAL C 264 -4.07 -16.64 37.61
CA VAL C 264 -4.48 -17.02 36.25
C VAL C 264 -6.01 -16.95 36.13
N GLY C 265 -6.61 -15.88 36.64
CA GLY C 265 -8.07 -15.75 36.60
C GLY C 265 -8.79 -16.92 37.26
N THR C 266 -9.77 -17.45 36.60
CA THR C 266 -10.56 -18.52 37.16
C THR C 266 -9.80 -19.83 37.32
N LEU C 267 -8.67 -19.94 36.66
CA LEU C 267 -7.82 -21.12 36.76
C LEU C 267 -6.85 -21.09 37.94
N SER C 268 -6.84 -20.00 38.68
CA SER C 268 -6.03 -19.90 39.91
C SER C 268 -6.53 -20.86 40.98
N LYS C 269 -5.65 -21.23 41.90
CA LYS C 269 -6.06 -21.86 43.15
C LYS C 269 -7.08 -20.94 43.81
N PRO C 270 -8.16 -21.50 44.40
CA PRO C 270 -9.21 -20.64 44.97
C PRO C 270 -8.70 -19.54 45.91
N GLU C 271 -7.70 -19.83 46.74
CA GLU C 271 -7.22 -18.85 47.72
C GLU C 271 -6.51 -17.68 47.01
N VAL C 272 -5.80 -18.00 45.93
CA VAL C 272 -5.10 -17.00 45.13
C VAL C 272 -6.11 -16.15 44.37
N LYS C 273 -7.06 -16.79 43.70
CA LYS C 273 -8.15 -16.07 43.01
C LYS C 273 -8.77 -15.04 43.96
N GLU C 274 -9.18 -15.49 45.15
CA GLU C 274 -9.87 -14.62 46.11
C GLU C 274 -8.97 -13.50 46.64
N ALA C 275 -7.70 -13.81 46.90
CA ALA C 275 -6.77 -12.81 47.39
C ALA C 275 -6.54 -11.67 46.39
N VAL C 276 -6.46 -12.00 45.12
CA VAL C 276 -6.25 -10.99 44.08
C VAL C 276 -7.53 -10.21 43.85
N GLU C 277 -8.65 -10.94 43.67
CA GLU C 277 -9.88 -10.31 43.21
C GLU C 277 -10.64 -9.54 44.30
N SER C 278 -10.27 -9.78 45.56
CA SER C 278 -10.83 -9.00 46.67
C SER C 278 -10.06 -7.72 46.94
N ALA C 279 -8.99 -7.49 46.18
CA ALA C 279 -8.18 -6.29 46.36
C ALA C 279 -9.01 -5.02 46.16
N ASP C 280 -8.67 -3.95 46.86
CA ASP C 280 -9.29 -2.64 46.58
C ASP C 280 -8.36 -1.68 45.80
N LEU C 281 -7.21 -2.20 45.40
CA LEU C 281 -6.26 -1.51 44.53
C LEU C 281 -5.37 -2.60 43.93
N ILE C 282 -5.22 -2.58 42.61
CA ILE C 282 -4.30 -3.51 41.95
C ILE C 282 -3.21 -2.73 41.25
N LEU C 283 -1.97 -3.00 41.61
CA LEU C 283 -0.81 -2.43 40.95
C LEU C 283 -0.32 -3.48 39.96
N SER C 284 -0.75 -3.33 38.72
CA SER C 284 -0.47 -4.28 37.67
C SER C 284 0.77 -3.88 36.90
N VAL C 285 1.84 -4.68 37.00
CA VAL C 285 3.10 -4.32 36.37
C VAL C 285 3.35 -5.13 35.10
N GLY C 286 3.15 -4.48 33.95
CA GLY C 286 3.46 -5.07 32.64
C GLY C 286 2.46 -6.08 32.11
N ALA C 287 1.17 -5.79 32.24
CA ALA C 287 0.12 -6.75 31.82
C ALA C 287 0.19 -7.13 30.34
N LEU C 288 -0.03 -8.41 30.06
CA LEU C 288 -0.18 -8.89 28.70
C LEU C 288 -1.21 -10.00 28.77
N LEU C 289 -2.47 -9.63 28.51
CA LEU C 289 -3.61 -10.48 28.89
C LEU C 289 -4.00 -11.44 27.76
N SER C 290 -3.08 -12.34 27.44
CA SER C 290 -3.33 -13.33 26.41
C SER C 290 -4.20 -14.46 26.93
N ASP C 291 -4.77 -15.24 26.03
CA ASP C 291 -5.67 -16.34 26.42
C ASP C 291 -5.07 -17.31 27.43
N PHE C 292 -3.91 -17.88 27.11
CA PHE C 292 -3.25 -18.84 27.99
C PHE C 292 -2.72 -18.22 29.26
N ASN C 293 -2.45 -16.91 29.22
CA ASN C 293 -1.95 -16.19 30.39
C ASN C 293 -3.06 -15.90 31.41
N THR C 294 -4.32 -16.01 31.01
CA THR C 294 -5.44 -15.49 31.80
C THR C 294 -6.64 -16.46 31.93
N GLY C 295 -6.50 -17.71 31.53
CA GLY C 295 -7.64 -18.62 31.54
C GLY C 295 -8.75 -18.16 30.61
N SER C 296 -8.35 -17.79 29.39
CA SER C 296 -9.26 -17.23 28.39
C SER C 296 -10.01 -16.00 28.91
N PHE C 297 -9.23 -15.02 29.37
CA PHE C 297 -9.73 -13.67 29.66
C PHE C 297 -10.72 -13.71 30.82
N SER C 298 -10.35 -14.47 31.86
CA SER C 298 -11.24 -14.79 32.97
C SER C 298 -11.01 -13.99 34.27
N TYR C 299 -10.18 -12.95 34.22
CA TYR C 299 -10.01 -12.07 35.39
C TYR C 299 -11.36 -11.51 35.82
N SER C 300 -11.58 -11.46 37.13
CA SER C 300 -12.79 -10.88 37.68
C SER C 300 -12.44 -10.04 38.91
N TYR C 301 -11.63 -9.02 38.69
CA TYR C 301 -11.33 -8.05 39.73
C TYR C 301 -12.63 -7.43 40.24
N LYS C 302 -12.77 -7.36 41.57
CA LYS C 302 -13.95 -6.74 42.20
C LYS C 302 -13.70 -5.28 42.58
N THR C 303 -12.68 -4.69 41.98
CA THR C 303 -12.33 -3.27 42.12
C THR C 303 -12.16 -2.61 40.78
N LYS C 304 -12.47 -1.33 40.71
CA LYS C 304 -12.18 -0.50 39.53
C LYS C 304 -10.83 0.18 39.66
N ASN C 305 -10.25 0.14 40.85
CA ASN C 305 -8.98 0.80 41.12
C ASN C 305 -7.80 -0.03 40.61
N ILE C 306 -7.60 -0.02 39.30
CA ILE C 306 -6.52 -0.74 38.63
C ILE C 306 -5.51 0.24 38.05
N VAL C 307 -4.26 0.12 38.47
CA VAL C 307 -3.17 0.91 37.92
C VAL C 307 -2.35 -0.01 37.02
N GLU C 308 -2.35 0.27 35.72
CA GLU C 308 -1.54 -0.48 34.77
C GLU C 308 -0.24 0.27 34.47
N PHE C 309 0.87 -0.35 34.86
CA PHE C 309 2.19 0.12 34.47
C PHE C 309 2.56 -0.57 33.16
N HIS C 310 2.92 0.22 32.15
CA HIS C 310 3.39 -0.33 30.89
C HIS C 310 4.67 0.38 30.44
N SER C 311 5.42 -0.29 29.56
CA SER C 311 6.68 0.23 29.06
C SER C 311 6.54 1.62 28.44
N ASP C 312 5.41 1.84 27.76
CA ASP C 312 5.22 3.01 26.91
C ASP C 312 4.03 3.89 27.30
N HIS C 313 3.31 3.51 28.35
CA HIS C 313 2.16 4.29 28.81
C HIS C 313 1.72 3.84 30.19
N MET C 314 0.86 4.63 30.82
CA MET C 314 0.21 4.27 32.07
C MET C 314 -1.30 4.29 31.91
N LYS C 315 -1.99 3.49 32.71
CA LYS C 315 -3.44 3.56 32.79
C LYS C 315 -3.82 3.55 34.26
N ILE C 316 -4.73 4.42 34.67
CA ILE C 316 -5.23 4.43 36.04
C ILE C 316 -6.74 4.42 35.92
N ARG C 317 -7.39 3.37 36.40
CA ARG C 317 -8.82 3.16 36.14
C ARG C 317 -9.03 3.25 34.61
N ASN C 318 -9.91 4.14 34.14
CA ASN C 318 -10.12 4.27 32.69
C ASN C 318 -9.26 5.33 32.02
N ALA C 319 -8.50 6.04 32.81
CA ALA C 319 -7.61 7.11 32.30
C ALA C 319 -6.33 6.59 31.69
N THR C 320 -6.04 7.00 30.49
CA THR C 320 -4.81 6.63 29.84
C THR C 320 -3.84 7.77 29.78
N PHE C 321 -2.56 7.48 29.94
CA PHE C 321 -1.50 8.46 29.88
C PHE C 321 -0.45 8.04 28.83
N PRO C 322 -0.71 8.34 27.57
CA PRO C 322 0.16 7.91 26.49
C PRO C 322 1.56 8.42 26.71
N GLY C 323 2.55 7.58 26.46
CA GLY C 323 3.94 8.00 26.51
C GLY C 323 4.59 8.00 27.89
N VAL C 324 3.81 7.83 28.96
CA VAL C 324 4.38 7.83 30.31
C VAL C 324 4.95 6.45 30.63
N GLN C 325 6.28 6.36 30.63
CA GLN C 325 7.00 5.08 30.74
C GLN C 325 7.10 4.63 32.19
N MET C 326 6.75 3.36 32.43
CA MET C 326 6.71 2.81 33.79
C MET C 326 8.06 2.81 34.51
N LYS C 327 9.16 2.70 33.78
CA LYS C 327 10.51 2.65 34.40
C LYS C 327 10.67 3.85 35.34
N PHE C 328 10.44 5.04 34.81
CA PHE C 328 10.60 6.27 35.59
C PHE C 328 9.50 6.49 36.62
N VAL C 329 8.28 6.06 36.31
CA VAL C 329 7.19 6.16 37.28
C VAL C 329 7.52 5.32 38.52
N LEU C 330 7.91 4.07 38.31
CA LEU C 330 8.25 3.17 39.40
C LEU C 330 9.42 3.68 40.23
N GLN C 331 10.48 4.13 39.56
CA GLN C 331 11.66 4.65 40.26
C GLN C 331 11.30 5.82 41.15
N LYS C 332 10.51 6.75 40.64
CA LYS C 332 10.11 7.94 41.40
C LYS C 332 9.10 7.62 42.50
N LEU C 333 8.22 6.66 42.25
CA LEU C 333 7.28 6.20 43.27
C LEU C 333 7.99 5.69 44.51
N LEU C 334 9.13 5.03 44.31
CA LEU C 334 9.88 4.41 45.40
C LEU C 334 10.35 5.41 46.44
N THR C 335 10.48 6.68 46.04
CA THR C 335 10.90 7.75 46.96
C THR C 335 9.87 7.97 48.07
N THR C 336 8.59 7.93 47.73
CA THR C 336 7.53 8.29 48.69
C THR C 336 6.50 7.21 48.98
N ILE C 337 6.63 6.03 48.38
CA ILE C 337 5.58 5.02 48.51
C ILE C 337 5.47 4.40 49.92
N ALA C 338 6.61 4.25 50.61
CA ALA C 338 6.62 3.74 51.97
C ALA C 338 5.80 4.62 52.90
N ASP C 339 5.99 5.93 52.78
CA ASP C 339 5.18 6.89 53.53
C ASP C 339 3.69 6.79 53.18
N ALA C 340 3.40 6.65 51.88
CA ALA C 340 2.01 6.54 51.44
C ALA C 340 1.35 5.26 51.95
N ALA C 341 2.16 4.22 52.12
CA ALA C 341 1.67 2.93 52.56
C ALA C 341 1.83 2.68 54.06
N LYS C 342 2.21 3.71 54.81
CA LYS C 342 2.60 3.53 56.22
C LYS C 342 1.45 3.03 57.11
N GLY C 343 0.22 3.36 56.73
CA GLY C 343 -0.97 2.94 57.46
C GLY C 343 -1.52 1.56 57.12
N TYR C 344 -0.85 0.86 56.20
CA TYR C 344 -1.31 -0.44 55.75
C TYR C 344 -1.06 -1.54 56.78
N LYS C 345 -2.11 -2.26 57.12
CA LYS C 345 -2.03 -3.42 58.02
C LYS C 345 -1.94 -4.67 57.14
N PRO C 346 -0.79 -5.37 57.17
CA PRO C 346 -0.56 -6.48 56.24
C PRO C 346 -1.63 -7.57 56.27
N VAL C 347 -2.19 -7.83 55.10
CA VAL C 347 -3.15 -8.91 54.87
C VAL C 347 -2.35 -10.19 54.63
N ALA C 348 -2.82 -11.31 55.18
CA ALA C 348 -2.17 -12.61 54.98
C ALA C 348 -2.13 -12.96 53.50
N VAL C 349 -1.06 -13.64 53.07
CA VAL C 349 -1.00 -14.18 51.70
C VAL C 349 -1.41 -15.66 51.67
N PRO C 350 -1.93 -16.14 50.53
CA PRO C 350 -2.30 -17.56 50.45
C PRO C 350 -1.11 -18.49 50.66
N ALA C 351 -1.36 -19.59 51.35
CA ALA C 351 -0.33 -20.61 51.59
C ALA C 351 0.12 -21.26 50.28
N ARG C 352 1.37 -21.72 50.24
CA ARG C 352 1.85 -22.57 49.16
C ARG C 352 1.07 -23.87 49.14
N THR C 353 0.93 -24.47 47.95
CA THR C 353 0.40 -25.83 47.81
C THR C 353 1.21 -26.77 48.71
N PRO C 354 0.54 -27.68 49.46
CA PRO C 354 1.31 -28.63 50.28
C PRO C 354 2.25 -29.51 49.45
N ALA C 355 3.37 -29.89 50.07
CA ALA C 355 4.34 -30.79 49.46
C ALA C 355 3.67 -32.13 49.19
N ASN C 356 4.21 -32.88 48.24
CA ASN C 356 3.71 -34.23 47.97
C ASN C 356 3.83 -35.11 49.21
N ALA C 357 2.75 -35.83 49.49
CA ALA C 357 2.78 -36.87 50.50
C ALA C 357 3.79 -37.95 50.11
N ALA C 358 4.40 -38.59 51.11
CA ALA C 358 5.30 -39.70 50.86
C ALA C 358 4.55 -40.82 50.15
N VAL C 359 5.18 -41.42 49.14
CA VAL C 359 4.59 -42.55 48.40
C VAL C 359 5.69 -43.59 48.13
N PRO C 360 5.31 -44.86 47.90
CA PRO C 360 6.29 -45.93 47.60
C PRO C 360 7.15 -45.58 46.39
N ALA C 361 8.42 -46.01 46.41
CA ALA C 361 9.37 -45.74 45.33
C ALA C 361 8.87 -46.16 43.94
N SER C 362 8.05 -47.21 43.87
CA SER C 362 7.58 -47.74 42.58
C SER C 362 6.34 -47.02 42.00
N THR C 363 5.90 -45.95 42.68
CA THR C 363 4.76 -45.17 42.22
C THR C 363 5.05 -44.56 40.84
N PRO C 364 4.19 -44.84 39.84
CA PRO C 364 4.43 -44.22 38.55
C PRO C 364 4.37 -42.69 38.59
N LEU C 365 5.21 -42.08 37.77
CA LEU C 365 5.23 -40.61 37.65
C LEU C 365 3.96 -40.09 37.02
N LYS C 366 3.45 -39.01 37.60
CA LYS C 366 2.31 -38.28 37.07
C LYS C 366 2.66 -36.80 37.05
N GLN C 367 1.97 -36.06 36.17
CA GLN C 367 2.24 -34.63 35.98
C GLN C 367 2.07 -33.82 37.27
N GLU C 368 0.94 -33.95 37.96
CA GLU C 368 0.70 -33.11 39.12
C GLU C 368 1.81 -33.31 40.15
N TRP C 369 2.12 -34.56 40.43
CA TRP C 369 3.19 -34.89 41.36
C TRP C 369 4.52 -34.26 40.92
N MET C 370 4.85 -34.43 39.64
CA MET C 370 6.14 -34.00 39.16
C MET C 370 6.33 -32.48 39.30
N TRP C 371 5.36 -31.69 38.85
CA TRP C 371 5.51 -30.24 38.94
C TRP C 371 5.59 -29.76 40.40
N ASN C 372 4.90 -30.47 41.29
CA ASN C 372 4.93 -30.17 42.71
C ASN C 372 6.22 -30.61 43.39
N GLN C 373 6.92 -31.56 42.79
CA GLN C 373 8.21 -32.03 43.31
C GLN C 373 9.39 -31.26 42.76
N LEU C 374 9.23 -30.72 41.55
CA LEU C 374 10.34 -30.10 40.83
C LEU C 374 11.04 -28.98 41.62
N GLY C 375 10.28 -28.25 42.45
CA GLY C 375 10.86 -27.20 43.28
C GLY C 375 12.01 -27.66 44.17
N ASN C 376 12.02 -28.96 44.53
CA ASN C 376 13.10 -29.52 45.36
C ASN C 376 14.45 -29.53 44.64
N PHE C 377 14.41 -29.72 43.33
CA PHE C 377 15.60 -29.81 42.48
C PHE C 377 16.18 -28.45 42.12
N LEU C 378 15.30 -27.48 41.89
CA LEU C 378 15.74 -26.15 41.46
C LEU C 378 16.59 -25.44 42.50
N GLN C 379 17.50 -24.58 42.05
CA GLN C 379 18.34 -23.79 42.96
C GLN C 379 18.40 -22.34 42.50
N GLU C 380 18.73 -21.44 43.42
CA GLU C 380 18.83 -20.03 43.07
C GLU C 380 19.75 -19.84 41.87
N GLY C 381 19.35 -18.98 40.94
CA GLY C 381 20.16 -18.69 39.77
C GLY C 381 19.85 -19.53 38.54
N ASP C 382 19.03 -20.58 38.71
CA ASP C 382 18.65 -21.46 37.57
C ASP C 382 17.90 -20.69 36.51
N VAL C 383 18.13 -21.06 35.24
CA VAL C 383 17.24 -20.69 34.15
C VAL C 383 16.34 -21.88 33.90
N VAL C 384 15.04 -21.67 33.96
CA VAL C 384 14.06 -22.73 33.84
C VAL C 384 13.16 -22.45 32.64
N ILE C 385 13.21 -23.34 31.65
CA ILE C 385 12.58 -23.15 30.35
C ILE C 385 11.51 -24.24 30.19
N ALA C 386 10.30 -23.85 29.80
CA ALA C 386 9.20 -24.79 29.69
C ALA C 386 8.49 -24.60 28.36
N GLU C 387 8.35 -25.68 27.60
CA GLU C 387 7.79 -25.64 26.26
C GLU C 387 6.26 -25.61 26.27
N THR C 388 5.71 -24.89 25.30
CA THR C 388 4.27 -24.94 25.03
C THR C 388 3.82 -26.40 24.93
N GLY C 389 2.72 -26.72 25.61
CA GLY C 389 2.36 -28.12 25.89
C GLY C 389 2.13 -28.30 27.38
N THR C 390 2.08 -29.54 27.84
CA THR C 390 1.88 -29.75 29.28
C THR C 390 2.94 -29.04 30.11
N SER C 391 4.17 -28.96 29.58
CA SER C 391 5.27 -28.34 30.34
C SER C 391 4.99 -26.90 30.73
N ALA C 392 4.54 -26.08 29.79
CA ALA C 392 4.32 -24.67 30.05
C ALA C 392 3.19 -24.51 31.07
N PHE C 393 2.19 -25.38 31.03
CA PHE C 393 1.11 -25.30 31.99
C PHE C 393 1.51 -25.82 33.36
N GLY C 394 2.27 -26.91 33.37
CA GLY C 394 2.72 -27.51 34.62
C GLY C 394 3.68 -26.63 35.40
N ILE C 395 4.59 -25.94 34.72
CA ILE C 395 5.59 -25.11 35.44
C ILE C 395 4.93 -24.03 36.30
N ASN C 396 3.69 -23.65 35.97
CA ASN C 396 2.97 -22.70 36.82
C ASN C 396 2.75 -23.22 38.22
N GLN C 397 2.77 -24.55 38.38
CA GLN C 397 2.55 -25.18 39.68
C GLN C 397 3.86 -25.46 40.44
N THR C 398 4.99 -25.11 39.83
CA THR C 398 6.31 -25.30 40.46
C THR C 398 6.71 -24.05 41.22
N THR C 399 7.16 -24.23 42.47
CA THR C 399 7.67 -23.12 43.25
C THR C 399 9.14 -22.90 42.91
N PHE C 400 9.46 -21.68 42.50
CA PHE C 400 10.84 -21.31 42.18
C PHE C 400 11.62 -20.81 43.40
N PRO C 401 12.93 -21.11 43.44
CA PRO C 401 13.82 -20.40 44.37
C PRO C 401 13.90 -18.93 43.96
N ASN C 402 14.39 -18.08 44.86
CA ASN C 402 14.67 -16.70 44.50
C ASN C 402 15.68 -16.67 43.35
N ASN C 403 15.64 -15.60 42.56
CA ASN C 403 16.60 -15.41 41.48
C ASN C 403 16.55 -16.55 40.46
N THR C 404 15.34 -16.93 40.07
CA THR C 404 15.14 -17.92 39.01
C THR C 404 14.66 -17.17 37.77
N TYR C 405 15.31 -17.43 36.63
CA TYR C 405 14.83 -16.85 35.38
C TYR C 405 13.96 -17.86 34.64
N GLY C 406 12.67 -17.59 34.57
CA GLY C 406 11.74 -18.43 33.83
C GLY C 406 11.62 -17.99 32.38
N ILE C 407 11.55 -18.98 31.48
CA ILE C 407 11.21 -18.70 30.08
C ILE C 407 10.03 -19.60 29.70
N SER C 408 8.91 -18.97 29.38
CA SER C 408 7.73 -19.68 28.86
C SER C 408 7.05 -18.76 27.86
N GLN C 409 6.95 -19.22 26.61
CA GLN C 409 6.50 -18.38 25.50
C GLN C 409 4.97 -18.45 25.40
N VAL C 410 4.31 -17.92 26.43
CA VAL C 410 2.87 -18.10 26.61
C VAL C 410 2.05 -17.49 25.49
N LEU C 411 2.48 -16.33 24.98
CA LEU C 411 1.73 -15.68 23.90
C LEU C 411 2.01 -16.29 22.55
N TRP C 412 3.28 -16.29 22.12
CA TRP C 412 3.55 -16.74 20.76
C TRP C 412 3.29 -18.25 20.62
N GLY C 413 3.79 -19.03 21.58
CA GLY C 413 3.43 -20.45 21.69
C GLY C 413 3.89 -21.32 20.54
N SER C 414 5.11 -21.07 20.05
CA SER C 414 5.66 -21.85 18.94
C SER C 414 6.41 -23.07 19.47
N ILE C 415 5.80 -24.25 19.34
CA ILE C 415 6.47 -25.46 19.83
C ILE C 415 7.78 -25.67 19.07
N GLY C 416 8.79 -26.12 19.81
CA GLY C 416 10.14 -26.24 19.29
C GLY C 416 11.02 -25.08 19.70
N PHE C 417 10.42 -23.93 19.97
CA PHE C 417 11.14 -22.75 20.44
C PHE C 417 12.18 -23.11 21.48
N THR C 418 11.80 -23.95 22.45
CA THR C 418 12.65 -24.11 23.63
C THR C 418 13.96 -24.83 23.40
N THR C 419 14.06 -25.68 22.38
CA THR C 419 15.37 -26.32 22.12
C THR C 419 16.38 -25.24 21.72
N GLY C 420 15.94 -24.33 20.86
CA GLY C 420 16.78 -23.19 20.48
C GLY C 420 17.01 -22.25 21.64
N ALA C 421 15.93 -21.90 22.36
CA ALA C 421 16.05 -20.96 23.48
C ALA C 421 17.01 -21.49 24.52
N THR C 422 17.03 -22.81 24.73
CA THR C 422 17.94 -23.46 25.68
C THR C 422 19.40 -23.23 25.27
N LEU C 423 19.70 -23.41 23.98
CA LEU C 423 21.05 -23.13 23.49
C LEU C 423 21.44 -21.68 23.79
N GLY C 424 20.56 -20.74 23.45
CA GLY C 424 20.84 -19.32 23.61
C GLY C 424 21.01 -18.96 25.07
N ALA C 425 20.09 -19.43 25.90
CA ALA C 425 20.18 -19.18 27.33
C ALA C 425 21.45 -19.78 27.92
N ALA C 426 21.87 -20.95 27.44
CA ALA C 426 23.07 -21.61 27.95
C ALA C 426 24.35 -20.84 27.58
N PHE C 427 24.43 -20.30 26.36
CA PHE C 427 25.55 -19.41 25.99
C PHE C 427 25.58 -18.20 26.91
N ALA C 428 24.43 -17.56 27.08
CA ALA C 428 24.37 -16.34 27.89
C ALA C 428 24.71 -16.64 29.34
N ALA C 429 24.19 -17.75 29.87
CA ALA C 429 24.44 -18.14 31.25
C ALA C 429 25.93 -18.42 31.48
N GLU C 430 26.54 -19.12 30.53
CA GLU C 430 27.99 -19.40 30.56
C GLU C 430 28.79 -18.10 30.68
N GLU C 431 28.38 -17.08 29.93
CA GLU C 431 29.06 -15.78 29.91
C GLU C 431 28.88 -15.03 31.23
N ILE C 432 27.73 -15.22 31.89
CA ILE C 432 27.43 -14.54 33.16
C ILE C 432 28.09 -15.27 34.34
N ASP C 433 27.91 -16.59 34.40
CA ASP C 433 28.39 -17.40 35.51
C ASP C 433 28.35 -18.86 35.08
N PRO C 434 29.53 -19.48 34.83
CA PRO C 434 29.61 -20.88 34.41
C PRO C 434 28.92 -21.88 35.37
N LYS C 435 28.61 -21.46 36.60
CA LYS C 435 27.89 -22.33 37.53
C LYS C 435 26.37 -22.24 37.46
N LYS C 436 25.85 -21.28 36.69
CA LYS C 436 24.40 -21.16 36.48
C LYS C 436 23.90 -22.34 35.63
N ARG C 437 22.85 -23.00 36.11
CA ARG C 437 22.30 -24.15 35.40
C ARG C 437 21.16 -23.69 34.49
N VAL C 438 21.01 -24.42 33.39
CA VAL C 438 19.92 -24.20 32.43
C VAL C 438 19.13 -25.51 32.35
N ILE C 439 17.85 -25.41 32.66
CA ILE C 439 16.97 -26.57 32.82
C ILE C 439 15.80 -26.45 31.87
N LEU C 440 15.67 -27.44 30.99
CA LEU C 440 14.60 -27.48 29.98
C LEU C 440 13.60 -28.58 30.26
N PHE C 441 12.32 -28.23 30.22
CA PHE C 441 11.24 -29.20 30.12
C PHE C 441 10.59 -29.05 28.76
N ILE C 442 10.77 -30.06 27.91
CA ILE C 442 10.24 -30.04 26.54
C ILE C 442 9.45 -31.33 26.28
N GLY C 443 8.33 -31.20 25.57
CA GLY C 443 7.57 -32.38 25.17
C GLY C 443 8.22 -33.16 24.05
N ASP C 444 7.89 -34.45 23.99
CA ASP C 444 8.35 -35.31 22.89
C ASP C 444 7.92 -34.80 21.52
N GLY C 445 6.72 -34.25 21.41
CA GLY C 445 6.26 -33.71 20.12
C GLY C 445 7.06 -32.48 19.71
N SER C 446 7.19 -31.52 20.64
CA SER C 446 7.92 -30.29 20.37
C SER C 446 9.39 -30.52 20.04
N LEU C 447 10.01 -31.48 20.72
CA LEU C 447 11.42 -31.76 20.47
C LEU C 447 11.70 -32.06 19.01
N GLN C 448 10.73 -32.70 18.34
CA GLN C 448 10.97 -33.13 16.97
C GLN C 448 11.20 -31.97 16.02
N LEU C 449 10.60 -30.82 16.30
CA LEU C 449 10.66 -29.70 15.36
C LEU C 449 12.03 -29.05 15.27
N THR C 450 12.77 -29.15 16.37
CA THR C 450 14.02 -28.39 16.50
C THR C 450 15.18 -29.23 17.07
N VAL C 451 15.06 -30.55 16.97
CA VAL C 451 15.94 -31.47 17.69
C VAL C 451 17.41 -31.26 17.36
N GLN C 452 17.72 -30.84 16.13
CA GLN C 452 19.14 -30.76 15.71
C GLN C 452 19.91 -29.70 16.50
N GLU C 453 19.23 -28.77 17.16
CA GLU C 453 20.01 -27.74 17.86
C GLU C 453 20.75 -28.28 19.11
N ILE C 454 20.43 -29.50 19.52
CA ILE C 454 21.20 -30.20 20.55
C ILE C 454 22.66 -30.37 20.07
N SER C 455 22.84 -30.57 18.77
CA SER C 455 24.17 -30.64 18.14
C SER C 455 25.06 -29.45 18.53
N THR C 456 24.47 -28.25 18.46
CA THR C 456 25.21 -27.01 18.73
C THR C 456 25.56 -26.87 20.22
N MET C 457 24.71 -27.41 21.08
CA MET C 457 25.00 -27.47 22.51
C MET C 457 26.24 -28.32 22.75
N ILE C 458 26.28 -29.48 22.12
CA ILE C 458 27.42 -30.40 22.23
C ILE C 458 28.70 -29.76 21.70
N ARG C 459 28.63 -29.10 20.55
CA ARG C 459 29.86 -28.61 19.92
C ARG C 459 30.57 -27.57 20.79
N TRP C 460 29.79 -26.86 21.62
CA TRP C 460 30.31 -25.78 22.48
C TRP C 460 30.47 -26.21 23.93
N GLY C 461 30.25 -27.49 24.22
CA GLY C 461 30.38 -28.01 25.57
C GLY C 461 29.45 -27.36 26.57
N LEU C 462 28.29 -26.91 26.11
CA LEU C 462 27.27 -26.37 26.99
C LEU C 462 26.57 -27.50 27.73
N LYS C 463 26.11 -27.24 28.95
CA LYS C 463 25.72 -28.33 29.85
C LYS C 463 24.29 -28.25 30.41
N PRO C 464 23.30 -28.00 29.54
CA PRO C 464 21.93 -27.93 30.04
C PRO C 464 21.41 -29.30 30.44
N TYR C 465 20.36 -29.29 31.26
CA TYR C 465 19.57 -30.45 31.62
C TYR C 465 18.38 -30.47 30.67
N LEU C 466 18.30 -31.52 29.85
CA LEU C 466 17.22 -31.63 28.86
C LEU C 466 16.22 -32.67 29.33
N PHE C 467 15.15 -32.23 30.00
CA PHE C 467 14.09 -33.15 30.43
C PHE C 467 13.06 -33.27 29.30
N VAL C 468 12.88 -34.47 28.77
CA VAL C 468 11.96 -34.73 27.66
C VAL C 468 10.77 -35.48 28.19
N LEU C 469 9.57 -34.92 28.04
CA LEU C 469 8.37 -35.55 28.56
C LEU C 469 7.79 -36.50 27.51
N ASN C 470 8.08 -37.77 27.68
CA ASN C 470 7.56 -38.78 26.76
C ASN C 470 6.18 -39.25 27.20
N ASN C 471 5.14 -38.68 26.60
CA ASN C 471 3.76 -39.13 26.79
C ASN C 471 3.16 -39.58 25.47
N ASP C 472 4.02 -39.99 24.55
CA ASP C 472 3.62 -40.59 23.27
C ASP C 472 2.65 -39.72 22.47
N GLY C 473 3.08 -38.49 22.21
CA GLY C 473 2.34 -37.62 21.28
C GLY C 473 2.01 -36.25 21.84
N TYR C 474 1.05 -35.62 21.20
CA TYR C 474 0.68 -34.24 21.51
C TYR C 474 -0.44 -34.17 22.55
N THR C 475 -0.13 -34.28 23.82
CA THR C 475 -1.17 -34.40 24.82
C THR C 475 -2.02 -33.14 24.93
N ILE C 476 -1.39 -31.98 24.92
CA ILE C 476 -2.16 -30.76 24.97
C ILE C 476 -3.26 -30.75 23.92
N GLN C 477 -2.92 -31.16 22.71
CA GLN C 477 -3.94 -31.13 21.67
C GLN C 477 -4.98 -32.22 21.83
N LYS C 478 -4.56 -33.38 22.30
CA LYS C 478 -5.49 -34.48 22.58
C LYS C 478 -6.58 -34.04 23.56
N LEU C 479 -6.22 -33.12 24.45
CA LEU C 479 -7.16 -32.60 25.44
C LEU C 479 -8.05 -31.48 24.85
N ILE C 480 -7.58 -30.83 23.79
CA ILE C 480 -8.36 -29.81 23.09
C ILE C 480 -9.37 -30.49 22.14
N HIS C 481 -8.88 -31.36 21.27
CA HIS C 481 -9.70 -31.98 20.25
C HIS C 481 -8.97 -33.18 19.67
N GLY C 482 -9.65 -34.32 19.61
CA GLY C 482 -9.10 -35.52 18.97
C GLY C 482 -8.16 -36.31 19.86
N PRO C 483 -8.67 -36.85 20.98
CA PRO C 483 -7.83 -37.60 21.91
C PRO C 483 -7.15 -38.81 21.27
N LYS C 484 -7.77 -39.37 20.23
CA LYS C 484 -7.22 -40.53 19.52
C LYS C 484 -6.95 -40.23 18.05
N ALA C 485 -6.97 -38.95 17.68
CA ALA C 485 -6.75 -38.57 16.30
C ALA C 485 -5.32 -38.80 15.89
N GLN C 486 -5.13 -39.36 14.71
CA GLN C 486 -3.82 -39.75 14.26
C GLN C 486 -2.89 -38.54 14.02
N TYR C 487 -3.47 -37.36 13.76
CA TYR C 487 -2.65 -36.14 13.63
C TYR C 487 -2.04 -35.68 14.97
N ASN C 488 -2.55 -36.23 16.08
CA ASN C 488 -2.00 -35.91 17.39
C ASN C 488 -0.98 -36.91 17.88
N GLU C 489 -0.69 -37.90 17.03
CA GLU C 489 0.31 -38.92 17.33
C GLU C 489 1.60 -38.60 16.60
N ILE C 490 2.71 -39.17 17.08
CA ILE C 490 4.02 -38.89 16.52
C ILE C 490 4.79 -40.19 16.32
N GLN C 491 5.77 -40.15 15.42
CA GLN C 491 6.71 -41.25 15.28
C GLN C 491 7.50 -41.37 16.57
N GLY C 492 7.67 -42.58 17.09
CA GLY C 492 8.41 -42.80 18.35
C GLY C 492 9.92 -42.82 18.14
N TRP C 493 10.62 -41.89 18.80
CA TRP C 493 12.07 -41.79 18.71
C TRP C 493 12.76 -42.45 19.90
N ASP C 494 14.02 -42.86 19.70
CA ASP C 494 14.87 -43.31 20.80
C ASP C 494 15.56 -42.07 21.34
N HIS C 495 14.92 -41.39 22.30
CA HIS C 495 15.41 -40.08 22.73
C HIS C 495 16.84 -40.13 23.31
N LEU C 496 17.12 -41.14 24.11
CA LEU C 496 18.40 -41.17 24.78
C LEU C 496 19.58 -41.39 23.82
N SER C 497 19.30 -41.84 22.60
CA SER C 497 20.32 -41.98 21.58
C SER C 497 20.64 -40.67 20.85
N LEU C 498 19.88 -39.61 21.12
CA LEU C 498 20.09 -38.35 20.42
C LEU C 498 21.46 -37.73 20.65
N LEU C 499 21.86 -37.64 21.91
CA LEU C 499 23.17 -37.09 22.22
C LEU C 499 24.35 -37.79 21.50
N PRO C 500 24.52 -39.12 21.68
CA PRO C 500 25.60 -39.74 20.91
C PRO C 500 25.42 -39.67 19.38
N THR C 501 24.19 -39.73 18.89
CA THR C 501 23.96 -39.57 17.45
C THR C 501 24.49 -38.24 16.91
N PHE C 502 24.37 -37.18 17.71
CA PHE C 502 24.93 -35.88 17.34
C PHE C 502 26.39 -35.69 17.76
N GLY C 503 27.03 -36.78 18.20
CA GLY C 503 28.47 -36.78 18.44
C GLY C 503 28.93 -36.43 19.86
N ALA C 504 28.00 -36.47 20.82
CA ALA C 504 28.35 -36.19 22.21
C ALA C 504 29.32 -37.26 22.73
N LYS C 505 30.35 -36.81 23.43
CA LYS C 505 31.32 -37.71 24.05
C LYS C 505 31.23 -37.64 25.57
N ASP C 506 30.98 -36.45 26.10
CA ASP C 506 30.88 -36.23 27.55
C ASP C 506 29.44 -35.81 27.88
N TYR C 507 28.67 -36.78 28.38
CA TYR C 507 27.24 -36.60 28.63
C TYR C 507 26.68 -37.69 29.54
N GLU C 508 25.46 -37.49 30.01
CA GLU C 508 24.72 -38.53 30.68
C GLU C 508 23.31 -38.63 30.11
N THR C 509 22.78 -39.85 30.08
CA THR C 509 21.38 -40.05 29.77
C THR C 509 20.74 -40.87 30.89
N HIS C 510 19.50 -40.49 31.21
CA HIS C 510 18.73 -41.12 32.28
C HIS C 510 17.29 -41.27 31.85
N ARG C 511 16.64 -42.30 32.35
CA ARG C 511 15.21 -42.48 32.19
C ARG C 511 14.58 -42.54 33.57
N VAL C 512 13.48 -41.82 33.77
CA VAL C 512 12.74 -41.88 35.02
C VAL C 512 11.28 -42.17 34.74
N ALA C 513 10.71 -43.10 35.49
CA ALA C 513 9.35 -43.52 35.32
C ALA C 513 8.56 -43.64 36.61
N THR C 514 9.28 -43.58 37.72
CA THR C 514 8.67 -43.65 39.04
C THR C 514 9.14 -42.52 39.94
N THR C 515 8.40 -42.29 40.99
CA THR C 515 8.76 -41.29 41.96
C THR C 515 10.09 -41.58 42.66
N GLY C 516 10.36 -42.83 42.96
CA GLY C 516 11.67 -43.18 43.45
C GLY C 516 12.83 -42.91 42.53
N GLU C 517 12.63 -43.20 41.26
CA GLU C 517 13.65 -42.89 40.27
C GLU C 517 13.89 -41.38 40.14
N TRP C 518 12.79 -40.62 40.16
CA TRP C 518 12.87 -39.16 40.12
C TRP C 518 13.64 -38.61 41.31
N ASP C 519 13.24 -39.00 42.52
CA ASP C 519 13.91 -38.52 43.74
C ASP C 519 15.38 -38.95 43.80
N LYS C 520 15.66 -40.20 43.46
CA LYS C 520 17.04 -40.70 43.50
C LYS C 520 17.97 -39.91 42.57
N LEU C 521 17.50 -39.66 41.34
CA LEU C 521 18.26 -38.91 40.36
C LEU C 521 18.42 -37.42 40.74
N THR C 522 17.30 -36.76 41.00
CA THR C 522 17.31 -35.32 41.18
C THR C 522 17.88 -34.87 42.55
N GLN C 523 17.92 -35.80 43.51
CA GLN C 523 18.52 -35.49 44.82
C GLN C 523 20.02 -35.77 44.83
N ASP C 524 20.48 -36.50 43.82
CA ASP C 524 21.89 -36.91 43.74
C ASP C 524 22.82 -35.70 43.63
N LYS C 525 23.84 -35.68 44.49
CA LYS C 525 24.76 -34.54 44.54
C LYS C 525 25.45 -34.29 43.20
N SER C 526 25.99 -35.34 42.59
CA SER C 526 26.70 -35.21 41.32
C SER C 526 25.77 -34.72 40.20
N PHE C 527 24.56 -35.28 40.17
CA PHE C 527 23.55 -34.84 39.20
C PHE C 527 23.28 -33.34 39.28
N ASN C 528 23.34 -32.77 40.47
CA ASN C 528 23.05 -31.36 40.68
C ASN C 528 24.14 -30.38 40.27
N ASP C 529 25.30 -30.94 39.88
CA ASP C 529 26.39 -30.16 39.34
C ASP C 529 26.26 -30.12 37.82
N ASN C 530 26.35 -28.94 37.23
CA ASN C 530 26.30 -28.82 35.77
C ASN C 530 27.63 -29.17 35.11
N SER C 531 28.05 -30.41 35.30
CA SER C 531 29.36 -30.89 34.87
C SER C 531 29.39 -31.38 33.44
N LYS C 532 28.22 -31.70 32.89
CA LYS C 532 28.11 -32.16 31.50
C LYS C 532 26.65 -32.03 31.06
N ILE C 533 26.45 -32.09 29.74
CA ILE C 533 25.10 -32.07 29.17
C ILE C 533 24.40 -33.37 29.57
N ARG C 534 23.11 -33.28 29.84
CA ARG C 534 22.35 -34.44 30.27
C ARG C 534 20.99 -34.46 29.59
N MET C 535 20.52 -35.65 29.23
CA MET C 535 19.13 -35.82 28.83
C MET C 535 18.43 -36.78 29.77
N ILE C 536 17.23 -36.39 30.21
CA ILE C 536 16.44 -37.19 31.12
C ILE C 536 15.10 -37.45 30.43
N GLU C 537 14.85 -38.68 30.04
CA GLU C 537 13.56 -39.05 29.46
C GLU C 537 12.58 -39.37 30.59
N VAL C 538 11.50 -38.61 30.67
CA VAL C 538 10.48 -38.76 31.68
C VAL C 538 9.25 -39.46 31.09
N MET C 539 8.90 -40.62 31.65
CA MET C 539 7.81 -41.43 31.11
C MET C 539 6.51 -41.09 31.81
N LEU C 540 5.54 -40.57 31.04
CA LEU C 540 4.27 -40.08 31.59
C LEU C 540 3.09 -40.63 30.78
N PRO C 541 1.90 -40.72 31.42
CA PRO C 541 0.75 -41.24 30.66
C PRO C 541 0.29 -40.30 29.55
N VAL C 542 -0.34 -40.88 28.53
CA VAL C 542 -0.84 -40.14 27.38
C VAL C 542 -1.80 -39.02 27.80
N PHE C 543 -2.79 -39.31 28.63
CA PHE C 543 -3.83 -38.32 28.87
C PHE C 543 -3.64 -37.53 30.16
N ASP C 544 -2.45 -37.64 30.74
CA ASP C 544 -2.14 -37.01 32.01
C ASP C 544 -1.69 -35.58 31.75
N ALA C 545 -2.17 -34.64 32.56
CA ALA C 545 -1.83 -33.24 32.36
C ALA C 545 -2.09 -32.48 33.64
N PRO C 546 -1.49 -31.29 33.76
CA PRO C 546 -1.88 -30.40 34.86
C PRO C 546 -3.34 -29.99 34.74
N GLN C 547 -4.02 -29.85 35.87
CA GLN C 547 -5.46 -29.56 35.88
C GLN C 547 -5.83 -28.24 35.18
N ASN C 548 -4.97 -27.23 35.31
CA ASN C 548 -5.15 -25.95 34.63
C ASN C 548 -5.20 -26.09 33.11
N LEU C 549 -4.42 -27.03 32.58
CA LEU C 549 -4.45 -27.29 31.13
C LEU C 549 -5.72 -28.02 30.68
N VAL C 550 -6.18 -28.97 31.48
CA VAL C 550 -7.41 -29.70 31.17
C VAL C 550 -8.54 -28.69 30.95
N GLU C 551 -8.59 -27.70 31.84
CA GLU C 551 -9.60 -26.66 31.77
C GLU C 551 -9.38 -25.68 30.62
N GLN C 552 -8.14 -25.21 30.45
CA GLN C 552 -7.81 -24.30 29.36
C GLN C 552 -8.13 -24.91 28.00
N ALA C 553 -7.80 -26.18 27.83
CA ALA C 553 -8.04 -26.89 26.58
C ALA C 553 -9.51 -26.82 26.18
N LYS C 554 -10.41 -27.01 27.15
CA LYS C 554 -11.85 -26.94 26.89
C LYS C 554 -12.26 -25.53 26.48
N LEU C 555 -11.71 -24.52 27.14
CA LEU C 555 -12.03 -23.13 26.79
C LEU C 555 -11.58 -22.80 25.36
N THR C 556 -10.36 -23.22 25.03
CA THR C 556 -9.79 -23.02 23.70
C THR C 556 -10.59 -23.71 22.60
N ALA C 557 -10.97 -24.98 22.82
CA ALA C 557 -11.79 -25.71 21.86
C ALA C 557 -13.10 -24.96 21.60
N ALA C 558 -13.75 -24.52 22.68
CA ALA C 558 -15.02 -23.78 22.57
C ALA C 558 -14.87 -22.47 21.79
N THR C 559 -13.80 -21.74 22.08
CA THR C 559 -13.47 -20.50 21.39
C THR C 559 -13.36 -20.69 19.86
N ASN C 560 -12.69 -21.76 19.45
CA ASN C 560 -12.46 -21.98 18.02
C ASN C 560 -13.69 -22.47 17.28
N ALA C 561 -14.52 -23.24 17.98
CA ALA C 561 -15.72 -23.85 17.39
C ALA C 561 -16.94 -22.92 17.39
N LYS C 562 -16.85 -21.83 18.15
CA LYS C 562 -17.96 -20.88 18.32
C LYS C 562 -18.39 -20.23 17.00
N GLN C 563 -19.69 -20.18 16.78
CA GLN C 563 -20.26 -19.59 15.55
C GLN C 563 -20.78 -18.18 15.83
N SER D 2 -26.77 -34.61 0.33
CA SER D 2 -27.00 -33.27 -0.27
C SER D 2 -26.09 -32.17 0.31
N GLU D 3 -25.64 -32.37 1.55
CA GLU D 3 -24.74 -31.40 2.19
C GLU D 3 -23.45 -32.02 2.68
N ILE D 4 -22.37 -31.23 2.66
CA ILE D 4 -21.04 -31.67 3.06
C ILE D 4 -20.38 -30.49 3.80
N THR D 5 -19.56 -30.76 4.81
CA THR D 5 -18.84 -29.66 5.47
C THR D 5 -17.87 -29.02 4.50
N LEU D 6 -17.59 -27.75 4.72
CA LEU D 6 -16.60 -27.04 3.91
C LEU D 6 -15.24 -27.75 3.99
N GLY D 7 -14.88 -28.22 5.18
CA GLY D 7 -13.61 -28.96 5.36
C GLY D 7 -13.54 -30.20 4.50
N LYS D 8 -14.62 -30.99 4.49
CA LYS D 8 -14.64 -32.19 3.66
C LYS D 8 -14.63 -31.84 2.17
N TYR D 9 -15.35 -30.78 1.80
CA TYR D 9 -15.31 -30.25 0.45
C TYR D 9 -13.87 -30.03 -0.06
N LEU D 10 -13.05 -29.39 0.78
CA LEU D 10 -11.65 -29.14 0.41
C LEU D 10 -10.93 -30.45 0.01
N PHE D 11 -11.05 -31.46 0.85
CA PHE D 11 -10.33 -32.71 0.59
C PHE D 11 -10.90 -33.50 -0.58
N GLU D 12 -12.22 -33.40 -0.78
CA GLU D 12 -12.82 -34.00 -1.96
C GLU D 12 -12.29 -33.34 -3.24
N ARG D 13 -12.14 -32.01 -3.22
CA ARG D 13 -11.58 -31.32 -4.38
C ARG D 13 -10.11 -31.71 -4.62
N LEU D 14 -9.35 -31.81 -3.53
CA LEU D 14 -7.95 -32.17 -3.65
C LEU D 14 -7.81 -33.57 -4.28
N LYS D 15 -8.66 -34.49 -3.84
CA LYS D 15 -8.67 -35.84 -4.39
C LYS D 15 -8.96 -35.80 -5.90
N GLN D 16 -9.93 -34.97 -6.29
CA GLN D 16 -10.30 -34.85 -7.72
C GLN D 16 -9.16 -34.34 -8.59
N VAL D 17 -8.26 -33.56 -8.00
CA VAL D 17 -7.11 -33.04 -8.74
C VAL D 17 -5.81 -33.81 -8.45
N ASN D 18 -5.94 -35.02 -7.90
CA ASN D 18 -4.83 -35.98 -7.82
C ASN D 18 -3.84 -35.60 -6.70
N VAL D 19 -4.31 -34.88 -5.71
CA VAL D 19 -3.55 -34.61 -4.50
C VAL D 19 -4.07 -35.57 -3.43
N ASN D 20 -3.24 -36.54 -3.04
CA ASN D 20 -3.68 -37.64 -2.19
C ASN D 20 -2.94 -37.72 -0.85
N THR D 21 -1.89 -36.92 -0.70
CA THR D 21 -1.21 -36.77 0.58
C THR D 21 -1.22 -35.29 0.90
N VAL D 22 -1.48 -34.97 2.17
CA VAL D 22 -1.52 -33.56 2.62
C VAL D 22 -0.43 -33.39 3.69
N PHE D 23 0.36 -32.33 3.52
CA PHE D 23 1.52 -32.05 4.39
C PHE D 23 1.17 -31.01 5.44
N GLY D 24 2.05 -30.84 6.43
CA GLY D 24 1.82 -29.83 7.45
C GLY D 24 1.85 -30.37 8.87
N LEU D 25 1.48 -29.50 9.81
CA LEU D 25 1.39 -29.89 11.23
C LEU D 25 0.09 -29.36 11.81
N PRO D 26 -0.45 -30.07 12.79
CA PRO D 26 -1.69 -29.66 13.43
C PRO D 26 -1.47 -28.48 14.39
N GLY D 27 -2.52 -27.71 14.61
CA GLY D 27 -2.58 -26.71 15.69
C GLY D 27 -4.05 -26.51 16.01
N ASP D 28 -4.36 -25.97 17.19
CA ASP D 28 -5.76 -25.84 17.58
C ASP D 28 -6.66 -25.23 16.48
N PHE D 29 -6.13 -24.25 15.72
CA PHE D 29 -6.87 -23.59 14.63
C PHE D 29 -7.15 -24.42 13.36
N ASN D 30 -6.56 -25.61 13.25
CA ASN D 30 -6.83 -26.48 12.11
C ASN D 30 -7.29 -27.90 12.44
N LEU D 31 -7.48 -28.21 13.73
CA LEU D 31 -7.79 -29.59 14.12
C LEU D 31 -9.09 -30.10 13.51
N SER D 32 -10.13 -29.28 13.55
CA SER D 32 -11.41 -29.73 13.01
C SER D 32 -11.29 -29.98 11.51
N LEU D 33 -10.50 -29.16 10.82
CA LEU D 33 -10.25 -29.37 9.39
C LEU D 33 -9.55 -30.72 9.17
N LEU D 34 -8.52 -31.01 9.96
CA LEU D 34 -7.78 -32.26 9.76
C LEU D 34 -8.63 -33.48 9.98
N ASP D 35 -9.62 -33.39 10.86
CA ASP D 35 -10.56 -34.50 11.06
C ASP D 35 -11.12 -34.99 9.72
N LYS D 36 -11.35 -34.04 8.81
CA LYS D 36 -12.02 -34.35 7.55
C LYS D 36 -11.19 -35.21 6.61
N ILE D 37 -9.87 -35.19 6.77
CA ILE D 37 -9.01 -36.05 5.96
C ILE D 37 -9.38 -37.51 6.13
N TYR D 38 -9.74 -37.88 7.35
CA TYR D 38 -10.08 -39.27 7.67
C TYR D 38 -11.49 -39.66 7.19
N GLU D 39 -12.22 -38.69 6.64
CA GLU D 39 -13.56 -38.92 6.07
C GLU D 39 -13.52 -39.08 4.54
N VAL D 40 -12.34 -38.93 3.95
CA VAL D 40 -12.20 -39.02 2.50
C VAL D 40 -11.21 -40.12 2.16
N GLU D 41 -11.71 -41.17 1.51
CA GLU D 41 -10.89 -42.28 1.09
C GLU D 41 -9.80 -41.80 0.12
N GLY D 42 -8.60 -42.36 0.24
CA GLY D 42 -7.50 -41.95 -0.63
C GLY D 42 -6.90 -40.59 -0.31
N MET D 43 -7.08 -40.12 0.93
CA MET D 43 -6.47 -38.87 1.40
C MET D 43 -5.75 -39.20 2.68
N ARG D 44 -4.47 -38.86 2.75
CA ARG D 44 -3.73 -39.14 3.95
C ARG D 44 -2.98 -37.92 4.45
N TRP D 45 -2.75 -37.90 5.75
CA TRP D 45 -2.07 -36.80 6.43
C TRP D 45 -0.64 -37.27 6.75
N ALA D 46 0.36 -36.58 6.21
CA ALA D 46 1.75 -37.01 6.38
C ALA D 46 2.22 -37.01 7.84
N GLY D 47 1.84 -35.99 8.59
CA GLY D 47 2.30 -35.86 9.97
C GLY D 47 3.76 -35.45 9.99
N ASN D 48 4.07 -34.29 9.41
CA ASN D 48 5.44 -33.83 9.29
C ASN D 48 6.06 -33.46 10.63
N ALA D 49 7.41 -33.45 10.66
CA ALA D 49 8.14 -33.18 11.90
C ALA D 49 8.41 -31.70 12.14
N ASN D 50 8.34 -30.87 11.09
CA ASN D 50 8.16 -29.43 11.25
C ASN D 50 7.61 -28.81 9.98
N GLU D 51 7.18 -27.56 10.06
CA GLU D 51 6.47 -26.92 8.95
C GLU D 51 7.37 -26.56 7.80
N LEU D 52 8.62 -26.19 8.07
CA LEU D 52 9.52 -25.91 6.94
C LEU D 52 9.71 -27.18 6.11
N ASN D 53 9.99 -28.29 6.81
CA ASN D 53 10.17 -29.57 6.13
C ASN D 53 8.90 -29.97 5.38
N ALA D 54 7.75 -29.69 5.99
CA ALA D 54 6.45 -29.96 5.33
C ALA D 54 6.32 -29.21 4.02
N ALA D 55 6.76 -27.96 4.00
CA ALA D 55 6.68 -27.16 2.79
C ALA D 55 7.64 -27.67 1.70
N TYR D 56 8.84 -28.05 2.12
CA TYR D 56 9.79 -28.68 1.21
C TYR D 56 9.19 -29.99 0.63
N ALA D 57 8.55 -30.75 1.51
CA ALA D 57 7.89 -32.00 1.08
C ALA D 57 6.74 -31.74 0.10
N ALA D 58 5.93 -30.71 0.38
CA ALA D 58 4.84 -30.39 -0.54
C ALA D 58 5.42 -29.99 -1.90
N ASP D 59 6.58 -29.35 -1.91
CA ASP D 59 7.23 -28.94 -3.15
C ASP D 59 7.67 -30.20 -3.93
N GLY D 60 8.37 -31.13 -3.27
CA GLY D 60 8.75 -32.39 -3.90
C GLY D 60 7.57 -33.17 -4.43
N TYR D 61 6.49 -33.22 -3.64
CA TYR D 61 5.29 -33.93 -4.06
C TYR D 61 4.71 -33.28 -5.32
N ALA D 62 4.61 -31.95 -5.31
CA ALA D 62 4.05 -31.24 -6.45
C ALA D 62 4.88 -31.45 -7.71
N ARG D 63 6.20 -31.49 -7.58
CA ARG D 63 7.05 -31.73 -8.74
C ARG D 63 6.75 -33.04 -9.42
N ILE D 64 6.53 -34.09 -8.63
CA ILE D 64 6.31 -35.44 -9.15
C ILE D 64 4.83 -35.67 -9.53
N LYS D 65 3.92 -35.14 -8.72
CA LYS D 65 2.50 -35.47 -8.85
C LYS D 65 1.71 -34.47 -9.69
N GLY D 66 2.07 -33.18 -9.63
CA GLY D 66 1.42 -32.13 -10.42
C GLY D 66 1.17 -30.89 -9.60
N MET D 67 0.67 -31.07 -8.39
CA MET D 67 0.51 -30.00 -7.40
C MET D 67 0.41 -30.61 -6.01
N SER D 68 0.39 -29.78 -4.99
CA SER D 68 0.36 -30.30 -3.62
C SER D 68 -0.40 -29.38 -2.69
N CYS D 69 -0.57 -29.84 -1.44
CA CYS D 69 -1.19 -29.04 -0.41
C CYS D 69 -0.48 -29.23 0.91
N ILE D 70 -0.21 -28.11 1.59
CA ILE D 70 0.28 -28.10 2.96
C ILE D 70 -0.72 -27.32 3.80
N ILE D 71 -1.03 -27.85 4.98
CA ILE D 71 -1.91 -27.19 5.95
C ILE D 71 -1.10 -26.84 7.19
N THR D 72 -1.15 -25.57 7.57
CA THR D 72 -0.49 -25.12 8.79
C THR D 72 -1.44 -24.38 9.71
N THR D 73 -0.97 -24.05 10.92
CA THR D 73 -1.76 -23.26 11.86
C THR D 73 -1.32 -21.79 11.82
N PHE D 74 -2.26 -20.90 12.15
CA PHE D 74 -2.08 -19.45 12.16
C PHE D 74 -0.80 -19.03 12.86
N GLY D 75 -0.09 -18.11 12.22
CA GLY D 75 1.10 -17.50 12.83
C GLY D 75 2.29 -18.43 12.87
N VAL D 76 2.33 -19.29 13.89
CA VAL D 76 3.52 -20.10 14.15
C VAL D 76 3.77 -21.15 13.07
N GLY D 77 2.70 -21.73 12.52
CA GLY D 77 2.87 -22.76 11.50
C GLY D 77 3.17 -22.12 10.15
N GLU D 78 2.33 -21.17 9.75
CA GLU D 78 2.49 -20.57 8.44
C GLU D 78 3.84 -19.85 8.28
N LEU D 79 4.29 -19.12 9.31
CA LEU D 79 5.58 -18.43 9.18
C LEU D 79 6.75 -19.40 9.12
N SER D 80 6.63 -20.55 9.79
CA SER D 80 7.69 -21.55 9.74
C SER D 80 7.86 -22.10 8.31
N ALA D 81 6.77 -22.10 7.55
CA ALA D 81 6.76 -22.66 6.20
C ALA D 81 7.28 -21.74 5.11
N LEU D 82 7.45 -20.46 5.40
CA LEU D 82 7.63 -19.48 4.33
C LEU D 82 8.85 -19.65 3.42
N ASN D 83 9.97 -20.14 3.95
CA ASN D 83 11.13 -20.38 3.10
C ASN D 83 10.84 -21.51 2.09
N GLY D 84 10.02 -22.48 2.49
CA GLY D 84 9.56 -23.51 1.55
C GLY D 84 8.68 -22.92 0.46
N ILE D 85 7.69 -22.14 0.88
CA ILE D 85 6.78 -21.51 -0.07
C ILE D 85 7.53 -20.62 -1.06
N ALA D 86 8.48 -19.84 -0.56
CA ALA D 86 9.22 -18.90 -1.42
C ALA D 86 10.01 -19.65 -2.49
N GLY D 87 10.61 -20.77 -2.11
CA GLY D 87 11.33 -21.60 -3.06
C GLY D 87 10.40 -22.19 -4.12
N SER D 88 9.18 -22.52 -3.72
CA SER D 88 8.18 -22.99 -4.67
C SER D 88 7.76 -21.87 -5.61
N TYR D 89 7.66 -20.65 -5.09
CA TYR D 89 7.37 -19.50 -5.95
C TYR D 89 8.49 -19.29 -6.96
N ALA D 90 9.72 -19.25 -6.46
CA ALA D 90 10.90 -19.01 -7.30
C ALA D 90 11.04 -20.03 -8.44
N GLU D 91 10.79 -21.29 -8.12
CA GLU D 91 11.04 -22.37 -9.06
C GLU D 91 9.81 -22.86 -9.78
N HIS D 92 8.69 -22.16 -9.60
CA HIS D 92 7.45 -22.46 -10.32
C HIS D 92 6.91 -23.86 -9.96
N VAL D 93 6.65 -24.04 -8.67
CA VAL D 93 6.04 -25.27 -8.17
C VAL D 93 4.69 -24.93 -7.53
N GLY D 94 3.65 -25.63 -7.97
CA GLY D 94 2.28 -25.38 -7.52
C GLY D 94 1.96 -25.98 -6.18
N VAL D 95 2.12 -25.20 -5.12
CA VAL D 95 1.82 -25.63 -3.76
C VAL D 95 0.68 -24.81 -3.19
N LEU D 96 -0.40 -25.46 -2.77
CA LEU D 96 -1.50 -24.77 -2.11
C LEU D 96 -1.26 -24.76 -0.61
N HIS D 97 -1.06 -23.58 -0.03
CA HIS D 97 -0.83 -23.43 1.40
C HIS D 97 -2.11 -23.02 2.06
N VAL D 98 -2.73 -23.97 2.78
CA VAL D 98 -3.94 -23.72 3.55
C VAL D 98 -3.55 -23.45 5.00
N VAL D 99 -4.07 -22.36 5.56
CA VAL D 99 -3.80 -22.00 6.95
C VAL D 99 -5.08 -21.99 7.75
N GLY D 100 -5.10 -22.75 8.84
CA GLY D 100 -6.23 -22.69 9.78
C GLY D 100 -6.09 -21.42 10.60
N VAL D 101 -7.12 -20.58 10.57
CA VAL D 101 -7.05 -19.29 11.25
C VAL D 101 -8.13 -19.15 12.34
N PRO D 102 -7.96 -18.16 13.25
CA PRO D 102 -8.97 -17.98 14.30
C PRO D 102 -10.37 -17.79 13.73
N SER D 103 -11.36 -18.21 14.53
CA SER D 103 -12.76 -18.11 14.14
C SER D 103 -13.14 -16.66 13.82
N ILE D 104 -14.19 -16.52 13.02
CA ILE D 104 -14.71 -15.20 12.67
C ILE D 104 -15.01 -14.35 13.92
N SER D 105 -15.64 -14.97 14.92
CA SER D 105 -15.98 -14.27 16.16
C SER D 105 -14.74 -13.85 16.97
N ALA D 106 -13.71 -14.68 16.96
CA ALA D 106 -12.46 -14.35 17.66
C ALA D 106 -11.76 -13.17 16.99
N GLN D 107 -11.81 -13.13 15.68
CA GLN D 107 -11.23 -12.06 14.91
C GLN D 107 -11.93 -10.73 15.13
N ALA D 108 -13.24 -10.80 15.10
CA ALA D 108 -14.14 -9.68 15.36
C ALA D 108 -13.86 -9.05 16.71
N LYS D 109 -13.76 -9.89 17.72
CA LYS D 109 -13.60 -9.46 19.07
C LYS D 109 -12.16 -9.03 19.28
N GLN D 110 -11.34 -9.21 18.26
CA GLN D 110 -9.91 -9.00 18.40
C GLN D 110 -9.34 -9.60 19.70
N LEU D 111 -9.65 -10.86 19.96
CA LEU D 111 -9.13 -11.57 21.12
C LEU D 111 -7.61 -11.66 21.11
N LEU D 112 -7.00 -11.47 22.26
CA LEU D 112 -5.54 -11.58 22.34
C LEU D 112 -5.13 -13.06 22.46
N LEU D 113 -5.20 -13.74 21.33
CA LEU D 113 -4.98 -15.19 21.29
C LEU D 113 -3.51 -15.55 21.11
N HIS D 114 -3.16 -16.75 21.55
CA HIS D 114 -1.87 -17.33 21.24
C HIS D 114 -1.66 -17.31 19.72
N HIS D 115 -0.39 -17.24 19.33
CA HIS D 115 0.05 -17.19 17.93
C HIS D 115 -0.29 -15.87 17.23
N THR D 116 -0.66 -14.84 17.98
CA THR D 116 -0.77 -13.49 17.42
C THR D 116 0.40 -12.63 17.88
N LEU D 117 0.56 -11.47 17.25
CA LEU D 117 1.60 -10.54 17.69
C LEU D 117 1.20 -9.74 18.93
N GLY D 118 0.00 -10.00 19.46
CA GLY D 118 -0.51 -9.33 20.66
C GLY D 118 -1.11 -7.96 20.40
N ASN D 119 -1.28 -7.60 19.14
CA ASN D 119 -1.73 -6.27 18.73
C ASN D 119 -3.11 -6.29 18.04
N GLY D 120 -3.72 -7.47 18.01
CA GLY D 120 -5.07 -7.63 17.46
C GLY D 120 -5.15 -7.62 15.93
N ASP D 121 -4.00 -7.71 15.27
CA ASP D 121 -3.97 -7.71 13.80
C ASP D 121 -3.95 -9.14 13.26
N PHE D 122 -5.09 -9.57 12.73
CA PHE D 122 -5.22 -10.92 12.21
C PHE D 122 -4.87 -11.02 10.72
N THR D 123 -4.44 -9.90 10.12
CA THR D 123 -4.12 -9.85 8.68
C THR D 123 -2.63 -9.94 8.37
N VAL D 124 -1.79 -9.79 9.38
CA VAL D 124 -0.34 -9.61 9.16
C VAL D 124 0.35 -10.76 8.41
N PHE D 125 0.01 -11.99 8.78
CA PHE D 125 0.68 -13.15 8.18
C PHE D 125 0.21 -13.39 6.75
N HIS D 126 -1.07 -13.15 6.53
CA HIS D 126 -1.64 -13.16 5.19
C HIS D 126 -0.91 -12.15 4.30
N ARG D 127 -0.74 -10.93 4.82
CA ARG D 127 -0.01 -9.89 4.09
C ARG D 127 1.41 -10.32 3.74
N MET D 128 2.06 -11.01 4.67
CA MET D 128 3.42 -11.46 4.44
C MET D 128 3.47 -12.52 3.34
N SER D 129 2.56 -13.48 3.41
CA SER D 129 2.50 -14.53 2.37
C SER D 129 2.11 -14.04 0.97
N ALA D 130 1.40 -12.92 0.91
CA ALA D 130 0.98 -12.40 -0.38
C ALA D 130 2.19 -12.04 -1.26
N ASN D 131 3.33 -11.76 -0.62
CA ASN D 131 4.58 -11.46 -1.33
C ASN D 131 5.19 -12.61 -2.11
N ILE D 132 4.81 -13.83 -1.75
CA ILE D 132 5.39 -15.05 -2.31
C ILE D 132 4.31 -16.00 -2.84
N SER D 133 3.14 -15.45 -3.18
CA SER D 133 2.02 -16.24 -3.68
C SER D 133 1.51 -15.64 -4.99
N GLU D 134 1.05 -16.50 -5.89
CA GLU D 134 0.39 -16.06 -7.12
C GLU D 134 -0.92 -15.32 -6.79
N THR D 135 -1.68 -15.84 -5.84
CA THR D 135 -2.91 -15.23 -5.37
C THR D 135 -3.13 -15.69 -3.93
N THR D 136 -4.08 -15.04 -3.24
CA THR D 136 -4.45 -15.41 -1.89
C THR D 136 -5.96 -15.34 -1.74
N ALA D 137 -6.47 -16.08 -0.78
CA ALA D 137 -7.85 -15.96 -0.35
C ALA D 137 -7.89 -16.10 1.16
N MET D 138 -8.69 -15.26 1.80
CA MET D 138 -8.97 -15.38 3.22
C MET D 138 -10.48 -15.50 3.33
N ILE D 139 -10.94 -16.72 3.62
CA ILE D 139 -12.37 -17.03 3.64
C ILE D 139 -13.08 -16.36 4.80
N THR D 140 -14.20 -15.70 4.49
CA THR D 140 -14.98 -15.01 5.53
C THR D 140 -16.46 -15.38 5.46
N ASP D 141 -16.89 -15.93 4.33
CA ASP D 141 -18.30 -16.19 4.05
C ASP D 141 -18.55 -17.57 3.46
N ILE D 142 -19.36 -18.37 4.15
CA ILE D 142 -19.68 -19.74 3.70
C ILE D 142 -20.28 -19.81 2.28
N ALA D 143 -20.98 -18.75 1.87
CA ALA D 143 -21.67 -18.71 0.59
C ALA D 143 -20.74 -18.75 -0.61
N THR D 144 -19.59 -18.08 -0.53
CA THR D 144 -18.66 -18.03 -1.65
C THR D 144 -17.43 -18.91 -1.42
N ALA D 145 -17.36 -19.56 -0.26
CA ALA D 145 -16.21 -20.39 0.12
C ALA D 145 -15.87 -21.49 -0.90
N PRO D 146 -16.86 -22.30 -1.35
CA PRO D 146 -16.50 -23.32 -2.35
C PRO D 146 -15.86 -22.74 -3.61
N ALA D 147 -16.41 -21.64 -4.13
CA ALA D 147 -15.84 -20.99 -5.32
C ALA D 147 -14.41 -20.50 -5.09
N GLU D 148 -14.14 -20.00 -3.88
CA GLU D 148 -12.80 -19.53 -3.54
C GLU D 148 -11.80 -20.67 -3.45
N ILE D 149 -12.21 -21.78 -2.86
CA ILE D 149 -11.40 -23.00 -2.85
C ILE D 149 -11.09 -23.44 -4.29
N ASP D 150 -12.11 -23.50 -5.14
CA ASP D 150 -11.91 -23.94 -6.52
C ASP D 150 -10.94 -23.01 -7.25
N ARG D 151 -11.10 -21.70 -7.03
CA ARG D 151 -10.23 -20.70 -7.65
C ARG D 151 -8.76 -20.89 -7.22
N CYS D 152 -8.57 -21.13 -5.93
CA CYS D 152 -7.22 -21.33 -5.39
C CYS D 152 -6.57 -22.59 -5.97
N ILE D 153 -7.33 -23.68 -6.03
CA ILE D 153 -6.81 -24.94 -6.58
C ILE D 153 -6.46 -24.79 -8.07
N ARG D 154 -7.35 -24.18 -8.85
CA ARG D 154 -7.07 -23.98 -10.27
C ARG D 154 -5.81 -23.13 -10.47
N THR D 155 -5.75 -22.02 -9.74
CA THR D 155 -4.59 -21.12 -9.87
C THR D 155 -3.28 -21.81 -9.55
N THR D 156 -3.24 -22.57 -8.45
CA THR D 156 -2.04 -23.33 -8.08
C THR D 156 -1.56 -24.18 -9.26
N TYR D 157 -2.47 -24.93 -9.85
CA TYR D 157 -2.08 -25.85 -10.91
C TYR D 157 -1.68 -25.18 -12.22
N VAL D 158 -2.50 -24.23 -12.69
CA VAL D 158 -2.26 -23.66 -14.01
C VAL D 158 -1.10 -22.68 -14.01
N THR D 159 -0.84 -22.02 -12.88
CA THR D 159 0.31 -21.11 -12.82
C THR D 159 1.59 -21.76 -12.29
N GLN D 160 1.43 -22.89 -11.61
CA GLN D 160 2.55 -23.57 -10.95
C GLN D 160 3.30 -22.60 -10.03
N ARG D 161 2.55 -21.92 -9.20
CA ARG D 161 3.09 -21.09 -8.13
C ARG D 161 2.25 -21.29 -6.85
N PRO D 162 2.82 -21.04 -5.69
CA PRO D 162 2.06 -21.18 -4.48
C PRO D 162 0.87 -20.24 -4.40
N VAL D 163 -0.16 -20.72 -3.72
CA VAL D 163 -1.37 -19.97 -3.44
C VAL D 163 -1.69 -20.09 -1.95
N TYR D 164 -2.20 -19.01 -1.36
CA TYR D 164 -2.48 -18.94 0.07
C TYR D 164 -4.00 -18.98 0.29
N LEU D 165 -4.45 -19.88 1.14
CA LEU D 165 -5.87 -20.01 1.47
C LEU D 165 -6.10 -20.07 2.98
N GLY D 166 -6.64 -18.99 3.56
CA GLY D 166 -6.93 -18.98 4.99
C GLY D 166 -8.35 -19.45 5.27
N LEU D 167 -8.47 -20.39 6.20
CA LEU D 167 -9.76 -20.97 6.58
C LEU D 167 -10.02 -20.83 8.07
N PRO D 168 -10.95 -19.92 8.48
CA PRO D 168 -11.32 -19.78 9.89
C PRO D 168 -11.87 -21.07 10.49
N ALA D 169 -11.46 -21.39 11.71
CA ALA D 169 -11.79 -22.66 12.37
C ALA D 169 -13.28 -22.96 12.38
N ASN D 170 -14.10 -21.97 12.69
CA ASN D 170 -15.54 -22.22 12.77
C ASN D 170 -16.19 -22.56 11.42
N LEU D 171 -15.66 -22.00 10.33
CA LEU D 171 -16.26 -22.17 8.99
C LEU D 171 -16.07 -23.56 8.39
N VAL D 172 -15.04 -24.27 8.83
CA VAL D 172 -14.77 -25.60 8.26
C VAL D 172 -15.88 -26.61 8.58
N ASP D 173 -16.66 -26.35 9.64
CA ASP D 173 -17.74 -27.24 10.04
C ASP D 173 -19.12 -26.83 9.53
N LEU D 174 -19.18 -25.74 8.79
CA LEU D 174 -20.45 -25.35 8.16
C LEU D 174 -20.68 -26.11 6.86
N ASN D 175 -21.95 -26.36 6.54
CA ASN D 175 -22.32 -27.14 5.38
C ASN D 175 -22.39 -26.35 4.06
N VAL D 176 -22.02 -27.03 2.98
CA VAL D 176 -22.15 -26.52 1.62
C VAL D 176 -22.83 -27.58 0.76
N PRO D 177 -23.38 -27.20 -0.41
CA PRO D 177 -24.06 -28.19 -1.24
C PRO D 177 -23.09 -29.19 -1.88
N ALA D 178 -23.33 -30.48 -1.65
CA ALA D 178 -22.45 -31.54 -2.15
C ALA D 178 -22.47 -31.66 -3.67
N LYS D 179 -23.57 -31.24 -4.27
CA LYS D 179 -23.74 -31.26 -5.72
C LYS D 179 -22.66 -30.45 -6.45
N LEU D 180 -22.09 -29.45 -5.78
CA LEU D 180 -20.99 -28.65 -6.35
C LEU D 180 -19.81 -29.52 -6.80
N LEU D 181 -19.57 -30.61 -6.07
CA LEU D 181 -18.46 -31.51 -6.40
C LEU D 181 -18.67 -32.27 -7.70
N GLN D 182 -19.90 -32.26 -8.20
CA GLN D 182 -20.23 -32.97 -9.44
C GLN D 182 -19.81 -32.24 -10.71
N THR D 183 -19.42 -30.96 -10.57
CA THR D 183 -18.83 -30.21 -11.66
C THR D 183 -17.34 -30.05 -11.34
N PRO D 184 -16.46 -30.58 -12.22
CA PRO D 184 -15.03 -30.51 -11.92
C PRO D 184 -14.48 -29.08 -11.98
N ILE D 185 -13.37 -28.87 -11.27
CA ILE D 185 -12.63 -27.62 -11.39
C ILE D 185 -11.97 -27.60 -12.76
N ASP D 186 -12.06 -26.47 -13.45
CA ASP D 186 -11.37 -26.26 -14.73
C ASP D 186 -9.86 -26.18 -14.47
N MET D 187 -9.11 -27.13 -14.98
CA MET D 187 -7.67 -27.19 -14.72
C MET D 187 -6.83 -26.99 -15.97
N SER D 188 -7.47 -26.46 -17.02
CA SER D 188 -6.81 -26.26 -18.31
C SER D 188 -6.47 -24.79 -18.54
N LEU D 189 -5.42 -24.57 -19.32
CA LEU D 189 -5.05 -23.23 -19.76
C LEU D 189 -6.15 -22.68 -20.65
N LYS D 190 -6.29 -21.35 -20.66
CA LYS D 190 -7.15 -20.69 -21.65
C LYS D 190 -6.44 -20.73 -23.00
N PRO D 191 -7.22 -20.87 -24.10
CA PRO D 191 -6.60 -20.88 -25.43
C PRO D 191 -5.86 -19.58 -25.74
N ASN D 192 -4.83 -19.66 -26.57
CA ASN D 192 -4.12 -18.47 -27.02
C ASN D 192 -4.96 -17.60 -27.91
N ASP D 193 -4.61 -16.32 -27.99
CA ASP D 193 -5.14 -15.45 -29.04
C ASP D 193 -4.79 -16.09 -30.38
N ALA D 194 -5.81 -16.34 -31.20
CA ALA D 194 -5.65 -17.10 -32.44
C ALA D 194 -4.66 -16.48 -33.43
N GLU D 195 -4.78 -15.18 -33.67
CA GLU D 195 -3.93 -14.49 -34.64
C GLU D 195 -2.47 -14.41 -34.21
N SER D 196 -2.25 -14.12 -32.93
CA SER D 196 -0.88 -14.05 -32.42
C SER D 196 -0.22 -15.42 -32.43
N GLU D 197 -0.94 -16.45 -31.99
CA GLU D 197 -0.41 -17.81 -32.02
C GLU D 197 -0.06 -18.26 -33.44
N LYS D 198 -0.94 -17.94 -34.40
CA LYS D 198 -0.71 -18.31 -35.78
C LYS D 198 0.55 -17.65 -36.33
N GLU D 199 0.71 -16.35 -36.05
CA GLU D 199 1.94 -15.66 -36.46
C GLU D 199 3.18 -16.35 -35.90
N VAL D 200 3.16 -16.65 -34.60
CA VAL D 200 4.29 -17.31 -33.94
C VAL D 200 4.63 -18.65 -34.60
N ILE D 201 3.63 -19.48 -34.79
CA ILE D 201 3.80 -20.76 -35.43
C ILE D 201 4.38 -20.64 -36.85
N ASP D 202 3.78 -19.78 -37.64
CA ASP D 202 4.22 -19.58 -39.00
C ASP D 202 5.68 -19.08 -39.07
N THR D 203 6.04 -18.16 -38.18
CA THR D 203 7.37 -17.64 -38.12
C THR D 203 8.39 -18.71 -37.74
N ILE D 204 8.06 -19.53 -36.76
CA ILE D 204 8.93 -20.61 -36.35
C ILE D 204 9.14 -21.61 -37.46
N LEU D 205 8.05 -22.01 -38.08
CA LEU D 205 8.16 -22.99 -39.17
C LEU D 205 9.09 -22.51 -40.28
N VAL D 206 9.00 -21.22 -40.61
CA VAL D 206 9.85 -20.65 -41.65
C VAL D 206 11.33 -20.53 -41.24
N LEU D 207 11.60 -20.23 -39.97
CA LEU D 207 12.97 -20.22 -39.46
C LEU D 207 13.56 -21.62 -39.49
N ASP D 208 12.73 -22.57 -39.10
CA ASP D 208 13.03 -23.99 -39.15
C ASP D 208 13.50 -24.42 -40.53
N LYS D 209 12.73 -24.04 -41.55
CA LYS D 209 13.01 -24.44 -42.93
C LYS D 209 14.40 -24.00 -43.39
N ASP D 210 14.84 -22.82 -42.94
CA ASP D 210 16.11 -22.27 -43.40
C ASP D 210 17.32 -22.64 -42.55
N ALA D 211 17.09 -23.20 -41.36
CA ALA D 211 18.19 -23.51 -40.46
C ALA D 211 19.02 -24.71 -40.93
N LYS D 212 20.35 -24.54 -40.93
CA LYS D 212 21.27 -25.63 -41.25
C LYS D 212 21.81 -26.32 -40.00
N ASN D 213 21.93 -25.57 -38.91
CA ASN D 213 22.44 -26.12 -37.66
C ASN D 213 21.54 -25.68 -36.48
N PRO D 214 20.26 -26.08 -36.50
CA PRO D 214 19.37 -25.74 -35.38
C PRO D 214 19.64 -26.64 -34.17
N VAL D 215 19.43 -26.12 -32.97
CA VAL D 215 19.52 -26.92 -31.76
C VAL D 215 18.35 -26.60 -30.83
N ILE D 216 17.99 -27.58 -30.01
CA ILE D 216 16.96 -27.43 -29.00
C ILE D 216 17.66 -27.39 -27.64
N LEU D 217 17.27 -26.41 -26.81
CA LEU D 217 17.80 -26.33 -25.45
C LEU D 217 16.65 -26.32 -24.44
N ALA D 218 16.55 -27.40 -23.67
CA ALA D 218 15.51 -27.56 -22.67
C ALA D 218 15.96 -27.09 -21.29
N ASP D 219 15.17 -26.21 -20.69
CA ASP D 219 15.54 -25.60 -19.42
C ASP D 219 14.41 -25.79 -18.40
N ALA D 220 14.49 -25.10 -17.26
CA ALA D 220 13.62 -25.38 -16.12
C ALA D 220 12.13 -25.46 -16.45
N CYS D 221 11.62 -24.50 -17.22
CA CYS D 221 10.18 -24.44 -17.41
C CYS D 221 9.63 -25.47 -18.40
N CYS D 222 10.53 -26.16 -19.12
CA CYS D 222 10.15 -27.34 -19.90
C CYS D 222 9.49 -28.35 -18.97
N SER D 223 10.13 -28.57 -17.81
CA SER D 223 9.61 -29.44 -16.77
C SER D 223 8.49 -28.77 -15.97
N ARG D 224 8.74 -27.57 -15.45
CA ARG D 224 7.81 -26.94 -14.51
C ARG D 224 6.44 -26.62 -15.11
N HIS D 225 6.44 -26.25 -16.39
CA HIS D 225 5.19 -25.95 -17.05
C HIS D 225 4.71 -27.01 -18.03
N ASP D 226 5.09 -28.25 -17.76
CA ASP D 226 4.43 -29.45 -18.34
C ASP D 226 4.47 -29.50 -19.87
N VAL D 227 5.64 -29.31 -20.46
CA VAL D 227 5.77 -29.50 -21.92
C VAL D 227 6.81 -30.57 -22.30
N LYS D 228 7.08 -31.48 -21.37
CA LYS D 228 8.05 -32.55 -21.64
C LYS D 228 7.62 -33.45 -22.79
N ALA D 229 6.34 -33.81 -22.83
CA ALA D 229 5.84 -34.71 -23.89
C ALA D 229 5.94 -34.07 -25.26
N GLU D 230 5.55 -32.81 -25.35
CA GLU D 230 5.72 -32.04 -26.54
C GLU D 230 7.15 -31.86 -26.99
N THR D 231 8.05 -31.62 -26.07
CA THR D 231 9.43 -31.49 -26.37
C THR D 231 10.06 -32.78 -26.92
N LYS D 232 9.68 -33.88 -26.30
CA LYS D 232 10.05 -35.18 -26.81
C LYS D 232 9.67 -35.37 -28.26
N LYS D 233 8.46 -35.00 -28.58
CA LYS D 233 7.96 -35.14 -29.93
C LYS D 233 8.65 -34.17 -30.88
N LEU D 234 8.90 -32.98 -30.40
CA LEU D 234 9.68 -32.01 -31.17
C LEU D 234 11.04 -32.59 -31.56
N ILE D 235 11.74 -33.17 -30.59
CA ILE D 235 13.05 -33.77 -30.82
C ILE D 235 12.98 -34.90 -31.85
N ASP D 236 11.99 -35.74 -31.71
CA ASP D 236 11.80 -36.90 -32.60
C ASP D 236 11.46 -36.48 -34.03
N LEU D 237 10.58 -35.52 -34.15
CA LEU D 237 10.13 -35.08 -35.44
C LEU D 237 11.15 -34.29 -36.21
N THR D 238 12.00 -33.53 -35.55
CA THR D 238 12.99 -32.69 -36.20
C THR D 238 14.34 -33.37 -36.37
N GLN D 239 14.68 -34.23 -35.42
CA GLN D 239 15.99 -34.80 -35.33
C GLN D 239 17.09 -33.78 -35.05
N PHE D 240 16.69 -32.66 -34.47
CA PHE D 240 17.68 -31.64 -34.09
C PHE D 240 18.42 -32.05 -32.81
N PRO D 241 19.71 -31.70 -32.71
CA PRO D 241 20.46 -31.90 -31.47
C PRO D 241 19.73 -31.27 -30.31
N ALA D 242 19.68 -31.97 -29.19
CA ALA D 242 18.94 -31.51 -28.02
C ALA D 242 19.86 -31.50 -26.81
N PHE D 243 19.85 -30.38 -26.11
CA PHE D 243 20.67 -30.17 -24.93
C PHE D 243 19.79 -29.79 -23.76
N VAL D 244 20.29 -29.99 -22.55
CA VAL D 244 19.54 -29.67 -21.34
C VAL D 244 20.39 -28.77 -20.43
N THR D 245 19.73 -27.98 -19.60
CA THR D 245 20.44 -27.17 -18.59
C THR D 245 20.45 -27.92 -17.26
N PRO D 246 21.32 -27.51 -16.31
CA PRO D 246 21.27 -28.12 -14.98
C PRO D 246 19.86 -28.10 -14.37
N MET D 247 19.18 -26.95 -14.46
CA MET D 247 17.88 -26.85 -13.80
C MET D 247 16.79 -27.66 -14.51
N GLY D 248 16.99 -27.90 -15.81
CA GLY D 248 16.05 -28.72 -16.59
C GLY D 248 16.40 -30.18 -16.70
N LYS D 249 17.51 -30.60 -16.09
CA LYS D 249 18.03 -31.95 -16.31
C LYS D 249 16.96 -32.98 -15.92
N GLY D 250 16.73 -33.95 -16.80
CA GLY D 250 15.66 -34.91 -16.60
C GLY D 250 14.46 -34.62 -17.49
N SER D 251 14.35 -33.39 -17.98
CA SER D 251 13.19 -33.00 -18.82
C SER D 251 13.22 -33.60 -20.21
N ILE D 252 14.42 -33.94 -20.69
CA ILE D 252 14.57 -34.66 -21.95
C ILE D 252 15.37 -35.94 -21.73
N ASP D 253 15.08 -36.94 -22.53
CA ASP D 253 15.66 -38.28 -22.35
C ASP D 253 17.13 -38.33 -22.79
N GLU D 254 18.00 -38.66 -21.85
CA GLU D 254 19.45 -38.60 -22.09
C GLU D 254 20.00 -39.78 -22.89
N GLN D 255 19.18 -40.81 -23.09
CA GLN D 255 19.59 -41.94 -23.90
C GLN D 255 19.18 -41.80 -25.36
N HIS D 256 18.52 -40.70 -25.69
CA HIS D 256 18.14 -40.44 -27.08
C HIS D 256 19.38 -40.21 -27.94
N PRO D 257 19.42 -40.81 -29.15
CA PRO D 257 20.61 -40.64 -30.01
C PRO D 257 20.95 -39.17 -30.36
N ARG D 258 19.97 -38.28 -30.26
CA ARG D 258 20.19 -36.87 -30.61
C ARG D 258 20.46 -35.98 -29.39
N TYR D 259 20.51 -36.58 -28.21
CA TYR D 259 20.83 -35.85 -26.99
C TYR D 259 22.31 -35.51 -26.97
N GLY D 260 22.62 -34.22 -26.79
CA GLY D 260 24.00 -33.74 -26.90
C GLY D 260 24.72 -33.43 -25.60
N GLY D 261 23.99 -33.39 -24.49
CA GLY D 261 24.62 -33.11 -23.19
C GLY D 261 24.04 -31.93 -22.45
N VAL D 262 24.74 -31.56 -21.37
CA VAL D 262 24.30 -30.49 -20.46
C VAL D 262 25.03 -29.22 -20.82
N TYR D 263 24.29 -28.19 -21.21
CA TYR D 263 24.87 -26.91 -21.57
C TYR D 263 24.79 -25.97 -20.38
N VAL D 264 25.95 -25.43 -19.99
CA VAL D 264 26.07 -24.53 -18.85
C VAL D 264 27.03 -23.41 -19.24
N GLY D 265 26.82 -22.83 -20.42
CA GLY D 265 27.67 -21.74 -20.91
C GLY D 265 29.14 -22.12 -20.97
N THR D 266 30.01 -21.24 -20.47
CA THR D 266 31.47 -21.51 -20.48
C THR D 266 31.90 -22.71 -19.63
N LEU D 267 31.03 -23.14 -18.72
CA LEU D 267 31.33 -24.30 -17.88
C LEU D 267 30.98 -25.64 -18.54
N SER D 268 30.44 -25.59 -19.75
CA SER D 268 30.16 -26.81 -20.51
C SER D 268 31.47 -27.46 -20.96
N LYS D 269 31.42 -28.76 -21.23
CA LYS D 269 32.47 -29.45 -21.98
C LYS D 269 32.67 -28.70 -23.29
N PRO D 270 33.93 -28.58 -23.78
CA PRO D 270 34.19 -27.82 -25.01
C PRO D 270 33.29 -28.21 -26.19
N GLU D 271 33.12 -29.51 -26.43
CA GLU D 271 32.30 -30.02 -27.53
C GLU D 271 30.84 -29.56 -27.41
N VAL D 272 30.32 -29.57 -26.20
CA VAL D 272 28.94 -29.16 -25.92
C VAL D 272 28.76 -27.66 -26.15
N LYS D 273 29.67 -26.87 -25.56
CA LYS D 273 29.71 -25.43 -25.76
C LYS D 273 29.71 -25.06 -27.25
N GLU D 274 30.61 -25.68 -28.01
CA GLU D 274 30.75 -25.37 -29.44
C GLU D 274 29.50 -25.77 -30.22
N ALA D 275 28.93 -26.94 -29.91
CA ALA D 275 27.78 -27.48 -30.63
C ALA D 275 26.52 -26.64 -30.41
N VAL D 276 26.40 -26.08 -29.22
CA VAL D 276 25.27 -25.19 -28.92
C VAL D 276 25.49 -23.80 -29.53
N GLU D 277 26.67 -23.22 -29.28
CA GLU D 277 26.91 -21.85 -29.66
C GLU D 277 27.14 -21.64 -31.17
N SER D 278 27.37 -22.74 -31.88
CA SER D 278 27.52 -22.70 -33.34
C SER D 278 26.17 -22.74 -34.07
N ALA D 279 25.08 -22.96 -33.33
CA ALA D 279 23.73 -23.05 -33.91
C ALA D 279 23.36 -21.81 -34.71
N ASP D 280 22.60 -22.00 -35.80
CA ASP D 280 22.06 -20.87 -36.56
C ASP D 280 20.57 -20.63 -36.24
N LEU D 281 20.06 -21.41 -35.28
CA LEU D 281 18.71 -21.27 -34.76
C LEU D 281 18.69 -21.99 -33.43
N ILE D 282 18.22 -21.32 -32.38
CA ILE D 282 18.08 -21.97 -31.09
C ILE D 282 16.61 -22.00 -30.69
N LEU D 283 16.12 -23.21 -30.45
CA LEU D 283 14.78 -23.40 -29.91
C LEU D 283 14.92 -23.64 -28.41
N SER D 284 14.67 -22.57 -27.66
CA SER D 284 14.91 -22.53 -26.22
C SER D 284 13.60 -22.76 -25.50
N VAL D 285 13.52 -23.90 -24.79
CA VAL D 285 12.26 -24.27 -24.16
C VAL D 285 12.32 -24.01 -22.65
N GLY D 286 11.69 -22.92 -22.23
CA GLY D 286 11.52 -22.61 -20.82
C GLY D 286 12.77 -22.14 -20.10
N ALA D 287 13.51 -21.22 -20.72
CA ALA D 287 14.75 -20.68 -20.13
C ALA D 287 14.53 -20.00 -18.77
N LEU D 288 15.47 -20.24 -17.86
CA LEU D 288 15.51 -19.54 -16.58
C LEU D 288 16.99 -19.34 -16.29
N LEU D 289 17.49 -18.17 -16.66
CA LEU D 289 18.94 -17.96 -16.74
C LEU D 289 19.58 -17.50 -15.44
N SER D 290 19.49 -18.35 -14.41
CA SER D 290 20.06 -18.03 -13.10
C SER D 290 21.59 -18.20 -13.10
N ASP D 291 22.26 -17.61 -12.11
CA ASP D 291 23.73 -17.68 -12.05
C ASP D 291 24.27 -19.11 -12.11
N PHE D 292 23.77 -19.98 -11.21
CA PHE D 292 24.28 -21.36 -11.14
C PHE D 292 23.86 -22.19 -12.34
N ASN D 293 22.75 -21.80 -12.97
CA ASN D 293 22.24 -22.52 -14.14
C ASN D 293 23.04 -22.24 -15.41
N THR D 294 23.85 -21.20 -15.38
CA THR D 294 24.47 -20.63 -16.57
C THR D 294 25.97 -20.33 -16.49
N GLY D 295 26.64 -20.79 -15.44
CA GLY D 295 28.03 -20.39 -15.21
C GLY D 295 28.19 -18.89 -15.09
N SER D 296 27.32 -18.27 -14.28
CA SER D 296 27.30 -16.81 -14.07
C SER D 296 27.09 -16.02 -15.37
N PHE D 297 26.04 -16.39 -16.08
CA PHE D 297 25.53 -15.63 -17.24
C PHE D 297 26.51 -15.65 -18.39
N SER D 298 27.08 -16.83 -18.65
CA SER D 298 28.20 -17.00 -19.58
C SER D 298 27.83 -17.55 -20.97
N TYR D 299 26.53 -17.62 -21.29
CA TYR D 299 26.08 -18.03 -22.62
C TYR D 299 26.72 -17.13 -23.67
N SER D 300 27.18 -17.72 -24.76
CA SER D 300 27.79 -16.96 -25.85
C SER D 300 27.29 -17.48 -27.20
N TYR D 301 25.97 -17.41 -27.39
CA TYR D 301 25.34 -17.72 -28.67
C TYR D 301 25.92 -16.82 -29.76
N LYS D 302 26.31 -17.43 -30.88
CA LYS D 302 26.79 -16.68 -32.04
C LYS D 302 25.62 -16.10 -32.84
N THR D 303 24.46 -16.75 -32.76
CA THR D 303 23.23 -16.33 -33.47
C THR D 303 22.30 -15.43 -32.63
N LYS D 304 21.59 -14.56 -33.32
CA LYS D 304 20.50 -13.79 -32.71
C LYS D 304 19.15 -14.45 -33.04
N ASN D 305 19.23 -15.56 -33.78
CA ASN D 305 18.07 -16.33 -34.20
C ASN D 305 17.62 -17.26 -33.07
N ILE D 306 16.98 -16.68 -32.06
CA ILE D 306 16.58 -17.42 -30.88
C ILE D 306 15.06 -17.38 -30.74
N VAL D 307 14.48 -18.55 -30.60
CA VAL D 307 13.06 -18.68 -30.28
C VAL D 307 12.95 -19.09 -28.82
N GLU D 308 12.35 -18.22 -28.01
CA GLU D 308 12.13 -18.51 -26.61
C GLU D 308 10.68 -18.92 -26.40
N PHE D 309 10.50 -20.18 -26.01
CA PHE D 309 9.23 -20.68 -25.54
C PHE D 309 9.12 -20.44 -24.03
N HIS D 310 8.02 -19.79 -23.61
CA HIS D 310 7.74 -19.61 -22.18
C HIS D 310 6.29 -19.95 -21.85
N SER D 311 6.03 -20.22 -20.58
CA SER D 311 4.69 -20.58 -20.12
C SER D 311 3.65 -19.55 -20.51
N ASP D 312 4.03 -18.28 -20.48
CA ASP D 312 3.09 -17.17 -20.57
C ASP D 312 3.34 -16.21 -21.74
N HIS D 313 4.39 -16.45 -22.51
CA HIS D 313 4.70 -15.61 -23.67
C HIS D 313 5.69 -16.30 -24.59
N MET D 314 5.82 -15.78 -25.81
CA MET D 314 6.84 -16.20 -26.77
C MET D 314 7.76 -15.03 -27.10
N LYS D 315 9.00 -15.34 -27.45
CA LYS D 315 9.90 -14.35 -28.04
C LYS D 315 10.59 -14.98 -29.23
N ILE D 316 10.71 -14.20 -30.31
CA ILE D 316 11.41 -14.63 -31.51
C ILE D 316 12.32 -13.49 -31.91
N ARG D 317 13.63 -13.71 -31.82
CA ARG D 317 14.62 -12.64 -31.95
C ARG D 317 14.23 -11.53 -30.95
N ASN D 318 13.98 -10.31 -31.43
CA ASN D 318 13.61 -9.21 -30.51
C ASN D 318 12.09 -9.04 -30.35
N ALA D 319 11.32 -9.79 -31.12
CA ALA D 319 9.87 -9.68 -31.10
C ALA D 319 9.29 -10.44 -29.92
N THR D 320 8.48 -9.76 -29.12
CA THR D 320 7.77 -10.39 -28.00
C THR D 320 6.30 -10.58 -28.33
N PHE D 321 5.74 -11.69 -27.86
CA PHE D 321 4.33 -12.00 -28.05
C PHE D 321 3.70 -12.27 -26.69
N PRO D 322 3.29 -11.19 -26.00
CA PRO D 322 2.76 -11.36 -24.64
C PRO D 322 1.52 -12.24 -24.65
N GLY D 323 1.46 -13.17 -23.70
CA GLY D 323 0.26 -13.97 -23.53
C GLY D 323 0.18 -15.23 -24.35
N VAL D 324 1.11 -15.40 -25.29
CA VAL D 324 1.13 -16.59 -26.15
C VAL D 324 1.86 -17.73 -25.44
N GLN D 325 1.09 -18.72 -25.00
CA GLN D 325 1.58 -19.77 -24.11
C GLN D 325 2.22 -20.88 -24.90
N MET D 326 3.42 -21.31 -24.49
CA MET D 326 4.17 -22.31 -25.23
C MET D 326 3.49 -23.67 -25.36
N LYS D 327 2.63 -24.03 -24.40
CA LYS D 327 1.99 -25.35 -24.42
C LYS D 327 1.26 -25.59 -25.75
N PHE D 328 0.45 -24.62 -26.14
CA PHE D 328 -0.34 -24.75 -27.35
C PHE D 328 0.48 -24.48 -28.61
N VAL D 329 1.48 -23.60 -28.49
CA VAL D 329 2.38 -23.36 -29.62
C VAL D 329 3.10 -24.65 -29.98
N LEU D 330 3.64 -25.33 -28.97
CA LEU D 330 4.37 -26.56 -29.19
C LEU D 330 3.47 -27.65 -29.78
N GLN D 331 2.28 -27.81 -29.21
CA GLN D 331 1.33 -28.81 -29.70
C GLN D 331 0.98 -28.61 -31.17
N LYS D 332 0.72 -27.37 -31.55
CA LYS D 332 0.30 -27.09 -32.91
C LYS D 332 1.48 -27.13 -33.88
N LEU D 333 2.68 -26.77 -33.40
CA LEU D 333 3.89 -26.92 -34.22
C LEU D 333 4.13 -28.35 -34.67
N LEU D 334 3.84 -29.31 -33.79
CA LEU D 334 4.06 -30.73 -34.05
C LEU D 334 3.33 -31.23 -35.28
N THR D 335 2.21 -30.59 -35.62
CA THR D 335 1.43 -30.95 -36.81
C THR D 335 2.24 -30.83 -38.10
N THR D 336 3.06 -29.78 -38.21
CA THR D 336 3.74 -29.46 -39.47
C THR D 336 5.27 -29.32 -39.39
N ILE D 337 5.86 -29.55 -38.22
CA ILE D 337 7.30 -29.33 -38.07
C ILE D 337 8.18 -30.37 -38.79
N ALA D 338 7.72 -31.62 -38.87
CA ALA D 338 8.47 -32.66 -39.58
C ALA D 338 8.67 -32.24 -41.03
N ASP D 339 7.59 -31.74 -41.63
CA ASP D 339 7.62 -31.20 -43.00
C ASP D 339 8.58 -30.01 -43.10
N ALA D 340 8.50 -29.09 -42.14
CA ALA D 340 9.40 -27.93 -42.11
C ALA D 340 10.87 -28.34 -42.00
N ALA D 341 11.12 -29.44 -41.29
CA ALA D 341 12.48 -29.90 -41.01
C ALA D 341 12.99 -30.99 -41.96
N LYS D 342 12.21 -31.32 -43.00
CA LYS D 342 12.53 -32.45 -43.89
C LYS D 342 13.86 -32.32 -44.64
N GLY D 343 14.28 -31.09 -44.89
CA GLY D 343 15.55 -30.80 -45.58
C GLY D 343 16.79 -30.82 -44.70
N TYR D 344 16.60 -31.03 -43.39
CA TYR D 344 17.71 -31.00 -42.45
C TYR D 344 18.64 -32.19 -42.55
N LYS D 345 19.92 -31.90 -42.80
CA LYS D 345 20.99 -32.89 -42.80
C LYS D 345 21.54 -32.98 -41.38
N PRO D 346 21.35 -34.13 -40.70
CA PRO D 346 21.71 -34.22 -39.28
C PRO D 346 23.16 -33.87 -39.00
N VAL D 347 23.34 -33.00 -38.01
CA VAL D 347 24.66 -32.62 -37.52
C VAL D 347 24.99 -33.55 -36.34
N ALA D 348 26.23 -34.03 -36.29
CA ALA D 348 26.68 -34.91 -35.21
C ALA D 348 26.50 -34.25 -33.84
N VAL D 349 26.09 -35.03 -32.84
CA VAL D 349 26.06 -34.51 -31.47
C VAL D 349 27.37 -34.87 -30.75
N PRO D 350 27.76 -34.07 -29.75
CA PRO D 350 28.92 -34.41 -28.93
C PRO D 350 28.78 -35.80 -28.31
N ALA D 351 29.90 -36.51 -28.22
CA ALA D 351 29.91 -37.85 -27.62
C ALA D 351 29.64 -37.76 -26.11
N ARG D 352 29.09 -38.84 -25.57
CA ARG D 352 28.95 -38.97 -24.11
C ARG D 352 30.35 -39.00 -23.48
N THR D 353 30.47 -38.45 -22.28
CA THR D 353 31.71 -38.55 -21.53
C THR D 353 32.09 -40.02 -21.37
N PRO D 354 33.37 -40.37 -21.64
CA PRO D 354 33.78 -41.76 -21.49
C PRO D 354 33.56 -42.30 -20.08
N ALA D 355 33.23 -43.58 -19.99
CA ALA D 355 33.10 -44.27 -18.71
C ALA D 355 34.42 -44.21 -17.94
N ASN D 356 34.34 -44.31 -16.62
CA ASN D 356 35.53 -44.40 -15.77
C ASN D 356 36.37 -45.60 -16.17
N ALA D 357 37.68 -45.38 -16.25
CA ALA D 357 38.61 -46.50 -16.43
C ALA D 357 38.53 -47.43 -15.22
N ALA D 358 38.68 -48.73 -15.48
CA ALA D 358 38.79 -49.69 -14.40
C ALA D 358 39.97 -49.33 -13.50
N VAL D 359 39.76 -49.41 -12.19
CA VAL D 359 40.81 -49.10 -11.19
C VAL D 359 40.73 -50.12 -10.06
N PRO D 360 41.83 -50.30 -9.31
CA PRO D 360 41.81 -51.25 -8.20
C PRO D 360 40.72 -50.95 -7.18
N ALA D 361 40.17 -51.99 -6.57
CA ALA D 361 39.08 -51.88 -5.59
C ALA D 361 39.39 -50.98 -4.41
N SER D 362 40.64 -50.91 -4.04
CA SER D 362 41.11 -50.14 -2.92
C SER D 362 41.18 -48.62 -3.15
N THR D 363 40.94 -48.15 -4.36
CA THR D 363 40.94 -46.73 -4.74
C THR D 363 39.94 -45.87 -3.91
N PRO D 364 40.42 -44.79 -3.29
CA PRO D 364 39.51 -43.92 -2.55
C PRO D 364 38.50 -43.31 -3.49
N LEU D 365 37.32 -43.15 -2.95
CA LEU D 365 36.27 -42.44 -3.64
C LEU D 365 36.57 -40.99 -3.87
N LYS D 366 36.33 -40.56 -5.09
CA LYS D 366 36.43 -39.14 -5.45
C LYS D 366 35.16 -38.70 -6.16
N GLN D 367 34.85 -37.40 -6.05
CA GLN D 367 33.63 -36.83 -6.61
C GLN D 367 33.52 -37.09 -8.11
N GLU D 368 34.55 -36.74 -8.87
CA GLU D 368 34.47 -36.89 -10.31
C GLU D 368 34.18 -38.32 -10.73
N TRP D 369 34.91 -39.26 -10.16
CA TRP D 369 34.66 -40.69 -10.37
C TRP D 369 33.21 -41.06 -10.04
N MET D 370 32.74 -40.63 -8.87
CA MET D 370 31.42 -41.03 -8.38
C MET D 370 30.28 -40.55 -9.28
N TRP D 371 30.28 -39.28 -9.69
CA TRP D 371 29.19 -38.78 -10.54
C TRP D 371 29.17 -39.48 -11.88
N ASN D 372 30.35 -39.86 -12.36
CA ASN D 372 30.47 -40.54 -13.64
C ASN D 372 30.17 -42.03 -13.55
N GLN D 373 30.18 -42.59 -12.34
CA GLN D 373 29.85 -44.00 -12.08
C GLN D 373 28.36 -44.17 -11.78
N LEU D 374 27.76 -43.13 -11.20
CA LEU D 374 26.38 -43.18 -10.70
C LEU D 374 25.36 -43.61 -11.76
N GLY D 375 25.62 -43.25 -13.01
CA GLY D 375 24.76 -43.66 -14.13
C GLY D 375 24.56 -45.17 -14.20
N ASN D 376 25.54 -45.95 -13.73
CA ASN D 376 25.42 -47.42 -13.74
C ASN D 376 24.33 -47.93 -12.80
N PHE D 377 24.13 -47.22 -11.69
CA PHE D 377 23.16 -47.60 -10.67
C PHE D 377 21.72 -47.21 -11.02
N LEU D 378 21.58 -46.06 -11.68
CA LEU D 378 20.26 -45.50 -11.97
C LEU D 378 19.49 -46.38 -12.95
N GLN D 379 18.17 -46.33 -12.86
CA GLN D 379 17.28 -47.09 -13.74
C GLN D 379 16.10 -46.22 -14.15
N GLU D 380 15.47 -46.58 -15.27
CA GLU D 380 14.29 -45.86 -15.75
C GLU D 380 13.23 -45.74 -14.66
N GLY D 381 12.65 -44.54 -14.54
CA GLY D 381 11.60 -44.31 -13.55
C GLY D 381 12.07 -43.75 -12.21
N ASP D 382 13.39 -43.70 -12.02
CA ASP D 382 13.97 -43.17 -10.79
C ASP D 382 13.68 -41.68 -10.65
N VAL D 383 13.51 -41.25 -9.41
CA VAL D 383 13.50 -39.83 -9.07
C VAL D 383 14.86 -39.57 -8.41
N VAL D 384 15.63 -38.64 -8.97
CA VAL D 384 17.01 -38.39 -8.52
C VAL D 384 17.09 -36.95 -8.02
N ILE D 385 17.37 -36.82 -6.73
CA ILE D 385 17.31 -35.53 -6.03
C ILE D 385 18.73 -35.17 -5.55
N ALA D 386 19.17 -33.95 -5.84
CA ALA D 386 20.55 -33.54 -5.52
C ALA D 386 20.52 -32.20 -4.80
N GLU D 387 21.13 -32.18 -3.61
CA GLU D 387 21.14 -30.97 -2.79
C GLU D 387 22.16 -29.93 -3.23
N THR D 388 21.78 -28.66 -3.07
CA THR D 388 22.68 -27.53 -3.23
C THR D 388 23.95 -27.83 -2.43
N GLY D 389 25.09 -27.65 -3.08
CA GLY D 389 26.38 -28.14 -2.57
C GLY D 389 27.06 -28.90 -3.68
N THR D 390 28.09 -29.67 -3.35
CA THR D 390 28.77 -30.47 -4.38
C THR D 390 27.81 -31.39 -5.13
N SER D 391 26.76 -31.86 -4.46
CA SER D 391 25.80 -32.79 -5.10
C SER D 391 25.09 -32.19 -6.32
N ALA D 392 24.55 -30.99 -6.16
CA ALA D 392 23.85 -30.32 -7.24
C ALA D 392 24.75 -30.09 -8.43
N PHE D 393 26.01 -29.75 -8.16
CA PHE D 393 26.94 -29.51 -9.26
C PHE D 393 27.38 -30.81 -9.91
N GLY D 394 27.55 -31.84 -9.08
CA GLY D 394 28.05 -33.12 -9.53
C GLY D 394 27.05 -33.87 -10.38
N ILE D 395 25.77 -33.79 -10.02
CA ILE D 395 24.73 -34.53 -10.74
C ILE D 395 24.66 -34.13 -12.22
N ASN D 396 25.12 -32.93 -12.56
CA ASN D 396 25.23 -32.50 -13.96
C ASN D 396 26.12 -33.41 -14.80
N GLN D 397 27.04 -34.13 -14.15
CA GLN D 397 27.97 -35.04 -14.82
C GLN D 397 27.47 -36.48 -14.90
N THR D 398 26.31 -36.73 -14.29
CA THR D 398 25.75 -38.08 -14.27
C THR D 398 24.84 -38.26 -15.48
N THR D 399 24.97 -39.38 -16.18
CA THR D 399 24.07 -39.68 -17.28
C THR D 399 22.82 -40.37 -16.75
N PHE D 400 21.64 -39.86 -17.09
CA PHE D 400 20.39 -40.44 -16.63
C PHE D 400 19.86 -41.46 -17.63
N PRO D 401 19.20 -42.52 -17.13
CA PRO D 401 18.38 -43.36 -18.01
C PRO D 401 17.21 -42.53 -18.53
N ASN D 402 16.55 -43.01 -19.58
CA ASN D 402 15.31 -42.39 -20.00
C ASN D 402 14.29 -42.39 -18.86
N ASN D 403 13.36 -41.44 -18.90
CA ASN D 403 12.29 -41.37 -17.91
C ASN D 403 12.84 -41.23 -16.48
N THR D 404 13.81 -40.34 -16.31
CA THR D 404 14.35 -40.04 -14.98
C THR D 404 13.85 -38.67 -14.59
N TYR D 405 13.32 -38.54 -13.37
CA TYR D 405 12.90 -37.22 -12.89
C TYR D 405 13.96 -36.64 -11.97
N GLY D 406 14.63 -35.58 -12.43
CA GLY D 406 15.64 -34.91 -11.62
C GLY D 406 15.03 -33.78 -10.82
N ILE D 407 15.45 -33.66 -9.56
CA ILE D 407 15.12 -32.49 -8.76
C ILE D 407 16.42 -31.85 -8.28
N SER D 408 16.65 -30.61 -8.69
CA SER D 408 17.78 -29.83 -8.21
C SER D 408 17.32 -28.38 -8.18
N GLN D 409 17.32 -27.80 -6.99
CA GLN D 409 16.77 -26.47 -6.73
C GLN D 409 17.82 -25.38 -7.04
N VAL D 410 18.14 -25.26 -8.32
CA VAL D 410 19.30 -24.48 -8.77
C VAL D 410 19.16 -22.99 -8.48
N LEU D 411 17.95 -22.46 -8.67
CA LEU D 411 17.69 -21.06 -8.42
C LEU D 411 17.53 -20.75 -6.92
N TRP D 412 16.56 -21.36 -6.24
CA TRP D 412 16.34 -20.95 -4.86
C TRP D 412 17.51 -21.38 -3.96
N GLY D 413 17.97 -22.61 -4.11
CA GLY D 413 19.21 -23.07 -3.48
C GLY D 413 19.17 -23.11 -1.97
N SER D 414 18.04 -23.53 -1.40
CA SER D 414 17.93 -23.62 0.05
C SER D 414 18.43 -24.96 0.56
N ILE D 415 19.59 -24.98 1.21
CA ILE D 415 20.10 -26.25 1.71
C ILE D 415 19.14 -26.83 2.76
N GLY D 416 19.00 -28.14 2.74
CA GLY D 416 18.04 -28.84 3.60
C GLY D 416 16.75 -29.15 2.86
N PHE D 417 16.45 -28.38 1.81
CA PHE D 417 15.27 -28.61 0.96
C PHE D 417 15.10 -30.09 0.62
N THR D 418 16.20 -30.74 0.26
CA THR D 418 16.07 -32.09 -0.30
C THR D 418 15.59 -33.18 0.67
N THR D 419 15.84 -33.05 1.97
CA THR D 419 15.32 -34.05 2.90
C THR D 419 13.79 -34.04 2.83
N GLY D 420 13.20 -32.85 2.87
CA GLY D 420 11.74 -32.73 2.76
C GLY D 420 11.28 -33.14 1.37
N ALA D 421 11.97 -32.65 0.33
CA ALA D 421 11.56 -32.95 -1.04
C ALA D 421 11.57 -34.46 -1.27
N THR D 422 12.52 -35.16 -0.67
CA THR D 422 12.60 -36.62 -0.78
C THR D 422 11.37 -37.28 -0.20
N LEU D 423 10.91 -36.81 0.96
CA LEU D 423 9.67 -37.33 1.54
C LEU D 423 8.49 -37.13 0.59
N GLY D 424 8.33 -35.90 0.10
CA GLY D 424 7.19 -35.61 -0.79
C GLY D 424 7.24 -36.39 -2.08
N ALA D 425 8.42 -36.45 -2.68
CA ALA D 425 8.61 -37.21 -3.92
C ALA D 425 8.33 -38.69 -3.68
N ALA D 426 8.72 -39.21 -2.52
CA ALA D 426 8.49 -40.61 -2.21
C ALA D 426 7.00 -40.91 -2.06
N PHE D 427 6.25 -40.02 -1.42
CA PHE D 427 4.80 -40.21 -1.35
C PHE D 427 4.20 -40.22 -2.76
N ALA D 428 4.59 -39.24 -3.57
CA ALA D 428 4.04 -39.14 -4.91
C ALA D 428 4.41 -40.34 -5.76
N ALA D 429 5.66 -40.76 -5.66
CA ALA D 429 6.15 -41.91 -6.44
C ALA D 429 5.42 -43.18 -6.03
N GLU D 430 5.14 -43.35 -4.74
CA GLU D 430 4.40 -44.51 -4.26
C GLU D 430 2.98 -44.54 -4.84
N GLU D 431 2.34 -43.37 -4.94
CA GLU D 431 1.00 -43.24 -5.51
C GLU D 431 0.98 -43.54 -7.01
N ILE D 432 2.08 -43.26 -7.71
CA ILE D 432 2.18 -43.52 -9.14
C ILE D 432 2.55 -44.98 -9.42
N ASP D 433 3.64 -45.46 -8.82
CA ASP D 433 4.11 -46.82 -9.02
C ASP D 433 5.11 -47.15 -7.92
N PRO D 434 4.75 -48.07 -7.02
CA PRO D 434 5.66 -48.50 -5.97
C PRO D 434 7.04 -48.97 -6.43
N LYS D 435 7.18 -49.32 -7.70
CA LYS D 435 8.46 -49.78 -8.23
C LYS D 435 9.43 -48.61 -8.47
N LYS D 436 8.91 -47.39 -8.49
CA LYS D 436 9.76 -46.22 -8.71
C LYS D 436 10.63 -45.99 -7.50
N ARG D 437 11.92 -45.81 -7.74
CA ARG D 437 12.86 -45.55 -6.65
C ARG D 437 13.08 -44.04 -6.51
N VAL D 438 13.35 -43.62 -5.27
CA VAL D 438 13.69 -42.24 -4.97
C VAL D 438 15.09 -42.22 -4.37
N ILE D 439 15.98 -41.49 -5.03
CA ILE D 439 17.42 -41.50 -4.72
C ILE D 439 17.85 -40.09 -4.39
N LEU D 440 18.37 -39.92 -3.18
CA LEU D 440 18.82 -38.62 -2.70
C LEU D 440 20.33 -38.56 -2.53
N PHE D 441 20.94 -37.51 -3.06
CA PHE D 441 22.30 -37.12 -2.72
C PHE D 441 22.26 -35.82 -1.96
N ILE D 442 22.61 -35.90 -0.69
CA ILE D 442 22.60 -34.75 0.20
C ILE D 442 23.93 -34.64 0.93
N GLY D 443 24.40 -33.41 1.09
CA GLY D 443 25.61 -33.16 1.86
C GLY D 443 25.41 -33.32 3.36
N ASP D 444 26.50 -33.64 4.06
CA ASP D 444 26.48 -33.70 5.52
C ASP D 444 26.05 -32.39 6.20
N GLY D 445 26.43 -31.26 5.62
CA GLY D 445 26.01 -29.95 6.15
C GLY D 445 24.52 -29.76 5.99
N SER D 446 24.03 -29.96 4.77
CA SER D 446 22.63 -29.72 4.45
C SER D 446 21.69 -30.61 5.24
N LEU D 447 22.10 -31.86 5.44
CA LEU D 447 21.28 -32.81 6.19
C LEU D 447 20.90 -32.27 7.57
N GLN D 448 21.80 -31.51 8.17
CA GLN D 448 21.57 -31.06 9.54
C GLN D 448 20.36 -30.15 9.68
N LEU D 449 20.05 -29.41 8.63
CA LEU D 449 18.98 -28.40 8.73
C LEU D 449 17.58 -29.01 8.79
N THR D 450 17.42 -30.20 8.24
CA THR D 450 16.11 -30.81 8.04
C THR D 450 16.09 -32.29 8.38
N VAL D 451 17.09 -32.75 9.13
CA VAL D 451 17.27 -34.18 9.40
C VAL D 451 16.03 -34.90 9.93
N GLN D 452 15.20 -34.19 10.70
CA GLN D 452 14.08 -34.88 11.36
C GLN D 452 13.05 -35.40 10.37
N GLU D 453 13.07 -34.91 9.13
CA GLU D 453 12.05 -35.43 8.19
C GLU D 453 12.27 -36.90 7.81
N ILE D 454 13.47 -37.43 8.07
CA ILE D 454 13.70 -38.87 7.92
C ILE D 454 12.68 -39.65 8.77
N SER D 455 12.33 -39.09 9.92
CA SER D 455 11.32 -39.69 10.80
C SER D 455 10.01 -40.01 10.07
N THR D 456 9.57 -39.06 9.25
CA THR D 456 8.29 -39.18 8.57
C THR D 456 8.36 -40.23 7.47
N MET D 457 9.52 -40.34 6.82
CA MET D 457 9.74 -41.41 5.85
C MET D 457 9.59 -42.78 6.51
N ILE D 458 10.20 -42.95 7.68
CA ILE D 458 10.13 -44.20 8.42
C ILE D 458 8.67 -44.50 8.83
N ARG D 459 7.98 -43.49 9.33
CA ARG D 459 6.65 -43.68 9.86
C ARG D 459 5.70 -44.24 8.80
N TRP D 460 5.93 -43.86 7.54
CA TRP D 460 5.07 -44.27 6.43
C TRP D 460 5.63 -45.44 5.61
N GLY D 461 6.76 -45.98 6.05
CA GLY D 461 7.37 -47.11 5.36
C GLY D 461 7.83 -46.78 3.95
N LEU D 462 8.18 -45.53 3.71
CA LEU D 462 8.72 -45.13 2.42
C LEU D 462 10.17 -45.60 2.33
N LYS D 463 10.64 -45.88 1.12
CA LYS D 463 11.89 -46.61 0.94
C LYS D 463 12.95 -45.88 0.09
N PRO D 464 13.19 -44.58 0.35
CA PRO D 464 14.22 -43.89 -0.44
C PRO D 464 15.64 -44.36 -0.12
N TYR D 465 16.55 -44.07 -1.05
CA TYR D 465 17.98 -44.28 -0.88
C TYR D 465 18.57 -42.93 -0.45
N LEU D 466 19.07 -42.86 0.78
CA LEU D 466 19.63 -41.61 1.29
C LEU D 466 21.16 -41.67 1.26
N PHE D 467 21.75 -41.10 0.21
CA PHE D 467 23.21 -41.03 0.10
C PHE D 467 23.67 -39.75 0.74
N VAL D 468 24.46 -39.88 1.81
CA VAL D 468 24.96 -38.74 2.56
C VAL D 468 26.44 -38.54 2.26
N LEU D 469 26.79 -37.38 1.72
CA LEU D 469 28.17 -37.11 1.33
C LEU D 469 28.92 -36.50 2.52
N ASN D 470 29.67 -37.36 3.21
CA ASN D 470 30.46 -36.93 4.35
C ASN D 470 31.83 -36.44 3.88
N ASN D 471 31.97 -35.12 3.75
CA ASN D 471 33.26 -34.48 3.46
C ASN D 471 33.65 -33.50 4.59
N ASP D 472 33.11 -33.77 5.78
CA ASP D 472 33.41 -33.02 7.00
C ASP D 472 33.22 -31.50 6.85
N GLY D 473 32.00 -31.09 6.48
CA GLY D 473 31.64 -29.70 6.45
C GLY D 473 31.07 -29.15 5.14
N TYR D 474 31.07 -27.84 5.02
CA TYR D 474 30.47 -27.16 3.89
C TYR D 474 31.45 -26.93 2.76
N THR D 475 31.66 -27.93 1.93
CA THR D 475 32.77 -27.91 0.97
C THR D 475 32.56 -26.85 -0.12
N ILE D 476 31.35 -26.73 -0.62
CA ILE D 476 31.06 -25.71 -1.59
C ILE D 476 31.47 -24.30 -1.14
N GLN D 477 31.21 -23.98 0.11
CA GLN D 477 31.57 -22.69 0.63
C GLN D 477 33.05 -22.54 0.88
N LYS D 478 33.68 -23.59 1.33
CA LYS D 478 35.14 -23.60 1.49
C LYS D 478 35.84 -23.22 0.19
N LEU D 479 35.24 -23.59 -0.93
CA LEU D 479 35.78 -23.27 -2.26
C LEU D 479 35.42 -21.87 -2.71
N ILE D 480 34.37 -21.30 -2.10
CA ILE D 480 33.99 -19.91 -2.38
C ILE D 480 34.88 -18.97 -1.56
N HIS D 481 34.91 -19.18 -0.25
CA HIS D 481 35.59 -18.28 0.68
C HIS D 481 35.76 -18.97 2.04
N GLY D 482 36.97 -18.95 2.56
CA GLY D 482 37.23 -19.49 3.90
C GLY D 482 37.36 -21.01 3.95
N PRO D 483 38.36 -21.58 3.26
CA PRO D 483 38.53 -23.04 3.23
C PRO D 483 38.74 -23.69 4.60
N LYS D 484 39.24 -22.92 5.56
CA LYS D 484 39.47 -23.41 6.90
C LYS D 484 38.72 -22.58 7.95
N ALA D 485 37.84 -21.68 7.49
CA ALA D 485 37.04 -20.85 8.40
C ALA D 485 36.09 -21.72 9.22
N GLN D 486 36.02 -21.44 10.53
CA GLN D 486 35.22 -22.26 11.44
C GLN D 486 33.72 -22.27 11.11
N TYR D 487 33.22 -21.18 10.52
CA TYR D 487 31.82 -21.13 10.11
C TYR D 487 31.50 -22.12 8.99
N ASN D 488 32.54 -22.65 8.32
CA ASN D 488 32.32 -23.65 7.26
C ASN D 488 32.45 -25.09 7.78
N GLU D 489 32.70 -25.22 9.08
CA GLU D 489 32.81 -26.51 9.73
C GLU D 489 31.51 -26.84 10.45
N ILE D 490 31.26 -28.12 10.65
CA ILE D 490 30.03 -28.61 11.29
C ILE D 490 30.35 -29.59 12.41
N GLN D 491 29.44 -29.69 13.37
CA GLN D 491 29.51 -30.76 14.37
C GLN D 491 29.39 -32.11 13.66
N GLY D 492 30.26 -33.06 14.02
CA GLY D 492 30.27 -34.36 13.39
C GLY D 492 29.24 -35.31 13.98
N TRP D 493 28.30 -35.75 13.15
CA TRP D 493 27.26 -36.67 13.56
C TRP D 493 27.57 -38.12 13.20
N ASP D 494 26.94 -39.03 13.92
CA ASP D 494 26.94 -40.46 13.59
C ASP D 494 25.75 -40.68 12.64
N HIS D 495 25.99 -40.47 11.36
CA HIS D 495 24.91 -40.54 10.36
C HIS D 495 24.15 -41.83 10.35
N LEU D 496 24.85 -42.95 10.43
CA LEU D 496 24.18 -44.24 10.27
C LEU D 496 23.29 -44.60 11.46
N SER D 497 23.45 -43.89 12.58
CA SER D 497 22.55 -44.09 13.72
C SER D 497 21.24 -43.30 13.61
N LEU D 498 21.12 -42.44 12.60
CA LEU D 498 19.90 -41.61 12.47
C LEU D 498 18.63 -42.46 12.30
N LEU D 499 18.68 -43.42 11.38
CA LEU D 499 17.52 -44.28 11.16
C LEU D 499 17.02 -44.98 12.45
N PRO D 500 17.87 -45.75 13.14
CA PRO D 500 17.39 -46.34 14.40
C PRO D 500 17.00 -45.30 15.46
N THR D 501 17.70 -44.17 15.53
CA THR D 501 17.33 -43.12 16.49
C THR D 501 15.91 -42.62 16.27
N PHE D 502 15.50 -42.53 15.01
CA PHE D 502 14.13 -42.12 14.69
C PHE D 502 13.14 -43.28 14.67
N GLY D 503 13.56 -44.43 15.17
CA GLY D 503 12.64 -45.57 15.36
C GLY D 503 12.50 -46.51 14.20
N ALA D 504 13.41 -46.44 13.22
CA ALA D 504 13.39 -47.41 12.13
C ALA D 504 13.66 -48.82 12.63
N LYS D 505 12.93 -49.76 12.05
CA LYS D 505 13.04 -51.18 12.37
C LYS D 505 13.47 -52.01 11.16
N ASP D 506 12.95 -51.65 9.98
CA ASP D 506 13.29 -52.32 8.73
C ASP D 506 14.04 -51.33 7.87
N TYR D 507 15.36 -51.51 7.79
CA TYR D 507 16.23 -50.56 7.11
C TYR D 507 17.59 -51.19 6.87
N GLU D 508 18.39 -50.53 6.03
CA GLU D 508 19.82 -50.85 5.94
C GLU D 508 20.65 -49.60 6.06
N THR D 509 21.84 -49.76 6.62
CA THR D 509 22.84 -48.72 6.63
C THR D 509 24.14 -49.26 6.06
N HIS D 510 24.81 -48.42 5.28
CA HIS D 510 26.04 -48.81 4.59
C HIS D 510 26.98 -47.65 4.63
N ARG D 511 28.28 -47.96 4.66
CA ARG D 511 29.31 -46.95 4.51
C ARG D 511 30.19 -47.36 3.33
N VAL D 512 30.55 -46.40 2.49
CA VAL D 512 31.41 -46.67 1.34
C VAL D 512 32.53 -45.64 1.28
N ALA D 513 33.76 -46.13 1.08
CA ALA D 513 34.96 -45.30 1.12
C ALA D 513 35.85 -45.52 -0.10
N THR D 514 35.60 -46.61 -0.81
CA THR D 514 36.42 -46.97 -1.97
C THR D 514 35.55 -47.24 -3.18
N THR D 515 36.21 -47.25 -4.35
CA THR D 515 35.58 -47.59 -5.60
C THR D 515 35.07 -49.02 -5.56
N GLY D 516 35.84 -49.90 -4.97
CA GLY D 516 35.38 -51.27 -4.79
C GLY D 516 34.10 -51.42 -3.97
N GLU D 517 34.05 -50.71 -2.84
CA GLU D 517 32.87 -50.74 -1.98
C GLU D 517 31.65 -50.13 -2.70
N TRP D 518 31.88 -49.04 -3.41
CA TRP D 518 30.83 -48.40 -4.20
C TRP D 518 30.25 -49.40 -5.22
N ASP D 519 31.11 -50.04 -6.00
CA ASP D 519 30.62 -50.97 -7.03
C ASP D 519 29.94 -52.19 -6.42
N LYS D 520 30.53 -52.76 -5.37
CA LYS D 520 29.97 -53.94 -4.74
C LYS D 520 28.55 -53.70 -4.23
N LEU D 521 28.35 -52.54 -3.61
CA LEU D 521 27.03 -52.21 -3.04
C LEU D 521 26.01 -51.89 -4.12
N THR D 522 26.38 -50.96 -5.01
CA THR D 522 25.43 -50.42 -5.98
C THR D 522 25.12 -51.37 -7.14
N GLN D 523 25.96 -52.39 -7.33
CA GLN D 523 25.70 -53.44 -8.32
C GLN D 523 24.92 -54.63 -7.75
N ASP D 524 24.81 -54.70 -6.42
CA ASP D 524 24.14 -55.81 -5.76
C ASP D 524 22.65 -55.84 -6.12
N LYS D 525 22.16 -57.00 -6.54
CA LYS D 525 20.77 -57.11 -6.96
C LYS D 525 19.76 -56.76 -5.84
N SER D 526 20.01 -57.23 -4.62
CA SER D 526 19.08 -56.93 -3.52
C SER D 526 19.07 -55.43 -3.20
N PHE D 527 20.25 -54.82 -3.24
CA PHE D 527 20.37 -53.37 -2.98
C PHE D 527 19.55 -52.57 -3.98
N ASN D 528 19.48 -53.05 -5.23
CA ASN D 528 18.74 -52.36 -6.28
C ASN D 528 17.22 -52.47 -6.19
N ASP D 529 16.72 -53.32 -5.31
CA ASP D 529 15.29 -53.41 -5.06
C ASP D 529 14.96 -52.43 -3.94
N ASN D 530 13.95 -51.59 -4.15
CA ASN D 530 13.50 -50.61 -3.14
C ASN D 530 12.61 -51.26 -2.06
N SER D 531 13.18 -52.23 -1.34
CA SER D 531 12.44 -53.03 -0.37
C SER D 531 12.41 -52.44 1.03
N LYS D 532 13.33 -51.52 1.31
CA LYS D 532 13.40 -50.86 2.61
C LYS D 532 14.17 -49.55 2.47
N ILE D 533 13.99 -48.65 3.44
CA ILE D 533 14.72 -47.41 3.47
C ILE D 533 16.21 -47.70 3.74
N ARG D 534 17.10 -46.95 3.11
CA ARG D 534 18.53 -47.18 3.26
C ARG D 534 19.25 -45.86 3.41
N MET D 535 20.27 -45.84 4.25
CA MET D 535 21.21 -44.73 4.28
C MET D 535 22.60 -45.24 3.92
N ILE D 536 23.26 -44.50 3.02
CA ILE D 536 24.58 -44.84 2.56
C ILE D 536 25.46 -43.64 2.86
N GLU D 537 26.39 -43.81 3.81
CA GLU D 537 27.32 -42.72 4.09
C GLU D 537 28.52 -42.83 3.16
N VAL D 538 28.72 -41.79 2.35
CA VAL D 538 29.81 -41.77 1.36
C VAL D 538 30.95 -40.92 1.91
N MET D 539 32.11 -41.55 2.08
CA MET D 539 33.27 -40.85 2.62
C MET D 539 34.11 -40.21 1.51
N LEU D 540 34.17 -38.88 1.52
CA LEU D 540 34.82 -38.11 0.47
C LEU D 540 35.83 -37.10 1.05
N PRO D 541 36.83 -36.71 0.25
CA PRO D 541 37.81 -35.73 0.77
C PRO D 541 37.19 -34.37 1.01
N VAL D 542 37.77 -33.63 1.96
CA VAL D 542 37.26 -32.32 2.35
C VAL D 542 37.18 -31.29 1.23
N PHE D 543 38.19 -31.23 0.37
CA PHE D 543 38.24 -30.18 -0.65
C PHE D 543 37.88 -30.66 -2.07
N ASP D 544 37.45 -31.90 -2.15
CA ASP D 544 37.11 -32.55 -3.40
C ASP D 544 35.76 -32.07 -3.90
N ALA D 545 35.70 -31.71 -5.18
CA ALA D 545 34.47 -31.18 -5.77
C ALA D 545 34.49 -31.34 -7.28
N PRO D 546 33.30 -31.42 -7.91
CA PRO D 546 33.29 -31.41 -9.37
C PRO D 546 33.89 -30.13 -9.94
N GLN D 547 34.55 -30.22 -11.10
CA GLN D 547 35.30 -29.09 -11.64
C GLN D 547 34.42 -27.86 -11.93
N ASN D 548 33.20 -28.09 -12.39
CA ASN D 548 32.26 -26.99 -12.64
C ASN D 548 31.95 -26.17 -11.39
N LEU D 549 31.92 -26.82 -10.23
CA LEU D 549 31.74 -26.10 -8.96
C LEU D 549 32.98 -25.29 -8.56
N VAL D 550 34.16 -25.87 -8.75
CA VAL D 550 35.40 -25.15 -8.50
C VAL D 550 35.39 -23.81 -9.25
N GLU D 551 35.00 -23.89 -10.53
CA GLU D 551 34.91 -22.72 -11.38
C GLU D 551 33.81 -21.76 -10.96
N GLN D 552 32.62 -22.28 -10.68
CA GLN D 552 31.48 -21.44 -10.28
C GLN D 552 31.76 -20.70 -8.96
N ALA D 553 32.40 -21.38 -8.01
CA ALA D 553 32.72 -20.79 -6.72
C ALA D 553 33.54 -19.51 -6.86
N LYS D 554 34.53 -19.54 -7.76
CA LYS D 554 35.38 -18.38 -8.03
C LYS D 554 34.56 -17.22 -8.61
N LEU D 555 33.65 -17.53 -9.53
CA LEU D 555 32.80 -16.52 -10.16
C LEU D 555 31.87 -15.85 -9.15
N THR D 556 31.28 -16.67 -8.29
CA THR D 556 30.36 -16.21 -7.25
C THR D 556 31.07 -15.31 -6.22
N ALA D 557 32.21 -15.77 -5.72
CA ALA D 557 33.03 -14.96 -4.80
C ALA D 557 33.37 -13.59 -5.40
N ALA D 558 33.76 -13.57 -6.67
CA ALA D 558 34.08 -12.32 -7.36
C ALA D 558 32.86 -11.42 -7.49
N THR D 559 31.70 -12.01 -7.80
CA THR D 559 30.45 -11.28 -7.92
C THR D 559 30.11 -10.55 -6.62
N ASN D 560 30.27 -11.24 -5.50
CA ASN D 560 29.88 -10.68 -4.21
C ASN D 560 30.83 -9.61 -3.69
N ALA D 561 32.11 -9.72 -4.05
CA ALA D 561 33.14 -8.82 -3.54
C ALA D 561 33.36 -7.58 -4.42
N LYS D 562 32.75 -7.58 -5.61
CA LYS D 562 32.95 -6.51 -6.58
C LYS D 562 32.38 -5.17 -6.10
N GLN D 563 33.18 -4.11 -6.24
CA GLN D 563 32.81 -2.77 -5.82
C GLN D 563 32.33 -1.91 -7.00
N1' TPP E . -18.36 17.76 -16.08
C2' TPP E . -17.11 17.90 -16.62
CM2 TPP E . -16.03 18.63 -15.90
N3' TPP E . -16.82 17.35 -17.85
C4' TPP E . -17.80 16.68 -18.53
N4' TPP E . -17.46 16.15 -19.70
C5' TPP E . -19.09 16.55 -18.02
C6' TPP E . -19.36 17.10 -16.77
C7' TPP E . -20.18 15.82 -18.78
N3 TPP E . -20.50 16.47 -20.06
C2 TPP E . -20.01 16.14 -21.31
S1 TPP E . -20.56 17.02 -22.57
C5 TPP E . -21.45 17.90 -21.54
C4 TPP E . -21.35 17.52 -20.19
CM4 TPP E . -22.09 18.16 -19.05
C6 TPP E . -22.33 19.02 -22.07
C7 TPP E . -21.67 20.12 -22.89
O7 TPP E . -22.67 21.07 -23.26
PA TPP E . -22.33 22.26 -24.25
O1A TPP E . -23.47 23.25 -24.22
O2A TPP E . -20.99 22.86 -23.89
O3A TPP E . -22.18 21.51 -25.67
PB TPP E . -23.27 21.28 -26.86
O1B TPP E . -22.75 22.10 -28.04
O2B TPP E . -23.28 19.81 -27.13
O3B TPP E . -24.63 21.79 -26.41
MG MG F . -24.96 23.69 -25.55
C 2OP G . 2.01 6.98 -27.59
O 2OP G . 2.67 6.83 -28.58
CB 2OP G . -0.35 6.65 -26.73
OHN 2OP G . 0.18 6.45 -29.07
CA 2OP G . 0.56 7.06 -27.87
OXT 2OP G . 2.47 7.18 -26.46
N1' TPP H . -6.22 29.63 -3.76
C2' TPP H . -7.22 29.06 -3.02
CM2 TPP H . -8.16 28.10 -3.63
N3' TPP H . -7.33 29.37 -1.70
C4' TPP H . -6.48 30.25 -1.08
N4' TPP H . -6.64 30.48 0.20
C5' TPP H . -5.47 30.86 -1.83
C6' TPP H . -5.34 30.52 -3.17
C7' TPP H . -4.53 31.84 -1.15
N3 TPP H . -5.23 33.04 -0.64
C2 TPP H . -5.67 33.30 0.66
S1 TPP H . -6.42 34.72 0.94
C5 TPP H . -6.22 35.07 -0.63
C4 TPP H . -5.56 34.12 -1.40
CM4 TPP H . -5.26 34.22 -2.87
C6 TPP H . -6.71 36.41 -1.15
C7 TPP H . -8.13 36.84 -0.81
O7 TPP H . -8.37 38.07 -1.47
PA TPP H . -9.78 38.82 -1.28
O1A TPP H . -9.84 39.97 -2.22
O2A TPP H . -10.88 37.82 -1.46
O3A TPP H . -9.78 39.26 0.26
PB TPP H . -9.31 40.63 0.95
O1B TPP H . -10.57 41.18 1.61
O2B TPP H . -8.28 40.23 1.98
O3B TPP H . -8.81 41.55 -0.15
MG MG I . -9.77 42.01 -1.92
C 2OP J . -13.74 17.15 17.49
O 2OP J . -14.30 17.12 18.55
CB 2OP J . -11.79 18.27 16.32
OHN 2OP J . -12.70 19.11 18.37
CA 2OP J . -13.02 18.44 17.20
OXT 2OP J . -13.79 16.23 16.73
N1' TPP K . 3.42 -25.78 15.12
C2' TPP K . 4.11 -24.80 15.80
CM2 TPP K . 5.38 -24.26 15.20
N3' TPP K . 3.69 -24.34 17.02
C4' TPP K . 2.52 -24.84 17.58
N4' TPP K . 2.13 -24.34 18.75
C5' TPP K . 1.79 -25.83 16.91
C6' TPP K . 2.25 -26.29 15.68
C7' TPP K . 0.53 -26.39 17.52
N3 TPP K . 0.78 -27.08 18.80
C2 TPP K . 0.66 -26.55 20.08
S1 TPP K . 0.98 -27.56 21.32
C5 TPP K . 1.32 -28.74 20.25
C4 TPP K . 1.17 -28.38 18.92
CM4 TPP K . 1.39 -29.31 17.75
C6 TPP K . 1.73 -30.12 20.77
C7 TPP K . 2.91 -30.19 21.72
O7 TPP K . 3.12 -31.57 22.00
PA TPP K . 4.23 -31.99 23.08
O1A TPP K . 4.41 -33.47 22.94
O2A TPP K . 5.46 -31.18 22.89
O3A TPP K . 3.57 -31.57 24.48
PB TPP K . 2.68 -32.41 25.53
O1B TPP K . 3.50 -32.43 26.80
O2B TPP K . 1.39 -31.63 25.71
O3B TPP K . 2.44 -33.80 24.96
MG MG L . 3.93 -35.08 24.21
C 2OP M . 4.33 -3.47 28.21
O 2OP M . 4.48 -2.89 29.24
CB 2OP M . 3.02 -5.38 27.08
OHN 2OP M . 2.74 -4.78 29.36
CA 2OP M . 3.65 -4.79 28.32
OXT 2OP M . 4.79 -3.11 27.13
N1' TPP N . 21.11 -21.57 4.64
C2' TPP N . 20.14 -22.03 3.78
CM2 TPP N . 18.76 -22.30 4.28
N3' TPP N . 20.42 -22.25 2.45
C4' TPP N . 21.69 -21.99 1.97
N4' TPP N . 21.93 -22.19 0.68
C5' TPP N . 22.71 -21.54 2.82
C6' TPP N . 22.40 -21.34 4.17
C7' TPP N . 24.12 -21.29 2.28
N3 TPP N . 24.78 -22.51 1.80
C2 TPP N . 24.86 -22.95 0.48
S1 TPP N . 25.67 -24.34 0.24
C5 TPP N . 25.96 -24.43 1.83
C4 TPP N . 25.44 -23.38 2.59
CM4 TPP N . 25.60 -23.24 4.08
C6 TPP N . 26.78 -25.59 2.35
C7 TPP N . 26.32 -26.99 1.98
O7 TPP N . 27.17 -27.93 2.61
PA TPP N . 27.04 -29.49 2.34
O1A TPP N . 27.85 -30.25 3.34
O2A TPP N . 25.56 -29.89 2.36
O3A TPP N . 27.55 -29.74 0.84
PB TPP N . 29.04 -30.05 0.25
O1B TPP N . 28.90 -31.40 -0.46
O2B TPP N . 29.35 -28.91 -0.64
O3B TPP N . 29.98 -30.24 1.42
MG MG O . 29.63 -31.31 3.13
C 2OP P . 8.55 -19.99 -17.94
O 2OP P . 7.68 -19.61 -17.18
CB 2OP P . 10.88 -20.28 -18.57
OHN 2OP P . 10.40 -19.20 -16.57
CA 2OP P . 9.93 -20.20 -17.41
OXT 2OP P . 8.31 -20.26 -19.08
#